data_9KV7
#
_entry.id   9KV7
#
_cell.length_a   1.00
_cell.length_b   1.00
_cell.length_c   1.00
_cell.angle_alpha   90.00
_cell.angle_beta   90.00
_cell.angle_gamma   90.00
#
_symmetry.space_group_name_H-M   'P 1'
#
_entity_poly.entity_id   1
_entity_poly.type   'polypeptide(L)'
_entity_poly.pdbx_seq_one_letter_code
;MGSSHHHHHHSSGLVPRGSHMLEVLFQGPVDTDEHLNPIRENLGRQWKNCARKLGFTESQIDEIDHDYERDGLKEKVYQM
LQKWLMREGTKGATVGKLAQALHQCCRIDLLNHLIRASQS
;
_entity_poly.pdbx_strand_id   A,G,H,I,J,K,B,C,D,E,F,L,P,R,V,X,M,Q,S,U,W,N,O
#
# COMPACT_ATOMS: atom_id res chain seq x y z
N THR A 32 -22.95 -4.87 -20.49
CA THR A 32 -23.66 -3.73 -19.89
C THR A 32 -23.55 -3.76 -18.38
N ASP A 33 -23.96 -2.65 -17.74
CA ASP A 33 -23.88 -2.56 -16.29
C ASP A 33 -24.85 -3.53 -15.62
N GLU A 34 -26.05 -3.68 -16.18
CA GLU A 34 -27.03 -4.59 -15.60
C GLU A 34 -26.64 -6.05 -15.83
N HIS A 35 -25.90 -6.32 -16.91
CA HIS A 35 -25.48 -7.70 -17.19
C HIS A 35 -24.27 -8.12 -16.37
N LEU A 36 -23.66 -7.19 -15.64
CA LEU A 36 -22.44 -7.48 -14.90
C LEU A 36 -22.50 -7.14 -13.43
N ASN A 37 -23.48 -6.34 -13.01
CA ASN A 37 -23.58 -6.00 -11.58
C ASN A 37 -23.80 -7.22 -10.70
N PRO A 38 -24.73 -8.14 -11.01
CA PRO A 38 -24.85 -9.33 -10.14
C PRO A 38 -23.58 -10.18 -10.06
N ILE A 39 -22.83 -10.27 -11.16
CA ILE A 39 -21.58 -11.03 -11.12
C ILE A 39 -20.57 -10.34 -10.23
N ARG A 40 -20.47 -9.01 -10.31
CA ARG A 40 -19.55 -8.28 -9.45
C ARG A 40 -19.95 -8.39 -7.99
N GLU A 41 -21.25 -8.33 -7.71
CA GLU A 41 -21.71 -8.29 -6.33
C GLU A 41 -21.73 -9.66 -5.67
N ASN A 42 -21.95 -10.73 -6.42
CA ASN A 42 -22.20 -12.04 -5.82
C ASN A 42 -21.19 -13.09 -6.24
N LEU A 43 -19.99 -12.71 -6.67
CA LEU A 43 -19.05 -13.73 -7.07
C LEU A 43 -18.25 -14.24 -5.86
N GLY A 44 -17.57 -13.34 -5.16
CA GLY A 44 -17.01 -13.67 -3.87
C GLY A 44 -15.66 -14.37 -3.85
N ARG A 45 -15.54 -15.36 -2.98
CA ARG A 45 -14.25 -15.96 -2.64
C ARG A 45 -13.65 -16.76 -3.80
N GLN A 46 -14.45 -17.13 -4.81
CA GLN A 46 -13.98 -17.93 -5.93
C GLN A 46 -13.46 -17.10 -7.09
N TRP A 47 -12.99 -15.88 -6.80
CA TRP A 47 -12.57 -15.00 -7.88
C TRP A 47 -11.31 -15.49 -8.56
N LYS A 48 -10.40 -16.13 -7.82
CA LYS A 48 -9.20 -16.67 -8.46
C LYS A 48 -9.54 -17.78 -9.44
N ASN A 49 -10.45 -18.69 -9.05
CA ASN A 49 -10.87 -19.74 -9.96
C ASN A 49 -11.58 -19.18 -11.18
N CYS A 50 -12.46 -18.20 -10.97
CA CYS A 50 -13.15 -17.59 -12.10
C CYS A 50 -12.16 -16.88 -13.03
N ALA A 51 -11.17 -16.21 -12.47
CA ALA A 51 -10.15 -15.54 -13.28
C ALA A 51 -9.35 -16.55 -14.08
N ARG A 52 -8.99 -17.68 -13.47
CA ARG A 52 -8.28 -18.72 -14.20
C ARG A 52 -9.12 -19.26 -15.34
N LYS A 53 -10.41 -19.46 -15.13
CA LYS A 53 -11.28 -19.91 -16.20
C LYS A 53 -11.53 -18.84 -17.25
N LEU A 54 -11.27 -17.57 -16.92
CA LEU A 54 -11.46 -16.47 -17.85
C LEU A 54 -10.21 -16.14 -18.65
N GLY A 55 -9.13 -16.88 -18.47
CA GLY A 55 -7.92 -16.68 -19.24
C GLY A 55 -6.86 -15.84 -18.58
N PHE A 56 -6.99 -15.53 -17.30
CA PHE A 56 -5.97 -14.75 -16.60
C PHE A 56 -4.77 -15.62 -16.30
N THR A 57 -3.57 -15.12 -16.58
CA THR A 57 -2.37 -15.81 -16.17
C THR A 57 -2.18 -15.66 -14.66
N GLU A 58 -1.28 -16.47 -14.11
CA GLU A 58 -1.05 -16.42 -12.68
C GLU A 58 -0.47 -15.08 -12.25
N SER A 59 0.36 -14.48 -13.10
CA SER A 59 0.91 -13.17 -12.77
C SER A 59 -0.18 -12.10 -12.69
N GLN A 60 -1.16 -12.15 -13.59
CA GLN A 60 -2.25 -11.18 -13.55
C GLN A 60 -3.09 -11.33 -12.29
N ILE A 61 -3.33 -12.58 -11.87
CA ILE A 61 -4.05 -12.81 -10.62
C ILE A 61 -3.23 -12.30 -9.44
N ASP A 62 -1.90 -12.47 -9.49
CA ASP A 62 -1.04 -11.93 -8.46
C ASP A 62 -1.12 -10.41 -8.40
N GLU A 63 -1.15 -9.76 -9.57
CA GLU A 63 -1.26 -8.30 -9.59
C GLU A 63 -2.59 -7.83 -9.04
N ILE A 64 -3.68 -8.51 -9.37
CA ILE A 64 -4.98 -8.13 -8.82
C ILE A 64 -5.00 -8.34 -7.31
N ASP A 65 -4.42 -9.45 -6.85
CA ASP A 65 -4.40 -9.75 -5.43
C ASP A 65 -3.54 -8.76 -4.66
N HIS A 66 -2.48 -8.27 -5.28
CA HIS A 66 -1.52 -7.41 -4.59
C HIS A 66 -1.95 -5.95 -4.61
N ASP A 67 -2.35 -5.45 -5.78
CA ASP A 67 -2.67 -4.04 -5.93
C ASP A 67 -3.86 -3.63 -5.07
N TYR A 68 -4.91 -4.45 -5.05
CA TYR A 68 -6.15 -4.10 -4.39
C TYR A 68 -6.33 -4.84 -3.07
N GLU A 69 -5.24 -5.19 -2.40
CA GLU A 69 -5.33 -5.74 -1.06
C GLU A 69 -5.84 -4.72 -0.07
N ARG A 70 -5.51 -3.44 -0.29
CA ARG A 70 -5.92 -2.38 0.60
C ARG A 70 -7.40 -2.02 0.49
N ASP A 71 -8.07 -2.45 -0.57
CA ASP A 71 -9.48 -2.12 -0.76
C ASP A 71 -10.43 -3.26 -0.46
N GLY A 72 -9.96 -4.50 -0.55
CA GLY A 72 -10.74 -5.64 -0.10
C GLY A 72 -11.05 -6.61 -1.22
N LEU A 73 -11.93 -7.56 -0.91
CA LEU A 73 -12.29 -8.60 -1.86
C LEU A 73 -13.23 -8.07 -2.93
N LYS A 74 -14.13 -7.14 -2.56
CA LYS A 74 -15.04 -6.58 -3.54
C LYS A 74 -14.29 -5.86 -4.65
N GLU A 75 -13.25 -5.12 -4.28
CA GLU A 75 -12.44 -4.44 -5.27
C GLU A 75 -11.68 -5.44 -6.15
N LYS A 76 -11.19 -6.53 -5.57
CA LYS A 76 -10.50 -7.53 -6.36
C LYS A 76 -11.42 -8.16 -7.39
N VAL A 77 -12.65 -8.49 -6.99
CA VAL A 77 -13.61 -9.07 -7.92
C VAL A 77 -13.98 -8.06 -9.00
N TYR A 78 -14.24 -6.82 -8.61
CA TYR A 78 -14.59 -5.80 -9.59
C TYR A 78 -13.47 -5.60 -10.60
N GLN A 79 -12.22 -5.55 -10.13
CA GLN A 79 -11.11 -5.31 -11.03
C GLN A 79 -10.83 -6.54 -11.90
N MET A 80 -11.08 -7.74 -11.39
CA MET A 80 -10.96 -8.92 -12.24
C MET A 80 -11.94 -8.86 -13.41
N LEU A 81 -13.21 -8.57 -13.12
CA LEU A 81 -14.18 -8.45 -14.21
C LEU A 81 -13.82 -7.30 -15.14
N GLN A 82 -13.40 -6.16 -14.59
CA GLN A 82 -13.07 -5.01 -15.41
C GLN A 82 -11.89 -5.30 -16.33
N LYS A 83 -10.86 -5.95 -15.81
CA LYS A 83 -9.70 -6.26 -16.63
C LYS A 83 -10.03 -7.32 -17.68
N TRP A 84 -10.94 -8.23 -17.37
CA TRP A 84 -11.42 -9.13 -18.42
C TRP A 84 -12.10 -8.34 -19.54
N LEU A 85 -12.92 -7.36 -19.17
CA LEU A 85 -13.60 -6.54 -20.18
C LEU A 85 -12.59 -5.77 -21.02
N MET A 86 -11.59 -5.15 -20.39
CA MET A 86 -10.58 -4.43 -21.15
C MET A 86 -9.80 -5.36 -22.07
N ARG A 87 -9.43 -6.54 -21.58
CA ARG A 87 -8.67 -7.47 -22.41
C ARG A 87 -9.48 -7.94 -23.61
N GLU A 88 -10.77 -8.22 -23.41
CA GLU A 88 -11.57 -8.78 -24.49
C GLU A 88 -12.22 -7.74 -25.39
N GLY A 89 -12.22 -6.47 -25.00
CA GLY A 89 -12.87 -5.50 -25.86
C GLY A 89 -14.38 -5.73 -25.90
N THR A 90 -14.98 -5.30 -27.00
CA THR A 90 -16.39 -5.57 -27.21
C THR A 90 -16.60 -6.84 -28.05
N LYS A 91 -15.57 -7.26 -28.78
CA LYS A 91 -15.70 -8.48 -29.59
C LYS A 91 -15.60 -9.73 -28.73
N GLY A 92 -14.86 -9.70 -27.64
CA GLY A 92 -14.67 -10.87 -26.81
C GLY A 92 -15.55 -10.89 -25.57
N ALA A 93 -15.91 -9.71 -25.06
CA ALA A 93 -16.77 -9.64 -23.88
C ALA A 93 -18.21 -9.99 -24.29
N THR A 94 -18.38 -11.25 -24.66
CA THR A 94 -19.67 -11.77 -25.07
C THR A 94 -20.30 -12.57 -23.93
N VAL A 95 -21.62 -12.72 -23.99
CA VAL A 95 -22.33 -13.52 -23.00
C VAL A 95 -21.92 -14.98 -23.10
N GLY A 96 -21.65 -15.48 -24.30
CA GLY A 96 -21.32 -16.88 -24.46
C GLY A 96 -20.04 -17.27 -23.74
N LYS A 97 -18.99 -16.46 -23.90
CA LYS A 97 -17.72 -16.80 -23.26
C LYS A 97 -17.80 -16.64 -21.75
N LEU A 98 -18.50 -15.62 -21.27
CA LEU A 98 -18.70 -15.49 -19.82
C LEU A 98 -19.49 -16.65 -19.27
N ALA A 99 -20.52 -17.10 -19.99
CA ALA A 99 -21.31 -18.24 -19.55
C ALA A 99 -20.45 -19.50 -19.50
N GLN A 100 -19.62 -19.72 -20.52
CA GLN A 100 -18.73 -20.88 -20.52
C GLN A 100 -17.75 -20.82 -19.35
N ALA A 101 -17.16 -19.65 -19.11
CA ALA A 101 -16.21 -19.50 -18.02
C ALA A 101 -16.85 -19.74 -16.67
N LEU A 102 -18.07 -19.23 -16.48
CA LEU A 102 -18.78 -19.48 -15.24
C LEU A 102 -19.19 -20.93 -15.09
N HIS A 103 -19.53 -21.59 -16.19
CA HIS A 103 -19.88 -23.00 -16.12
C HIS A 103 -18.68 -23.84 -15.70
N GLN A 104 -17.51 -23.57 -16.27
CA GLN A 104 -16.31 -24.29 -15.84
C GLN A 104 -15.94 -23.95 -14.40
N CYS A 105 -16.12 -22.69 -14.00
CA CYS A 105 -15.87 -22.25 -12.63
C CYS A 105 -16.88 -22.81 -11.64
N CYS A 106 -17.98 -23.41 -12.13
CA CYS A 106 -19.11 -23.93 -11.35
C CYS A 106 -19.95 -22.82 -10.73
N ARG A 107 -19.68 -21.57 -11.05
CA ARG A 107 -20.52 -20.46 -10.59
C ARG A 107 -21.56 -20.07 -11.63
N ILE A 108 -22.31 -21.05 -12.13
CA ILE A 108 -23.32 -20.76 -13.15
C ILE A 108 -24.56 -20.09 -12.56
N ASP A 109 -24.67 -20.06 -11.22
CA ASP A 109 -25.84 -19.42 -10.61
C ASP A 109 -25.90 -17.94 -10.97
N LEU A 110 -24.74 -17.28 -11.01
CA LEU A 110 -24.67 -15.85 -11.27
C LEU A 110 -25.39 -15.49 -12.58
N LEU A 111 -24.84 -15.97 -13.69
CA LEU A 111 -25.37 -15.60 -14.98
C LEU A 111 -26.71 -16.28 -15.25
N ASN A 112 -26.87 -17.52 -14.77
CA ASN A 112 -28.12 -18.22 -14.97
C ASN A 112 -29.29 -17.48 -14.34
N HIS A 113 -29.11 -17.00 -13.11
CA HIS A 113 -30.16 -16.21 -12.47
C HIS A 113 -30.33 -14.87 -13.17
N LEU A 114 -29.22 -14.15 -13.38
CA LEU A 114 -29.32 -12.78 -13.89
C LEU A 114 -30.02 -12.73 -15.23
N ILE A 115 -29.58 -13.55 -16.19
CA ILE A 115 -30.08 -13.41 -17.56
C ILE A 115 -31.42 -14.09 -17.72
N ARG A 116 -31.53 -15.35 -17.30
CA ARG A 116 -32.76 -16.10 -17.53
C ARG A 116 -33.88 -15.71 -16.57
N ALA A 117 -33.57 -15.42 -15.30
CA ALA A 117 -34.63 -15.06 -14.36
C ALA A 117 -35.20 -13.68 -14.65
N SER A 118 -34.34 -12.73 -15.03
CA SER A 118 -34.79 -11.37 -15.32
C SER A 118 -35.09 -11.20 -16.80
N THR B 32 0.90 -29.26 -20.31
CA THR B 32 -0.20 -28.52 -20.93
C THR B 32 -1.36 -28.38 -19.96
N ASP B 33 -2.32 -27.52 -20.32
CA ASP B 33 -3.48 -27.30 -19.46
C ASP B 33 -4.35 -28.55 -19.38
N GLU B 34 -4.53 -29.26 -20.48
CA GLU B 34 -5.34 -30.46 -20.47
C GLU B 34 -4.65 -31.61 -19.75
N HIS B 35 -3.31 -31.61 -19.73
CA HIS B 35 -2.57 -32.66 -19.06
C HIS B 35 -2.48 -32.43 -17.55
N LEU B 36 -2.94 -31.29 -17.06
CA LEU B 36 -2.79 -30.94 -15.66
C LEU B 36 -4.10 -30.55 -14.98
N ASN B 37 -5.14 -30.24 -15.75
CA ASN B 37 -6.42 -29.88 -15.13
C ASN B 37 -7.00 -30.99 -14.28
N PRO B 38 -7.07 -32.25 -14.74
CA PRO B 38 -7.60 -33.30 -13.84
C PRO B 38 -6.79 -33.48 -12.57
N ILE B 39 -5.47 -33.32 -12.63
CA ILE B 39 -4.66 -33.44 -11.43
C ILE B 39 -4.97 -32.29 -10.46
N ARG B 40 -5.13 -31.08 -10.98
CA ARG B 40 -5.47 -29.95 -10.12
C ARG B 40 -6.84 -30.12 -9.51
N GLU B 41 -7.80 -30.62 -10.29
CA GLU B 41 -9.18 -30.68 -9.84
C GLU B 41 -9.44 -31.86 -8.91
N ASN B 42 -8.73 -32.98 -9.07
CA ASN B 42 -9.08 -34.21 -8.37
C ASN B 42 -7.97 -34.73 -7.47
N LEU B 43 -7.04 -33.87 -7.03
CA LEU B 43 -5.99 -34.40 -6.18
C LEU B 43 -6.42 -34.40 -4.71
N GLY B 44 -6.80 -33.24 -4.19
CA GLY B 44 -7.48 -33.19 -2.91
C GLY B 44 -6.61 -33.22 -1.67
N ARG B 45 -7.05 -33.98 -0.67
CA ARG B 45 -6.49 -33.91 0.68
C ARG B 45 -5.06 -34.45 0.75
N GLN B 46 -4.60 -35.20 -0.25
CA GLN B 46 -3.27 -35.79 -0.25
C GLN B 46 -2.23 -34.90 -0.88
N TRP B 47 -2.45 -33.58 -0.88
CA TRP B 47 -1.52 -32.69 -1.57
C TRP B 47 -0.18 -32.61 -0.87
N LYS B 48 -0.15 -32.73 0.45
CA LYS B 48 1.13 -32.72 1.15
C LYS B 48 1.97 -33.95 0.78
N ASN B 49 1.35 -35.12 0.74
CA ASN B 49 2.07 -36.32 0.34
C ASN B 49 2.56 -36.22 -1.10
N CYS B 50 1.71 -35.72 -2.00
CA CYS B 50 2.12 -35.57 -3.39
C CYS B 50 3.26 -34.58 -3.51
N ALA B 51 3.21 -33.49 -2.74
CA ALA B 51 4.29 -32.51 -2.78
C ALA B 51 5.59 -33.10 -2.27
N ARG B 52 5.52 -33.91 -1.21
CA ARG B 52 6.72 -34.57 -0.71
C ARG B 52 7.31 -35.52 -1.74
N LYS B 53 6.45 -36.25 -2.46
CA LYS B 53 6.94 -37.13 -3.51
C LYS B 53 7.44 -36.35 -4.72
N LEU B 54 7.05 -35.09 -4.87
CA LEU B 54 7.47 -34.26 -5.98
C LEU B 54 8.73 -33.47 -5.70
N GLY B 55 9.33 -33.63 -4.53
CA GLY B 55 10.58 -32.98 -4.20
C GLY B 55 10.46 -31.69 -3.40
N PHE B 56 9.28 -31.38 -2.88
CA PHE B 56 9.11 -30.18 -2.07
C PHE B 56 9.71 -30.40 -0.69
N THR B 57 10.49 -29.43 -0.22
CA THR B 57 10.96 -29.47 1.15
C THR B 57 9.81 -29.15 2.10
N GLU B 58 10.02 -29.42 3.39
CA GLU B 58 8.97 -29.17 4.37
C GLU B 58 8.67 -27.69 4.48
N SER B 59 9.69 -26.84 4.32
CA SER B 59 9.45 -25.40 4.37
C SER B 59 8.57 -24.94 3.22
N GLN B 60 8.77 -25.49 2.03
CA GLN B 60 7.94 -25.10 0.89
C GLN B 60 6.49 -25.53 1.10
N ILE B 61 6.27 -26.71 1.66
CA ILE B 61 4.92 -27.14 1.98
C ILE B 61 4.31 -26.22 3.04
N ASP B 62 5.11 -25.79 4.01
CA ASP B 62 4.63 -24.84 5.00
C ASP B 62 4.23 -23.53 4.36
N GLU B 63 5.02 -23.04 3.41
CA GLU B 63 4.68 -21.80 2.73
C GLU B 63 3.40 -21.93 1.92
N ILE B 64 3.22 -23.04 1.23
CA ILE B 64 1.98 -23.24 0.47
C ILE B 64 0.79 -23.33 1.43
N ASP B 65 0.96 -24.03 2.55
CA ASP B 65 -0.12 -24.18 3.51
C ASP B 65 -0.47 -22.85 4.16
N HIS B 66 0.51 -21.98 4.36
CA HIS B 66 0.30 -20.74 5.09
C HIS B 66 -0.21 -19.63 4.19
N ASP B 67 0.40 -19.46 3.01
CA ASP B 67 0.06 -18.35 2.14
C ASP B 67 -1.37 -18.45 1.63
N TYR B 68 -1.79 -19.66 1.23
CA TYR B 68 -3.09 -19.85 0.59
C TYR B 68 -4.11 -20.49 1.52
N GLU B 69 -3.97 -20.26 2.83
CA GLU B 69 -4.98 -20.69 3.78
C GLU B 69 -6.29 -19.93 3.57
N ARG B 70 -6.19 -18.67 3.16
CA ARG B 70 -7.36 -17.82 2.97
C ARG B 70 -8.14 -18.18 1.72
N ASP B 71 -7.57 -18.95 0.79
CA ASP B 71 -8.26 -19.30 -0.45
C ASP B 71 -8.78 -20.72 -0.48
N GLY B 72 -8.20 -21.62 0.29
CA GLY B 72 -8.76 -22.95 0.46
C GLY B 72 -7.82 -24.03 0.00
N LEU B 73 -8.37 -25.26 -0.07
CA LEU B 73 -7.57 -26.42 -0.46
C LEU B 73 -7.33 -26.44 -1.96
N LYS B 74 -8.30 -26.00 -2.74
CA LYS B 74 -8.14 -25.98 -4.19
C LYS B 74 -6.98 -25.08 -4.59
N GLU B 75 -6.86 -23.93 -3.95
CA GLU B 75 -5.73 -23.03 -4.22
C GLU B 75 -4.42 -23.65 -3.80
N LYS B 76 -4.40 -24.35 -2.66
CA LYS B 76 -3.16 -25.00 -2.24
C LYS B 76 -2.70 -26.06 -3.24
N VAL B 77 -3.63 -26.86 -3.73
CA VAL B 77 -3.28 -27.87 -4.72
C VAL B 77 -2.82 -27.22 -6.01
N TYR B 78 -3.53 -26.21 -6.47
CA TYR B 78 -3.14 -25.52 -7.70
C TYR B 78 -1.75 -24.92 -7.57
N GLN B 79 -1.46 -24.28 -6.45
CA GLN B 79 -0.17 -23.65 -6.27
C GLN B 79 0.94 -24.67 -6.09
N MET B 80 0.64 -25.83 -5.49
CA MET B 80 1.64 -26.88 -5.41
C MET B 80 2.04 -27.36 -6.81
N LEU B 81 1.04 -27.65 -7.66
CA LEU B 81 1.36 -28.05 -9.03
C LEU B 81 2.09 -26.94 -9.78
N GLN B 82 1.63 -25.70 -9.62
CA GLN B 82 2.24 -24.58 -10.34
C GLN B 82 3.69 -24.38 -9.91
N LYS B 83 3.97 -24.46 -8.62
CA LYS B 83 5.34 -24.29 -8.15
C LYS B 83 6.22 -25.45 -8.57
N TRP B 84 5.66 -26.65 -8.66
CA TRP B 84 6.43 -27.75 -9.25
C TRP B 84 6.80 -27.43 -10.70
N LEU B 85 5.85 -26.89 -11.46
CA LEU B 85 6.14 -26.54 -12.84
C LEU B 85 7.21 -25.46 -12.94
N MET B 86 7.12 -24.42 -12.11
CA MET B 86 8.15 -23.38 -12.14
C MET B 86 9.50 -23.94 -11.75
N ARG B 87 9.55 -24.79 -10.73
CA ARG B 87 10.83 -25.34 -10.29
C ARG B 87 11.46 -26.21 -11.37
N GLU B 88 10.66 -27.02 -12.06
CA GLU B 88 11.20 -27.96 -13.03
C GLU B 88 11.36 -27.39 -14.42
N GLY B 89 10.78 -26.22 -14.71
CA GLY B 89 10.92 -25.72 -16.06
C GLY B 89 10.17 -26.60 -17.05
N THR B 90 10.64 -26.57 -18.30
CA THR B 90 10.10 -27.46 -19.31
C THR B 90 10.92 -28.74 -19.43
N LYS B 91 12.17 -28.72 -18.96
CA LYS B 91 13.01 -29.92 -19.02
C LYS B 91 12.62 -30.93 -17.95
N GLY B 92 12.13 -30.47 -16.80
CA GLY B 92 11.80 -31.38 -15.72
C GLY B 92 10.34 -31.70 -15.61
N ALA B 93 9.47 -30.78 -16.04
CA ALA B 93 8.03 -31.00 -16.00
C ALA B 93 7.65 -31.98 -17.11
N THR B 94 8.11 -33.22 -16.93
CA THR B 94 7.84 -34.29 -17.88
C THR B 94 6.75 -35.19 -17.33
N VAL B 95 6.10 -35.93 -18.25
CA VAL B 95 5.07 -36.88 -17.85
C VAL B 95 5.68 -38.01 -17.02
N GLY B 96 6.90 -38.42 -17.34
CA GLY B 96 7.50 -39.54 -16.62
C GLY B 96 7.70 -39.26 -15.14
N LYS B 97 8.24 -38.08 -14.82
CA LYS B 97 8.49 -37.76 -13.42
C LYS B 97 7.19 -37.55 -12.66
N LEU B 98 6.20 -36.92 -13.29
CA LEU B 98 4.90 -36.77 -12.64
C LEU B 98 4.25 -38.13 -12.40
N ALA B 99 4.36 -39.04 -13.37
CA ALA B 99 3.81 -40.38 -13.21
C ALA B 99 4.50 -41.11 -12.07
N GLN B 100 5.83 -41.01 -11.98
CA GLN B 100 6.55 -41.65 -10.88
C GLN B 100 6.13 -41.07 -9.54
N ALA B 101 6.02 -39.74 -9.46
CA ALA B 101 5.64 -39.10 -8.21
C ALA B 101 4.23 -39.50 -7.79
N LEU B 102 3.30 -39.58 -8.74
CA LEU B 102 1.95 -40.02 -8.42
C LEU B 102 1.92 -41.49 -8.04
N HIS B 103 2.76 -42.31 -8.65
CA HIS B 103 2.79 -43.72 -8.29
C HIS B 103 3.29 -43.90 -6.85
N GLN B 104 4.34 -43.17 -6.47
CA GLN B 104 4.79 -43.26 -5.08
C GLN B 104 3.76 -42.67 -4.12
N CYS B 105 3.08 -41.60 -4.53
CA CYS B 105 2.01 -41.00 -3.73
C CYS B 105 0.77 -41.88 -3.65
N CYS B 106 0.69 -42.93 -4.46
CA CYS B 106 -0.44 -43.84 -4.60
C CYS B 106 -1.64 -43.19 -5.28
N ARG B 107 -1.49 -41.96 -5.78
CA ARG B 107 -2.55 -41.32 -6.55
C ARG B 107 -2.37 -41.52 -8.05
N ILE B 108 -2.17 -42.77 -8.47
CA ILE B 108 -1.97 -43.03 -9.89
C ILE B 108 -3.26 -42.95 -10.69
N ASP B 109 -4.40 -42.87 -10.02
CA ASP B 109 -5.67 -42.77 -10.75
C ASP B 109 -5.72 -41.51 -11.59
N LEU B 110 -5.19 -40.41 -11.06
CA LEU B 110 -5.23 -39.12 -11.75
C LEU B 110 -4.64 -39.22 -13.15
N LEU B 111 -3.34 -39.49 -13.21
CA LEU B 111 -2.67 -39.49 -14.50
C LEU B 111 -3.05 -40.71 -15.32
N ASN B 112 -3.26 -41.86 -14.66
CA ASN B 112 -3.64 -43.06 -15.37
C ASN B 112 -4.95 -42.87 -16.12
N HIS B 113 -5.95 -42.27 -15.48
CA HIS B 113 -7.20 -41.99 -16.17
C HIS B 113 -7.00 -40.92 -17.23
N LEU B 114 -6.38 -39.80 -16.86
CA LEU B 114 -6.30 -38.66 -17.78
C LEU B 114 -5.60 -39.04 -19.08
N ILE B 115 -4.42 -39.64 -19.00
CA ILE B 115 -3.61 -39.84 -20.20
C ILE B 115 -4.07 -41.07 -20.97
N ARG B 116 -4.21 -42.20 -20.29
CA ARG B 116 -4.55 -43.43 -20.99
C ARG B 116 -6.02 -43.51 -21.39
N ALA B 117 -6.94 -43.02 -20.55
CA ALA B 117 -8.35 -43.12 -20.90
C ALA B 117 -8.72 -42.16 -22.03
N SER B 118 -8.14 -40.96 -22.03
CA SER B 118 -8.43 -39.97 -23.05
C SER B 118 -7.42 -40.05 -24.20
N THR C 32 -27.31 2.52 19.71
CA THR C 32 -26.36 3.25 20.55
C THR C 32 -25.17 2.38 20.89
N ASP C 33 -24.12 2.99 21.45
CA ASP C 33 -22.91 2.25 21.80
C ASP C 33 -23.18 1.26 22.92
N GLU C 34 -23.98 1.66 23.92
CA GLU C 34 -24.28 0.75 25.02
C GLU C 34 -25.22 -0.37 24.59
N HIS C 35 -26.05 -0.14 23.57
CA HIS C 35 -26.96 -1.17 23.10
C HIS C 35 -26.28 -2.17 22.17
N LEU C 36 -25.03 -1.92 21.80
CA LEU C 36 -24.33 -2.77 20.84
C LEU C 36 -23.00 -3.29 21.33
N ASN C 37 -22.44 -2.71 22.38
CA ASN C 37 -21.15 -3.20 22.88
C ASN C 37 -21.22 -4.65 23.36
N PRO C 38 -22.20 -5.07 24.15
CA PRO C 38 -22.24 -6.50 24.53
C PRO C 38 -22.38 -7.44 23.35
N ILE C 39 -23.10 -7.04 22.31
CA ILE C 39 -23.23 -7.90 21.13
C ILE C 39 -21.89 -8.00 20.41
N ARG C 40 -21.17 -6.89 20.29
CA ARG C 40 -19.86 -6.92 19.65
C ARG C 40 -18.87 -7.75 20.46
N GLU C 41 -18.92 -7.64 21.78
CA GLU C 41 -17.93 -8.29 22.63
C GLU C 41 -18.20 -9.76 22.83
N ASN C 42 -19.46 -10.19 22.83
CA ASN C 42 -19.81 -11.55 23.25
C ASN C 42 -20.50 -12.36 22.16
N LEU C 43 -20.33 -12.00 20.89
CA LEU C 43 -21.02 -12.78 19.87
C LEU C 43 -20.18 -13.98 19.45
N GLY C 44 -18.95 -13.75 19.00
CA GLY C 44 -18.00 -14.83 18.84
C GLY C 44 -18.08 -15.63 17.57
N ARG C 45 -17.94 -16.95 17.71
CA ARG C 45 -17.72 -17.85 16.57
C ARG C 45 -18.94 -17.96 15.66
N GLN C 46 -20.13 -17.57 16.14
CA GLN C 46 -21.36 -17.69 15.37
C GLN C 46 -21.66 -16.45 14.53
N TRP C 47 -20.63 -15.70 14.15
CA TRP C 47 -20.87 -14.45 13.44
C TRP C 47 -21.39 -14.69 12.04
N LYS C 48 -20.97 -15.78 11.39
CA LYS C 48 -21.49 -16.07 10.05
C LYS C 48 -22.98 -16.38 10.10
N ASN C 49 -23.41 -17.18 11.08
CA ASN C 49 -24.84 -17.47 11.22
C ASN C 49 -25.62 -16.21 11.55
N CYS C 50 -25.10 -15.37 12.45
CA CYS C 50 -25.79 -14.13 12.78
C CYS C 50 -25.88 -13.22 11.57
N ALA C 51 -24.82 -13.15 10.77
CA ALA C 51 -24.84 -12.33 9.57
C ALA C 51 -25.86 -12.84 8.57
N ARG C 52 -25.95 -14.16 8.42
CA ARG C 52 -26.95 -14.72 7.52
C ARG C 52 -28.36 -14.41 7.98
N LYS C 53 -28.59 -14.46 9.30
CA LYS C 53 -29.91 -14.09 9.82
C LYS C 53 -30.16 -12.60 9.74
N LEU C 54 -29.11 -11.78 9.59
CA LEU C 54 -29.25 -10.34 9.50
C LEU C 54 -29.39 -9.83 8.08
N GLY C 55 -29.43 -10.73 7.09
CA GLY C 55 -29.63 -10.35 5.72
C GLY C 55 -28.38 -10.20 4.88
N PHE C 56 -27.23 -10.64 5.37
CA PHE C 56 -25.99 -10.55 4.60
C PHE C 56 -25.98 -11.64 3.54
N THR C 57 -25.63 -11.27 2.31
CA THR C 57 -25.42 -12.26 1.28
C THR C 57 -24.12 -13.00 1.53
N GLU C 58 -23.95 -14.12 0.83
CA GLU C 58 -22.74 -14.91 1.03
C GLU C 58 -21.49 -14.16 0.59
N SER C 59 -21.61 -13.33 -0.44
CA SER C 59 -20.47 -12.54 -0.88
C SER C 59 -20.05 -11.53 0.19
N GLN C 60 -21.02 -10.91 0.86
CA GLN C 60 -20.68 -9.95 1.91
C GLN C 60 -19.98 -10.63 3.07
N ILE C 61 -20.42 -11.82 3.44
CA ILE C 61 -19.75 -12.60 4.48
C ILE C 61 -18.34 -12.96 4.04
N ASP C 62 -18.18 -13.30 2.75
CA ASP C 62 -16.84 -13.57 2.23
C ASP C 62 -15.95 -12.35 2.32
N GLU C 63 -16.48 -11.17 2.00
CA GLU C 63 -15.68 -9.96 2.10
C GLU C 63 -15.28 -9.65 3.54
N ILE C 64 -16.21 -9.83 4.48
CA ILE C 64 -15.86 -9.60 5.89
C ILE C 64 -14.81 -10.61 6.34
N ASP C 65 -14.95 -11.87 5.92
CA ASP C 65 -14.00 -12.90 6.32
C ASP C 65 -12.62 -12.67 5.71
N HIS C 66 -12.58 -12.10 4.50
CA HIS C 66 -11.32 -11.94 3.79
C HIS C 66 -10.60 -10.66 4.19
N ASP C 67 -11.32 -9.54 4.24
CA ASP C 67 -10.69 -8.25 4.50
C ASP C 67 -10.06 -8.19 5.88
N TYR C 68 -10.77 -8.69 6.89
CA TYR C 68 -10.34 -8.56 8.28
C TYR C 68 -9.78 -9.86 8.84
N GLU C 69 -9.20 -10.70 7.98
CA GLU C 69 -8.50 -11.89 8.45
C GLU C 69 -7.24 -11.50 9.23
N ARG C 70 -6.61 -10.40 8.85
CA ARG C 70 -5.38 -9.95 9.49
C ARG C 70 -5.62 -9.35 10.87
N ASP C 71 -6.85 -9.01 11.22
CA ASP C 71 -7.13 -8.38 12.50
C ASP C 71 -7.79 -9.32 13.50
N GLY C 72 -8.47 -10.36 13.04
CA GLY C 72 -8.95 -11.41 13.92
C GLY C 72 -10.45 -11.53 13.89
N LEU C 73 -10.96 -12.34 14.82
CA LEU C 73 -12.40 -12.59 14.90
C LEU C 73 -13.15 -11.41 15.48
N LYS C 74 -12.54 -10.72 16.45
CA LYS C 74 -13.20 -9.55 17.04
C LYS C 74 -13.46 -8.49 16.00
N GLU C 75 -12.50 -8.26 15.10
CA GLU C 75 -12.71 -7.29 14.03
C GLU C 75 -13.79 -7.75 13.07
N LYS C 76 -13.85 -9.05 12.77
CA LYS C 76 -14.88 -9.54 11.87
C LYS C 76 -16.27 -9.33 12.47
N VAL C 77 -16.43 -9.61 13.76
CA VAL C 77 -17.72 -9.41 14.41
C VAL C 77 -18.07 -7.93 14.44
N TYR C 78 -17.10 -7.09 14.81
CA TYR C 78 -17.36 -5.65 14.86
C TYR C 78 -17.77 -5.12 13.49
N GLN C 79 -17.09 -5.55 12.43
CA GLN C 79 -17.40 -5.05 11.10
C GLN C 79 -18.71 -5.62 10.59
N MET C 80 -19.08 -6.83 10.99
CA MET C 80 -20.38 -7.36 10.62
C MET C 80 -21.50 -6.50 11.22
N LEU C 81 -21.40 -6.20 12.52
CA LEU C 81 -22.41 -5.33 13.14
C LEU C 81 -22.40 -3.95 12.52
N GLN C 82 -21.21 -3.40 12.28
CA GLN C 82 -21.11 -2.05 11.72
C GLN C 82 -21.72 -1.98 10.33
N LYS C 83 -21.45 -2.98 9.48
CA LYS C 83 -22.00 -2.97 8.13
C LYS C 83 -23.49 -3.20 8.16
N TRP C 84 -24.01 -3.96 9.12
CA TRP C 84 -25.46 -4.03 9.28
C TRP C 84 -26.03 -2.67 9.61
N LEU C 85 -25.37 -1.93 10.50
CA LEU C 85 -25.85 -0.58 10.84
C LEU C 85 -25.83 0.34 9.64
N MET C 86 -24.74 0.33 8.86
CA MET C 86 -24.68 1.16 7.67
C MET C 86 -25.75 0.78 6.67
N ARG C 87 -25.97 -0.52 6.46
CA ARG C 87 -26.97 -0.95 5.49
C ARG C 87 -28.38 -0.53 5.92
N GLU C 88 -28.69 -0.65 7.21
CA GLU C 88 -30.03 -0.38 7.67
C GLU C 88 -30.29 1.09 8.03
N GLY C 89 -29.25 1.90 8.13
CA GLY C 89 -29.52 3.28 8.51
C GLY C 89 -30.03 3.37 9.94
N THR C 90 -30.79 4.43 10.20
CA THR C 90 -31.45 4.56 11.48
C THR C 90 -32.88 4.02 11.45
N LYS C 91 -33.46 3.90 10.25
CA LYS C 91 -34.81 3.38 10.15
C LYS C 91 -34.85 1.87 10.30
N GLY C 92 -33.79 1.17 9.91
CA GLY C 92 -33.78 -0.28 9.98
C GLY C 92 -33.03 -0.83 11.16
N ALA C 93 -32.04 -0.09 11.66
CA ALA C 93 -31.28 -0.53 12.83
C ALA C 93 -32.13 -0.35 14.08
N THR C 94 -33.19 -1.15 14.15
CA THR C 94 -34.11 -1.13 15.27
C THR C 94 -33.83 -2.31 16.19
N VAL C 95 -34.28 -2.16 17.44
CA VAL C 95 -34.13 -3.25 18.41
C VAL C 95 -34.95 -4.46 17.99
N GLY C 96 -36.12 -4.24 17.39
CA GLY C 96 -36.98 -5.36 17.03
C GLY C 96 -36.34 -6.29 16.02
N LYS C 97 -35.75 -5.73 14.96
CA LYS C 97 -35.14 -6.56 13.93
C LYS C 97 -33.89 -7.26 14.44
N LEU C 98 -33.08 -6.57 15.26
CA LEU C 98 -31.93 -7.22 15.86
C LEU C 98 -32.35 -8.35 16.78
N ALA C 99 -33.41 -8.14 17.56
CA ALA C 99 -33.92 -9.20 18.44
C ALA C 99 -34.41 -10.39 17.64
N GLN C 100 -35.12 -10.15 16.55
CA GLN C 100 -35.59 -11.24 15.70
C GLN C 100 -34.42 -12.00 15.11
N ALA C 101 -33.41 -11.27 14.60
CA ALA C 101 -32.25 -11.92 14.01
C ALA C 101 -31.49 -12.75 15.01
N LEU C 102 -31.32 -12.24 16.24
CA LEU C 102 -30.66 -12.99 17.27
C LEU C 102 -31.48 -14.20 17.71
N HIS C 103 -32.80 -14.08 17.72
CA HIS C 103 -33.64 -15.21 18.08
C HIS C 103 -33.52 -16.33 17.05
N GLN C 104 -33.53 -15.99 15.76
CA GLN C 104 -33.33 -17.02 14.75
C GLN C 104 -31.92 -17.60 14.80
N CYS C 105 -30.92 -16.76 15.09
CA CYS C 105 -29.55 -17.20 15.25
C CYS C 105 -29.34 -18.03 16.51
N CYS C 106 -30.32 -18.06 17.41
CA CYS C 106 -30.27 -18.72 18.72
C CYS C 106 -29.35 -18.02 19.70
N ARG C 107 -28.80 -16.86 19.35
CA ARG C 107 -28.00 -16.07 20.28
C ARG C 107 -28.84 -15.01 20.98
N ILE C 108 -29.96 -15.41 21.56
CA ILE C 108 -30.82 -14.44 22.23
C ILE C 108 -30.27 -14.00 23.58
N ASP C 109 -29.24 -14.69 24.08
CA ASP C 109 -28.67 -14.31 25.37
C ASP C 109 -28.11 -12.90 25.31
N LEU C 110 -27.49 -12.53 24.20
CA LEU C 110 -26.85 -11.22 24.05
C LEU C 110 -27.83 -10.10 24.36
N LEU C 111 -28.84 -9.97 23.50
CA LEU C 111 -29.77 -8.86 23.65
C LEU C 111 -30.67 -9.04 24.85
N ASN C 112 -31.06 -10.29 25.14
CA ASN C 112 -31.92 -10.55 26.29
C ASN C 112 -31.27 -10.10 27.59
N HIS C 113 -29.99 -10.42 27.78
CA HIS C 113 -29.27 -9.94 28.96
C HIS C 113 -29.08 -8.43 28.91
N LEU C 114 -28.57 -7.92 27.79
CA LEU C 114 -28.21 -6.51 27.73
C LEU C 114 -29.40 -5.60 28.02
N ILE C 115 -30.52 -5.82 27.33
CA ILE C 115 -31.62 -4.86 27.40
C ILE C 115 -32.46 -5.10 28.65
N ARG C 116 -32.88 -6.35 28.86
CA ARG C 116 -33.78 -6.62 29.98
C ARG C 116 -33.07 -6.64 31.33
N ALA C 117 -31.84 -7.15 31.40
CA ALA C 117 -31.15 -7.20 32.69
C ALA C 117 -30.72 -5.82 33.15
N SER C 118 -30.26 -4.97 32.22
CA SER C 118 -29.81 -3.63 32.55
C SER C 118 -30.94 -2.61 32.42
N THR D 32 -35.64 -21.46 -3.10
CA THR D 32 -35.96 -20.33 -2.23
C THR D 32 -35.39 -20.55 -0.84
N ASP D 33 -35.41 -19.48 -0.03
CA ASP D 33 -34.88 -19.58 1.33
C ASP D 33 -35.74 -20.51 2.20
N GLU D 34 -37.06 -20.45 2.04
CA GLU D 34 -37.94 -21.30 2.84
C GLU D 34 -37.86 -22.75 2.37
N HIS D 35 -37.54 -22.98 1.10
CA HIS D 35 -37.44 -24.34 0.59
C HIS D 35 -36.11 -25.00 0.94
N LEU D 36 -35.17 -24.25 1.52
CA LEU D 36 -33.84 -24.76 1.79
C LEU D 36 -33.40 -24.59 3.23
N ASN D 37 -34.07 -23.74 4.01
CA ASN D 37 -33.67 -23.57 5.41
C ASN D 37 -33.80 -24.86 6.22
N PRO D 38 -34.89 -25.63 6.16
CA PRO D 38 -34.92 -26.88 6.92
C PRO D 38 -33.84 -27.87 6.52
N ILE D 39 -33.47 -27.92 5.23
CA ILE D 39 -32.40 -28.81 4.82
C ILE D 39 -31.07 -28.36 5.38
N ARG D 40 -30.82 -27.05 5.38
CA ARG D 40 -29.58 -26.55 5.96
C ARG D 40 -29.52 -26.79 7.46
N GLU D 41 -30.64 -26.61 8.14
CA GLU D 41 -30.65 -26.68 9.59
C GLU D 41 -30.66 -28.11 10.12
N ASN D 42 -31.27 -29.05 9.39
CA ASN D 42 -31.51 -30.39 9.93
C ASN D 42 -30.84 -31.49 9.14
N LEU D 43 -29.79 -31.19 8.38
CA LEU D 43 -29.17 -32.27 7.63
C LEU D 43 -28.13 -33.01 8.46
N GLY D 44 -27.13 -32.28 8.98
CA GLY D 44 -26.27 -32.83 9.99
C GLY D 44 -25.11 -33.68 9.52
N ARG D 45 -24.87 -34.78 10.23
CA ARG D 45 -23.64 -35.56 10.09
C ARG D 45 -23.55 -36.27 8.75
N GLN D 46 -24.66 -36.42 8.02
CA GLN D 46 -24.69 -37.13 6.75
C GLN D 46 -24.42 -36.23 5.56
N TRP D 47 -23.72 -35.12 5.77
CA TRP D 47 -23.53 -34.17 4.69
C TRP D 47 -22.61 -34.71 3.60
N LYS D 48 -21.63 -35.55 3.96
CA LYS D 48 -20.77 -36.13 2.93
C LYS D 48 -21.57 -37.07 2.03
N ASN D 49 -22.42 -37.91 2.61
CA ASN D 49 -23.25 -38.79 1.80
C ASN D 49 -24.21 -38.00 0.92
N CYS D 50 -24.83 -36.95 1.48
CA CYS D 50 -25.74 -36.14 0.68
C CYS D 50 -25.00 -35.44 -0.46
N ALA D 51 -23.78 -34.97 -0.19
CA ALA D 51 -22.98 -34.33 -1.23
C ALA D 51 -22.62 -35.32 -2.32
N ARG D 52 -22.28 -36.55 -1.95
CA ARG D 52 -21.97 -37.56 -2.95
C ARG D 52 -23.18 -37.88 -3.81
N LYS D 53 -24.37 -37.94 -3.19
CA LYS D 53 -25.58 -38.16 -3.97
C LYS D 53 -25.97 -36.94 -4.79
N LEU D 54 -25.45 -35.77 -4.47
CA LEU D 54 -25.74 -34.54 -5.20
C LEU D 54 -24.77 -34.27 -6.32
N GLY D 55 -23.80 -35.15 -6.56
CA GLY D 55 -22.87 -34.99 -7.65
C GLY D 55 -21.54 -34.36 -7.31
N PHE D 56 -21.23 -34.19 -6.03
CA PHE D 56 -19.95 -33.63 -5.64
C PHE D 56 -18.85 -34.67 -5.80
N THR D 57 -17.74 -34.27 -6.42
CA THR D 57 -16.58 -35.14 -6.47
C THR D 57 -15.92 -35.20 -5.10
N GLU D 58 -15.03 -36.17 -4.93
CA GLU D 58 -14.36 -36.32 -3.63
C GLU D 58 -13.49 -35.12 -3.31
N SER D 59 -12.88 -34.51 -4.33
CA SER D 59 -12.07 -33.32 -4.10
C SER D 59 -12.91 -32.17 -3.59
N GLN D 60 -14.12 -31.99 -4.13
CA GLN D 60 -14.98 -30.91 -3.67
C GLN D 60 -15.41 -31.12 -2.22
N ILE D 61 -15.70 -32.37 -1.85
CA ILE D 61 -16.02 -32.67 -0.46
C ILE D 61 -14.81 -32.40 0.43
N ASP D 62 -13.61 -32.72 -0.05
CA ASP D 62 -12.40 -32.41 0.71
C ASP D 62 -12.24 -30.91 0.90
N GLU D 63 -12.52 -30.12 -0.15
CA GLU D 63 -12.42 -28.67 -0.02
C GLU D 63 -13.43 -28.12 0.97
N ILE D 64 -14.66 -28.62 0.94
CA ILE D 64 -15.65 -28.15 1.91
C ILE D 64 -15.24 -28.55 3.32
N ASP D 65 -14.72 -29.76 3.49
CA ASP D 65 -14.31 -30.23 4.81
C ASP D 65 -13.12 -29.45 5.34
N HIS D 66 -12.23 -29.02 4.44
CA HIS D 66 -11.00 -28.36 4.85
C HIS D 66 -11.18 -26.87 5.08
N ASP D 67 -11.86 -26.19 4.14
CA ASP D 67 -11.99 -24.74 4.22
C ASP D 67 -12.79 -24.30 5.44
N TYR D 68 -13.89 -24.99 5.73
CA TYR D 68 -14.81 -24.59 6.79
C TYR D 68 -14.69 -25.46 8.03
N GLU D 69 -13.50 -26.01 8.28
CA GLU D 69 -13.25 -26.71 9.53
C GLU D 69 -13.28 -25.75 10.71
N ARG D 70 -12.86 -24.51 10.49
CA ARG D 70 -12.81 -23.52 11.56
C ARG D 70 -14.17 -22.98 11.95
N ASP D 71 -15.20 -23.20 11.14
CA ASP D 71 -16.52 -22.68 11.42
C ASP D 71 -17.50 -23.75 11.92
N GLY D 72 -17.28 -25.01 11.59
CA GLY D 72 -18.03 -26.09 12.19
C GLY D 72 -18.81 -26.88 11.15
N LEU D 73 -19.68 -27.75 11.65
CA LEU D 73 -20.47 -28.62 10.78
C LEU D 73 -21.61 -27.85 10.11
N LYS D 74 -22.20 -26.89 10.82
CA LYS D 74 -23.27 -26.11 10.24
C LYS D 74 -22.80 -25.36 9.00
N GLU D 75 -21.59 -24.78 9.08
CA GLU D 75 -21.04 -24.09 7.93
C GLU D 75 -20.75 -25.05 6.79
N LYS D 76 -20.26 -26.26 7.09
CA LYS D 76 -20.00 -27.23 6.03
C LYS D 76 -21.28 -27.61 5.32
N VAL D 77 -22.36 -27.85 6.06
CA VAL D 77 -23.63 -28.20 5.44
C VAL D 77 -24.16 -27.03 4.61
N TYR D 78 -24.10 -25.82 5.17
CA TYR D 78 -24.58 -24.65 4.43
C TYR D 78 -23.81 -24.46 3.14
N GLN D 79 -22.48 -24.62 3.19
CA GLN D 79 -21.68 -24.40 2.00
C GLN D 79 -21.86 -25.54 1.00
N MET D 80 -22.12 -26.76 1.46
CA MET D 80 -22.44 -27.83 0.53
C MET D 80 -23.71 -27.52 -0.26
N LEU D 81 -24.78 -27.12 0.45
CA LEU D 81 -26.00 -26.75 -0.27
C LEU D 81 -25.78 -25.56 -1.18
N GLN D 82 -25.04 -24.55 -0.69
CA GLN D 82 -24.82 -23.35 -1.49
C GLN D 82 -24.03 -23.66 -2.75
N LYS D 83 -23.00 -24.49 -2.64
CA LYS D 83 -22.21 -24.83 -3.82
C LYS D 83 -22.99 -25.69 -4.78
N TRP D 84 -23.89 -26.54 -4.27
CA TRP D 84 -24.79 -27.24 -5.18
C TRP D 84 -25.67 -26.24 -5.95
N LEU D 85 -26.18 -25.22 -5.26
CA LEU D 85 -26.99 -24.22 -5.94
C LEU D 85 -26.19 -23.48 -7.00
N MET D 86 -24.97 -23.06 -6.67
CA MET D 86 -24.14 -22.37 -7.66
C MET D 86 -23.83 -23.27 -8.85
N ARG D 87 -23.51 -24.54 -8.60
CA ARG D 87 -23.18 -25.44 -9.69
C ARG D 87 -24.38 -25.67 -10.61
N GLU D 88 -25.58 -25.81 -10.03
CA GLU D 88 -26.75 -26.14 -10.83
C GLU D 88 -27.47 -24.93 -11.39
N GLY D 89 -27.17 -23.73 -10.93
CA GLY D 89 -27.90 -22.59 -11.45
C GLY D 89 -29.36 -22.64 -11.03
N THR D 90 -30.20 -22.01 -11.83
CA THR D 90 -31.64 -22.10 -11.62
C THR D 90 -32.28 -23.22 -12.43
N LYS D 91 -31.59 -23.67 -13.49
CA LYS D 91 -32.14 -24.75 -14.30
C LYS D 91 -31.97 -26.11 -13.63
N GLY D 92 -30.93 -26.28 -12.82
CA GLY D 92 -30.68 -27.56 -12.20
C GLY D 92 -31.13 -27.63 -10.75
N ALA D 93 -31.14 -26.49 -10.05
CA ALA D 93 -31.58 -26.45 -8.66
C ALA D 93 -33.10 -26.60 -8.62
N THR D 94 -33.56 -27.77 -9.01
CA THR D 94 -34.98 -28.08 -9.03
C THR D 94 -35.34 -28.94 -7.81
N VAL D 95 -36.62 -28.92 -7.46
CA VAL D 95 -37.10 -29.75 -6.36
C VAL D 95 -36.97 -31.23 -6.69
N GLY D 96 -37.15 -31.60 -7.96
CA GLY D 96 -37.10 -33.01 -8.32
C GLY D 96 -35.73 -33.62 -8.08
N LYS D 97 -34.68 -32.93 -8.51
CA LYS D 97 -33.33 -33.48 -8.34
C LYS D 97 -32.92 -33.51 -6.87
N LEU D 98 -33.29 -32.48 -6.11
CA LEU D 98 -33.01 -32.49 -4.68
C LEU D 98 -33.76 -33.62 -3.99
N ALA D 99 -35.02 -33.85 -4.37
CA ALA D 99 -35.78 -34.95 -3.80
C ALA D 99 -35.16 -36.29 -4.12
N GLN D 100 -34.72 -36.48 -5.37
CA GLN D 100 -34.06 -37.72 -5.73
C GLN D 100 -32.77 -37.92 -4.94
N ALA D 101 -31.97 -36.86 -4.82
CA ALA D 101 -30.70 -36.96 -4.09
C ALA D 101 -30.94 -37.28 -2.62
N LEU D 102 -31.96 -36.66 -2.01
CA LEU D 102 -32.27 -36.97 -0.62
C LEU D 102 -32.82 -38.38 -0.47
N HIS D 103 -33.59 -38.86 -1.46
CA HIS D 103 -34.10 -40.22 -1.39
C HIS D 103 -32.97 -41.24 -1.44
N GLN D 104 -31.99 -41.04 -2.34
CA GLN D 104 -30.85 -41.94 -2.35
C GLN D 104 -30.00 -41.81 -1.09
N CYS D 105 -29.87 -40.60 -0.57
CA CYS D 105 -29.15 -40.36 0.69
C CYS D 105 -29.90 -40.92 1.90
N CYS D 106 -31.15 -41.32 1.74
CA CYS D 106 -32.06 -41.79 2.79
C CYS D 106 -32.49 -40.68 3.74
N ARG D 107 -32.15 -39.43 3.45
CA ARG D 107 -32.63 -38.30 4.24
C ARG D 107 -33.87 -37.68 3.62
N ILE D 108 -34.88 -38.49 3.31
CA ILE D 108 -36.10 -37.96 2.70
C ILE D 108 -36.98 -37.24 3.70
N ASP D 109 -36.68 -37.35 5.00
CA ASP D 109 -37.49 -36.66 5.99
C ASP D 109 -37.44 -35.15 5.79
N LEU D 110 -36.26 -34.62 5.44
CA LEU D 110 -36.07 -33.19 5.28
C LEU D 110 -37.09 -32.61 4.31
N LEU D 111 -36.98 -33.00 3.05
CA LEU D 111 -37.82 -32.41 2.02
C LEU D 111 -39.26 -32.90 2.15
N ASN D 112 -39.45 -34.16 2.55
CA ASN D 112 -40.80 -34.69 2.71
C ASN D 112 -41.59 -33.90 3.74
N HIS D 113 -40.98 -33.60 4.88
CA HIS D 113 -41.65 -32.78 5.87
C HIS D 113 -41.81 -31.35 5.38
N LEU D 114 -40.73 -30.74 4.89
CA LEU D 114 -40.78 -29.32 4.54
C LEU D 114 -41.85 -29.03 3.49
N ILE D 115 -41.86 -29.77 2.39
CA ILE D 115 -42.71 -29.40 1.27
C ILE D 115 -44.13 -29.90 1.49
N ARG D 116 -44.28 -31.18 1.82
CA ARG D 116 -45.62 -31.75 1.94
C ARG D 116 -46.33 -31.35 3.23
N ALA D 117 -45.61 -31.24 4.36
CA ALA D 117 -46.27 -30.90 5.61
C ALA D 117 -46.68 -29.42 5.62
N SER D 118 -45.86 -28.55 5.07
CA SER D 118 -46.15 -27.12 5.04
C SER D 118 -46.87 -26.73 3.75
N THR E 32 -16.86 -48.31 -12.52
CA THR E 32 -17.97 -47.38 -12.69
C THR E 32 -18.75 -47.22 -11.40
N ASP E 33 -19.63 -46.22 -11.35
CA ASP E 33 -20.41 -45.96 -10.16
C ASP E 33 -21.40 -47.09 -9.89
N GLU E 34 -22.01 -47.64 -10.94
CA GLU E 34 -22.96 -48.73 -10.75
C GLU E 34 -22.26 -50.03 -10.38
N HIS E 35 -21.00 -50.19 -10.80
CA HIS E 35 -20.25 -51.40 -10.48
C HIS E 35 -19.67 -51.37 -9.06
N LEU E 36 -19.77 -50.24 -8.37
CA LEU E 36 -19.15 -50.08 -7.06
C LEU E 36 -20.11 -49.62 -5.98
N ASN E 37 -21.28 -49.10 -6.34
CA ASN E 37 -22.23 -48.67 -5.32
C ASN E 37 -22.69 -49.80 -4.42
N PRO E 38 -23.09 -50.98 -4.92
CA PRO E 38 -23.46 -52.06 -3.99
C PRO E 38 -22.35 -52.48 -3.06
N ILE E 39 -21.10 -52.47 -3.53
CA ILE E 39 -19.98 -52.83 -2.66
C ILE E 39 -19.80 -51.79 -1.57
N ARG E 40 -19.92 -50.51 -1.92
CA ARG E 40 -19.81 -49.46 -0.91
C ARG E 40 -20.94 -49.54 0.10
N GLU E 41 -22.15 -49.83 -0.37
CA GLU E 41 -23.32 -49.77 0.50
C GLU E 41 -23.46 -51.01 1.37
N ASN E 42 -23.01 -52.18 0.91
CA ASN E 42 -23.31 -53.44 1.58
C ASN E 42 -22.07 -54.19 2.04
N LEU E 43 -20.94 -53.52 2.22
CA LEU E 43 -19.76 -54.26 2.65
C LEU E 43 -19.72 -54.39 4.17
N GLY E 44 -19.74 -53.26 4.87
CA GLY E 44 -19.97 -53.28 6.31
C GLY E 44 -18.79 -53.56 7.19
N ARG E 45 -19.00 -54.38 8.22
CA ARG E 45 -18.05 -54.55 9.31
C ARG E 45 -16.76 -55.24 8.88
N GLN E 46 -16.76 -55.93 7.73
CA GLN E 46 -15.60 -56.67 7.27
C GLN E 46 -14.67 -55.84 6.39
N TRP E 47 -14.67 -54.51 6.57
CA TRP E 47 -13.89 -53.67 5.69
C TRP E 47 -12.40 -53.84 5.92
N LYS E 48 -11.98 -54.11 7.16
CA LYS E 48 -10.56 -54.34 7.40
C LYS E 48 -10.07 -55.60 6.70
N ASN E 49 -10.85 -56.68 6.76
CA ASN E 49 -10.47 -57.90 6.06
C ASN E 49 -10.45 -57.68 4.55
N CYS E 50 -11.45 -56.99 4.02
CA CYS E 50 -11.47 -56.72 2.58
C CYS E 50 -10.28 -55.86 2.17
N ALA E 51 -9.92 -54.87 2.99
CA ALA E 51 -8.77 -54.03 2.69
C ALA E 51 -7.49 -54.83 2.71
N ARG E 52 -7.35 -55.75 3.67
CA ARG E 52 -6.17 -56.60 3.71
C ARG E 52 -6.08 -57.48 2.48
N LYS E 53 -7.21 -58.02 2.03
CA LYS E 53 -7.21 -58.82 0.80
C LYS E 53 -7.01 -57.97 -0.44
N LEU E 54 -7.22 -56.65 -0.35
CA LEU E 54 -7.04 -55.75 -1.49
C LEU E 54 -5.64 -55.16 -1.57
N GLY E 55 -4.75 -55.53 -0.66
CA GLY E 55 -3.38 -55.07 -0.71
C GLY E 55 -3.05 -53.89 0.18
N PHE E 56 -3.95 -53.51 1.08
CA PHE E 56 -3.68 -52.40 1.99
C PHE E 56 -2.73 -52.85 3.08
N THR E 57 -1.70 -52.05 3.35
CA THR E 57 -0.85 -52.32 4.49
C THR E 57 -1.58 -51.97 5.78
N GLU E 58 -1.02 -52.42 6.90
CA GLU E 58 -1.67 -52.16 8.18
C GLU E 58 -1.70 -50.68 8.50
N SER E 59 -0.67 -49.95 8.10
CA SER E 59 -0.65 -48.51 8.33
C SER E 59 -1.76 -47.81 7.56
N GLN E 60 -2.02 -48.23 6.33
CA GLN E 60 -3.09 -47.62 5.55
C GLN E 60 -4.46 -47.87 6.17
N ILE E 61 -4.67 -49.08 6.69
CA ILE E 61 -5.91 -49.38 7.39
C ILE E 61 -6.01 -48.55 8.66
N ASP E 62 -4.89 -48.33 9.35
CA ASP E 62 -4.90 -47.47 10.52
C ASP E 62 -5.28 -46.04 10.14
N GLU E 63 -4.75 -45.53 9.02
CA GLU E 63 -5.09 -44.18 8.58
C GLU E 63 -6.56 -44.06 8.22
N ILE E 64 -7.11 -45.06 7.53
CA ILE E 64 -8.54 -45.02 7.21
C ILE E 64 -9.38 -45.08 8.49
N ASP E 65 -8.97 -45.91 9.44
CA ASP E 65 -9.73 -46.05 10.68
C ASP E 65 -9.65 -44.78 11.52
N HIS E 66 -8.53 -44.06 11.46
CA HIS E 66 -8.31 -42.90 12.30
C HIS E 66 -8.91 -41.64 11.69
N ASP E 67 -8.66 -41.41 10.41
CA ASP E 67 -9.09 -40.16 9.77
C ASP E 67 -10.61 -40.04 9.75
N TYR E 68 -11.31 -41.11 9.41
CA TYR E 68 -12.75 -41.08 9.22
C TYR E 68 -13.51 -41.70 10.38
N GLU E 69 -12.95 -41.65 11.58
CA GLU E 69 -13.67 -42.07 12.76
C GLU E 69 -14.85 -41.13 13.05
N ARG E 70 -14.69 -39.85 12.72
CA ARG E 70 -15.73 -38.87 12.98
C ARG E 70 -16.91 -38.98 12.03
N ASP E 71 -16.77 -39.69 10.92
CA ASP E 71 -17.84 -39.80 9.93
C ASP E 71 -18.56 -41.13 9.96
N GLY E 72 -17.91 -42.19 10.44
CA GLY E 72 -18.59 -43.44 10.68
C GLY E 72 -18.01 -44.57 9.85
N LEU E 73 -18.73 -45.70 9.88
CA LEU E 73 -18.28 -46.89 9.17
C LEU E 73 -18.52 -46.76 7.67
N LYS E 74 -19.61 -46.11 7.27
CA LYS E 74 -19.90 -45.94 5.86
C LYS E 74 -18.79 -45.15 5.17
N GLU E 75 -18.30 -44.09 5.83
CA GLU E 75 -17.21 -43.31 5.28
C GLU E 75 -15.93 -44.14 5.21
N LYS E 76 -15.66 -44.97 6.21
CA LYS E 76 -14.47 -45.80 6.17
C LYS E 76 -14.51 -46.77 5.00
N VAL E 77 -15.66 -47.41 4.77
CA VAL E 77 -15.78 -48.34 3.65
C VAL E 77 -15.65 -47.59 2.32
N TYR E 78 -16.31 -46.44 2.20
CA TYR E 78 -16.22 -45.67 0.97
C TYR E 78 -14.78 -45.26 0.69
N GLN E 79 -14.06 -44.79 1.71
CA GLN E 79 -12.70 -44.35 1.51
C GLN E 79 -11.75 -45.51 1.25
N MET E 80 -12.03 -46.68 1.82
CA MET E 80 -11.22 -47.86 1.48
C MET E 80 -11.35 -48.20 0.01
N LEU E 81 -12.58 -48.27 -0.50
CA LEU E 81 -12.76 -48.54 -1.92
C LEU E 81 -12.15 -47.44 -2.78
N GLN E 82 -12.35 -46.18 -2.39
CA GLN E 82 -11.82 -45.07 -3.17
C GLN E 82 -10.31 -45.09 -3.23
N LYS E 83 -9.65 -45.36 -2.09
CA LYS E 83 -8.19 -45.40 -2.08
C LYS E 83 -7.67 -46.61 -2.85
N TRP E 84 -8.41 -47.72 -2.85
CA TRP E 84 -8.02 -48.81 -3.74
C TRP E 84 -8.08 -48.37 -5.20
N LEU E 85 -9.13 -47.64 -5.57
CA LEU E 85 -9.24 -47.16 -6.94
C LEU E 85 -8.09 -46.22 -7.30
N MET E 86 -7.77 -45.28 -6.41
CA MET E 86 -6.66 -44.37 -6.68
C MET E 86 -5.34 -45.13 -6.79
N ARG E 87 -5.11 -46.10 -5.91
CA ARG E 87 -3.86 -46.85 -5.96
C ARG E 87 -3.73 -47.65 -7.24
N GLU E 88 -4.82 -48.27 -7.69
CA GLU E 88 -4.75 -49.14 -8.85
C GLU E 88 -4.94 -48.42 -10.19
N GLY E 89 -5.40 -47.17 -10.18
CA GLY E 89 -5.61 -46.53 -11.45
C GLY E 89 -6.75 -47.19 -12.22
N THR E 90 -6.68 -47.07 -13.54
CA THR E 90 -7.64 -47.77 -14.39
C THR E 90 -7.10 -49.10 -14.87
N LYS E 91 -5.78 -49.29 -14.82
CA LYS E 91 -5.20 -50.56 -15.25
C LYS E 91 -5.38 -51.64 -14.19
N GLY E 92 -5.42 -51.27 -12.91
CA GLY E 92 -5.53 -52.26 -11.85
C GLY E 92 -6.93 -52.41 -11.30
N ALA E 93 -7.72 -51.34 -11.36
CA ALA E 93 -9.10 -51.40 -10.87
C ALA E 93 -9.95 -52.20 -11.86
N THR E 94 -9.65 -53.48 -11.95
CA THR E 94 -10.35 -54.40 -12.83
C THR E 94 -11.36 -55.22 -12.04
N VAL E 95 -12.35 -55.75 -12.75
CA VAL E 95 -13.34 -56.61 -12.11
C VAL E 95 -12.69 -57.90 -11.62
N GLY E 96 -11.70 -58.42 -12.33
CA GLY E 96 -11.09 -59.68 -11.94
C GLY E 96 -10.40 -59.61 -10.59
N LYS E 97 -9.61 -58.55 -10.37
CA LYS E 97 -8.90 -58.42 -9.10
C LYS E 97 -9.85 -58.15 -7.95
N LEU E 98 -10.88 -57.34 -8.17
CA LEU E 98 -11.88 -57.11 -7.14
C LEU E 98 -12.63 -58.40 -6.81
N ALA E 99 -12.96 -59.19 -7.83
CA ALA E 99 -13.63 -60.47 -7.59
C ALA E 99 -12.74 -61.42 -6.80
N GLN E 100 -11.45 -61.48 -7.14
CA GLN E 100 -10.53 -62.33 -6.39
C GLN E 100 -10.42 -61.87 -4.93
N ALA E 101 -10.30 -60.56 -4.72
CA ALA E 101 -10.18 -60.03 -3.37
C ALA E 101 -11.43 -60.31 -2.55
N LEU E 102 -12.61 -60.16 -3.16
CA LEU E 102 -13.85 -60.47 -2.45
C LEU E 102 -13.98 -61.96 -2.19
N HIS E 103 -13.51 -62.80 -3.10
CA HIS E 103 -13.57 -64.24 -2.88
C HIS E 103 -12.70 -64.65 -1.70
N GLN E 104 -11.48 -64.11 -1.61
CA GLN E 104 -10.65 -64.40 -0.46
C GLN E 104 -11.22 -63.82 0.82
N CYS E 105 -11.83 -62.63 0.74
CA CYS E 105 -12.50 -62.02 1.88
C CYS E 105 -13.77 -62.74 2.29
N CYS E 106 -14.25 -63.67 1.46
CA CYS E 106 -15.51 -64.41 1.63
C CYS E 106 -16.73 -63.54 1.42
N ARG E 107 -16.56 -62.29 1.00
CA ARG E 107 -17.71 -61.44 0.66
C ARG E 107 -18.01 -61.48 -0.83
N ILE E 108 -18.15 -62.69 -1.39
CA ILE E 108 -18.44 -62.80 -2.81
C ILE E 108 -19.88 -62.46 -3.15
N ASP E 109 -20.75 -62.33 -2.15
CA ASP E 109 -22.14 -62.00 -2.41
C ASP E 109 -22.25 -60.65 -3.10
N LEU E 110 -21.43 -59.68 -2.69
CA LEU E 110 -21.49 -58.33 -3.22
C LEU E 110 -21.37 -58.33 -4.73
N LEU E 111 -20.21 -58.73 -5.24
CA LEU E 111 -19.97 -58.67 -6.66
C LEU E 111 -20.77 -59.73 -7.41
N ASN E 112 -20.94 -60.91 -6.80
CA ASN E 112 -21.70 -61.96 -7.45
C ASN E 112 -23.14 -61.53 -7.73
N HIS E 113 -23.79 -60.90 -6.75
CA HIS E 113 -25.13 -60.39 -6.98
C HIS E 113 -25.10 -59.23 -7.97
N LEU E 114 -24.23 -58.24 -7.73
CA LEU E 114 -24.27 -57.03 -8.53
C LEU E 114 -24.07 -57.32 -10.01
N ILE E 115 -23.03 -58.07 -10.36
CA ILE E 115 -22.67 -58.20 -11.77
C ILE E 115 -23.53 -59.27 -12.44
N ARG E 116 -23.62 -60.45 -11.84
CA ARG E 116 -24.34 -61.54 -12.48
C ARG E 116 -25.85 -61.40 -12.40
N ALA E 117 -26.39 -60.91 -11.28
CA ALA E 117 -27.84 -60.78 -11.16
C ALA E 117 -28.38 -59.66 -12.04
N SER E 118 -27.65 -58.56 -12.12
CA SER E 118 -28.09 -57.42 -12.92
C SER E 118 -27.52 -57.48 -14.34
N THR F 32 -9.81 56.49 -38.09
CA THR F 32 -10.19 57.63 -37.25
C THR F 32 -9.70 57.44 -35.82
N ASP F 33 -9.79 58.51 -35.03
CA ASP F 33 -9.33 58.43 -33.64
C ASP F 33 -10.21 57.52 -32.81
N GLU F 34 -11.53 57.56 -33.04
CA GLU F 34 -12.43 56.69 -32.28
C GLU F 34 -12.32 55.24 -32.72
N HIS F 35 -11.92 55.00 -33.96
CA HIS F 35 -11.76 53.63 -34.45
C HIS F 35 -10.44 53.00 -34.01
N LEU F 36 -9.55 53.77 -33.40
CA LEU F 36 -8.22 53.28 -33.05
C LEU F 36 -7.87 53.48 -31.59
N ASN F 37 -8.59 54.33 -30.86
CA ASN F 37 -8.28 54.53 -29.45
C ASN F 37 -8.43 53.25 -28.63
N PRO F 38 -9.51 52.47 -28.74
CA PRO F 38 -9.55 51.22 -27.96
C PRO F 38 -8.43 50.24 -28.29
N ILE F 39 -8.01 50.18 -29.55
CA ILE F 39 -6.90 49.30 -29.90
C ILE F 39 -5.60 49.78 -29.26
N ARG F 40 -5.37 51.09 -29.27
CA ARG F 40 -4.17 51.63 -28.63
C ARG F 40 -4.20 51.40 -27.13
N GLU F 41 -5.36 51.57 -26.51
CA GLU F 41 -5.45 51.53 -25.06
C GLU F 41 -5.47 50.10 -24.51
N ASN F 42 -6.01 49.14 -25.26
CA ASN F 42 -6.27 47.81 -24.72
C ASN F 42 -5.53 46.71 -25.46
N LEU F 43 -4.45 47.01 -26.16
CA LEU F 43 -3.77 45.93 -26.87
C LEU F 43 -2.76 45.22 -25.96
N GLY F 44 -1.82 45.98 -25.40
CA GLY F 44 -1.00 45.46 -24.33
C GLY F 44 0.20 44.62 -24.73
N ARG F 45 0.42 43.53 -23.99
CA ARG F 45 1.66 42.77 -24.05
C ARG F 45 1.84 42.04 -25.39
N GLN F 46 0.77 41.86 -26.16
CA GLN F 46 0.83 41.14 -27.42
C GLN F 46 1.15 42.02 -28.61
N TRP F 47 1.83 43.15 -28.38
CA TRP F 47 2.06 44.09 -29.47
C TRP F 47 3.03 43.54 -30.49
N LYS F 48 4.01 42.73 -30.07
CA LYS F 48 4.93 42.14 -31.04
C LYS F 48 4.21 41.18 -31.97
N ASN F 49 3.32 40.34 -31.42
CA ASN F 49 2.55 39.43 -32.26
C ASN F 49 1.63 40.20 -33.20
N CYS F 50 0.97 41.24 -32.69
CA CYS F 50 0.10 42.03 -33.55
C CYS F 50 0.89 42.72 -34.66
N ALA F 51 2.08 43.22 -34.34
CA ALA F 51 2.92 43.86 -35.34
C ALA F 51 3.37 42.86 -36.39
N ARG F 52 3.71 41.64 -35.98
CA ARG F 52 4.08 40.62 -36.95
C ARG F 52 2.92 40.28 -37.87
N LYS F 53 1.71 40.20 -37.32
CA LYS F 53 0.54 39.95 -38.17
C LYS F 53 0.18 41.15 -39.03
N LEU F 54 0.67 42.34 -38.69
CA LEU F 54 0.40 43.55 -39.45
C LEU F 54 1.43 43.83 -40.53
N GLY F 55 2.41 42.96 -40.69
CA GLY F 55 3.40 43.12 -41.73
C GLY F 55 4.70 43.77 -41.33
N PHE F 56 4.94 43.96 -40.04
CA PHE F 56 6.19 44.55 -39.58
C PHE F 56 7.31 43.53 -39.68
N THR F 57 8.44 43.94 -40.23
CA THR F 57 9.62 43.09 -40.21
C THR F 57 10.21 43.06 -38.81
N GLU F 58 11.10 42.10 -38.56
CA GLU F 58 11.69 41.98 -37.25
C GLU F 58 12.53 43.20 -36.89
N SER F 59 13.19 43.80 -37.88
CA SER F 59 13.96 45.00 -37.62
C SER F 59 13.08 46.15 -37.18
N GLN F 60 11.90 46.30 -37.78
CA GLN F 60 10.99 47.37 -37.39
C GLN F 60 10.49 47.18 -35.96
N ILE F 61 10.20 45.94 -35.58
CA ILE F 61 9.82 45.65 -34.20
C ILE F 61 10.97 45.94 -33.25
N ASP F 62 12.20 45.64 -33.68
CA ASP F 62 13.36 45.98 -32.86
C ASP F 62 13.49 47.49 -32.68
N GLU F 63 13.25 48.26 -33.75
CA GLU F 63 13.32 49.71 -33.63
C GLU F 63 12.24 50.25 -32.71
N ILE F 64 11.03 49.73 -32.80
CA ILE F 64 9.97 50.20 -31.89
C ILE F 64 10.31 49.83 -30.45
N ASP F 65 10.84 48.62 -30.24
CA ASP F 65 11.18 48.18 -28.89
C ASP F 65 12.34 48.99 -28.32
N HIS F 66 13.26 49.43 -29.16
CA HIS F 66 14.47 50.10 -28.69
C HIS F 66 14.23 51.59 -28.50
N ASP F 67 13.61 52.25 -29.47
CA ASP F 67 13.45 53.70 -29.42
C ASP F 67 12.58 54.14 -28.26
N TYR F 68 11.48 53.43 -28.02
CA TYR F 68 10.49 53.84 -27.02
C TYR F 68 10.55 52.99 -25.77
N GLU F 69 11.74 52.47 -25.44
CA GLU F 69 11.93 51.78 -24.17
C GLU F 69 11.82 52.75 -23.00
N ARG F 70 12.24 54.00 -23.22
CA ARG F 70 12.21 55.01 -22.16
C ARG F 70 10.82 55.52 -21.86
N ASP F 71 9.84 55.28 -22.72
CA ASP F 71 8.49 55.78 -22.51
C ASP F 71 7.50 54.71 -22.06
N GLY F 72 7.77 53.45 -22.36
CA GLY F 72 7.00 52.36 -21.79
C GLY F 72 6.30 51.54 -22.85
N LEU F 73 5.41 50.66 -22.39
CA LEU F 73 4.69 49.77 -23.29
C LEU F 73 3.58 50.50 -24.03
N LYS F 74 2.94 51.46 -23.37
CA LYS F 74 1.87 52.23 -24.02
C LYS F 74 2.40 52.97 -25.23
N GLU F 75 3.59 53.56 -25.11
CA GLU F 75 4.20 54.25 -26.24
C GLU F 75 4.57 53.27 -27.35
N LYS F 76 5.06 52.09 -26.99
CA LYS F 76 5.39 51.10 -28.02
C LYS F 76 4.16 50.69 -28.81
N VAL F 77 3.04 50.44 -28.12
CA VAL F 77 1.81 50.07 -28.80
C VAL F 77 1.31 51.22 -29.67
N TYR F 78 1.32 52.44 -29.13
CA TYR F 78 0.87 53.59 -29.90
C TYR F 78 1.71 53.76 -31.16
N GLN F 79 3.03 53.63 -31.03
CA GLN F 79 3.90 53.84 -32.18
C GLN F 79 3.79 52.70 -33.17
N MET F 80 3.52 51.48 -32.71
CA MET F 80 3.27 50.38 -33.65
C MET F 80 2.04 50.67 -34.51
N LEU F 81 0.93 51.06 -33.86
CA LEU F 81 -0.26 51.40 -34.64
C LEU F 81 0.00 52.58 -35.56
N GLN F 82 0.68 53.61 -35.06
CA GLN F 82 0.93 54.80 -35.84
C GLN F 82 1.79 54.49 -37.06
N LYS F 83 2.84 53.68 -36.89
CA LYS F 83 3.70 53.34 -38.01
C LYS F 83 2.98 52.44 -39.00
N TRP F 84 2.06 51.59 -38.53
CA TRP F 84 1.22 50.87 -39.48
C TRP F 84 0.39 51.83 -40.31
N LEU F 85 -0.19 52.85 -39.67
CA LEU F 85 -0.98 53.84 -40.40
C LEU F 85 -0.13 54.58 -41.43
N MET F 86 1.06 55.02 -41.03
CA MET F 86 1.94 55.71 -41.99
C MET F 86 2.32 54.80 -43.14
N ARG F 87 2.65 53.54 -42.86
CA ARG F 87 3.05 52.63 -43.92
C ARG F 87 1.91 52.38 -44.89
N GLU F 88 0.68 52.21 -44.39
CA GLU F 88 -0.43 51.85 -45.24
C GLU F 88 -1.14 53.05 -45.86
N GLY F 89 -0.88 54.26 -45.40
CA GLY F 89 -1.61 55.38 -45.98
C GLY F 89 -3.08 55.30 -45.63
N THR F 90 -3.89 55.92 -46.51
CA THR F 90 -5.34 55.81 -46.35
C THR F 90 -5.91 54.67 -47.19
N LYS F 91 -5.17 54.21 -48.20
CA LYS F 91 -5.64 53.11 -49.03
C LYS F 91 -5.50 51.77 -48.33
N GLY F 92 -4.50 51.62 -47.46
CA GLY F 92 -4.26 50.35 -46.80
C GLY F 92 -4.79 50.29 -45.39
N ALA F 93 -4.86 51.44 -44.70
CA ALA F 93 -5.37 51.49 -43.35
C ALA F 93 -6.89 51.33 -43.37
N THR F 94 -7.32 50.14 -43.77
CA THR F 94 -8.72 49.80 -43.87
C THR F 94 -9.14 48.96 -42.66
N VAL F 95 -10.44 48.95 -42.39
CA VAL F 95 -10.96 48.14 -41.30
C VAL F 95 -10.78 46.65 -41.60
N GLY F 96 -10.90 46.27 -42.87
CA GLY F 96 -10.80 44.86 -43.21
C GLY F 96 -9.44 44.27 -42.88
N LYS F 97 -8.37 44.96 -43.27
CA LYS F 97 -7.03 44.44 -43.02
C LYS F 97 -6.70 44.45 -41.52
N LEU F 98 -7.12 45.48 -40.80
CA LEU F 98 -6.92 45.48 -39.36
C LEU F 98 -7.69 44.35 -38.69
N ALA F 99 -8.92 44.09 -39.15
CA ALA F 99 -9.70 42.99 -38.59
C ALA F 99 -9.03 41.65 -38.87
N GLN F 100 -8.52 41.46 -40.08
CA GLN F 100 -7.82 40.22 -40.40
C GLN F 100 -6.58 40.06 -39.53
N ALA F 101 -5.80 41.13 -39.38
CA ALA F 101 -4.59 41.06 -38.58
C ALA F 101 -4.90 40.76 -37.12
N LEU F 102 -5.95 41.36 -36.58
CA LEU F 102 -6.34 41.07 -35.20
C LEU F 102 -6.88 39.66 -35.07
N HIS F 103 -7.57 39.16 -36.09
CA HIS F 103 -8.08 37.78 -36.02
C HIS F 103 -6.93 36.79 -36.00
N GLN F 104 -5.91 36.99 -36.83
CA GLN F 104 -4.74 36.11 -36.79
C GLN F 104 -3.97 36.26 -35.48
N CYS F 105 -3.88 37.49 -34.96
CA CYS F 105 -3.24 37.75 -33.68
C CYS F 105 -4.04 37.20 -32.50
N CYS F 106 -5.28 36.77 -32.73
CA CYS F 106 -6.23 36.30 -31.72
C CYS F 106 -6.74 37.42 -30.82
N ARG F 107 -6.39 38.67 -31.09
CA ARG F 107 -6.94 39.81 -30.35
C ARG F 107 -8.16 40.40 -31.05
N ILE F 108 -9.13 39.55 -31.39
CA ILE F 108 -10.32 40.06 -32.08
C ILE F 108 -11.27 40.78 -31.14
N ASP F 109 -11.05 40.69 -29.83
CA ASP F 109 -11.91 41.38 -28.88
C ASP F 109 -11.88 42.89 -29.10
N LEU F 110 -10.69 43.43 -29.40
CA LEU F 110 -10.52 44.87 -29.58
C LEU F 110 -11.49 45.42 -30.60
N LEU F 111 -11.30 45.01 -31.86
CA LEU F 111 -12.09 45.57 -32.93
C LEU F 111 -13.53 45.06 -32.87
N ASN F 112 -13.72 43.81 -32.47
CA ASN F 112 -15.07 43.26 -32.38
C ASN F 112 -15.93 44.05 -31.40
N HIS F 113 -15.38 44.37 -30.23
CA HIS F 113 -16.12 45.20 -29.29
C HIS F 113 -16.29 46.62 -29.82
N LEU F 114 -15.19 47.23 -30.26
CA LEU F 114 -15.24 48.65 -30.62
C LEU F 114 -16.25 48.91 -31.73
N ILE F 115 -16.18 48.16 -32.82
CA ILE F 115 -16.98 48.49 -34.00
C ILE F 115 -18.40 47.97 -33.84
N ARG F 116 -18.55 46.69 -33.51
CA ARG F 116 -19.89 46.11 -33.45
C ARG F 116 -20.67 46.51 -32.21
N ALA F 117 -20.02 46.64 -31.04
CA ALA F 117 -20.75 47.00 -29.84
C ALA F 117 -21.19 48.46 -29.87
N SER F 118 -20.35 49.34 -30.39
CA SER F 118 -20.67 50.77 -30.45
C SER F 118 -21.32 51.12 -31.78
N THR G 32 9.99 29.84 -46.02
CA THR G 32 8.87 30.74 -46.26
C THR G 32 8.02 30.90 -45.01
N ASP G 33 7.11 31.88 -45.04
CA ASP G 33 6.25 32.13 -43.88
C ASP G 33 5.29 30.98 -43.64
N GLU G 34 4.74 30.40 -44.72
CA GLU G 34 3.82 29.29 -44.57
C GLU G 34 4.53 28.01 -44.14
N HIS G 35 5.81 27.87 -44.49
CA HIS G 35 6.57 26.69 -44.11
C HIS G 35 7.08 26.76 -42.68
N LEU G 36 6.91 27.89 -42.00
CA LEU G 36 7.46 28.08 -40.67
C LEU G 36 6.42 28.52 -39.65
N ASN G 37 5.27 29.01 -40.07
CA ASN G 37 4.25 29.43 -39.11
C ASN G 37 3.77 28.30 -38.22
N PRO G 38 3.43 27.11 -38.72
CA PRO G 38 3.03 26.03 -37.80
C PRO G 38 4.11 25.65 -36.80
N ILE G 39 5.38 25.69 -37.21
CA ILE G 39 6.46 25.37 -36.28
C ILE G 39 6.55 26.43 -35.18
N ARG G 40 6.41 27.70 -35.56
CA ARG G 40 6.45 28.77 -34.57
C ARG G 40 5.26 28.67 -33.61
N GLU G 41 4.09 28.35 -34.14
CA GLU G 41 2.88 28.39 -33.34
C GLU G 41 2.72 27.15 -32.45
N ASN G 42 3.23 25.99 -32.89
CA ASN G 42 2.92 24.74 -32.21
C ASN G 42 4.15 24.02 -31.67
N LEU G 43 5.26 24.73 -31.44
CA LEU G 43 6.43 24.02 -30.94
C LEU G 43 6.40 23.91 -29.42
N GLY G 44 6.31 25.05 -28.74
CA GLY G 44 6.00 25.04 -27.32
C GLY G 44 7.15 24.80 -26.36
N ARG G 45 6.90 24.00 -25.34
CA ARG G 45 7.80 23.87 -24.20
C ARG G 45 9.11 23.19 -24.54
N GLN G 46 9.20 22.49 -25.68
CA GLN G 46 10.40 21.77 -26.08
C GLN G 46 11.36 22.62 -26.91
N TRP G 47 11.30 23.94 -26.75
CA TRP G 47 12.12 24.80 -27.61
C TRP G 47 13.60 24.68 -27.29
N LYS G 48 13.96 24.42 -26.03
CA LYS G 48 15.37 24.23 -25.71
C LYS G 48 15.92 22.98 -26.37
N ASN G 49 15.17 21.88 -26.33
CA ASN G 49 15.61 20.66 -27.00
C ASN G 49 15.70 20.85 -28.50
N CYS G 50 14.72 21.52 -29.10
CA CYS G 50 14.77 21.77 -30.53
C CYS G 50 15.96 22.65 -30.90
N ALA G 51 16.25 23.66 -30.07
CA ALA G 51 17.39 24.53 -30.31
C ALA G 51 18.70 23.75 -30.22
N ARG G 52 18.80 22.85 -29.25
CA ARG G 52 20.01 22.03 -29.13
C ARG G 52 20.17 21.13 -30.34
N LYS G 53 19.07 20.57 -30.85
CA LYS G 53 19.18 19.76 -32.06
C LYS G 53 19.43 20.59 -33.30
N LEU G 54 19.18 21.89 -33.24
CA LEU G 54 19.39 22.79 -34.37
C LEU G 54 20.77 23.41 -34.39
N GLY G 55 21.63 23.08 -33.44
CA GLY G 55 22.98 23.57 -33.42
C GLY G 55 23.24 24.78 -32.53
N PHE G 56 22.29 25.15 -31.68
CA PHE G 56 22.48 26.27 -30.78
C PHE G 56 23.38 25.87 -29.62
N THR G 57 24.37 26.69 -29.32
CA THR G 57 25.16 26.46 -28.13
C THR G 57 24.35 26.81 -26.89
N GLU G 58 24.86 26.38 -25.73
CA GLU G 58 24.14 26.64 -24.49
C GLU G 58 24.07 28.13 -24.19
N SER G 59 25.10 28.88 -24.55
CA SER G 59 25.07 30.33 -24.34
C SER G 59 23.98 30.99 -25.18
N GLN G 60 23.80 30.54 -26.42
CA GLN G 60 22.75 31.11 -27.26
C GLN G 60 21.37 30.83 -26.71
N ILE G 61 21.16 29.62 -26.18
CA ILE G 61 19.89 29.30 -25.54
C ILE G 61 19.69 30.16 -24.30
N ASP G 62 20.77 30.40 -23.55
CA ASP G 62 20.68 31.30 -22.39
C ASP G 62 20.29 32.70 -22.81
N GLU G 63 20.86 33.20 -23.91
CA GLU G 63 20.52 34.54 -24.38
C GLU G 63 19.07 34.61 -24.83
N ILE G 64 18.57 33.59 -25.53
CA ILE G 64 17.17 33.60 -25.92
C ILE G 64 16.26 33.54 -24.70
N ASP G 65 16.63 32.72 -23.71
CA ASP G 65 15.82 32.58 -22.51
C ASP G 65 15.82 33.86 -21.68
N HIS G 66 16.93 34.61 -21.70
CA HIS G 66 17.07 35.78 -20.86
C HIS G 66 16.47 37.02 -21.51
N ASP G 67 16.79 37.25 -22.79
CA ASP G 67 16.37 38.47 -23.46
C ASP G 67 14.84 38.55 -23.58
N TYR G 68 14.19 37.46 -23.92
CA TYR G 68 12.76 37.46 -24.21
C TYR G 68 11.95 36.82 -23.08
N GLU G 69 12.45 36.92 -21.85
CA GLU G 69 11.66 36.49 -20.70
C GLU G 69 10.47 37.39 -20.49
N ARG G 70 10.60 38.67 -20.83
CA ARG G 70 9.53 39.64 -20.63
C ARG G 70 8.41 39.49 -21.65
N ASP G 71 8.62 38.77 -22.74
CA ASP G 71 7.61 38.63 -23.77
C ASP G 71 6.92 37.27 -23.77
N GLY G 72 7.56 36.24 -23.24
CA GLY G 72 6.92 34.97 -23.02
C GLY G 72 7.55 33.84 -23.80
N LEU G 73 6.87 32.69 -23.79
CA LEU G 73 7.38 31.51 -24.47
C LEU G 73 7.23 31.61 -25.97
N LYS G 74 6.13 32.23 -26.44
CA LYS G 74 5.92 32.38 -27.87
C LYS G 74 7.04 33.18 -28.50
N GLU G 75 7.47 34.26 -27.84
CA GLU G 75 8.58 35.05 -28.34
C GLU G 75 9.88 34.26 -28.33
N LYS G 76 10.11 33.45 -27.30
CA LYS G 76 11.33 32.65 -27.27
C LYS G 76 11.36 31.66 -28.42
N VAL G 77 10.24 31.00 -28.70
CA VAL G 77 10.21 30.06 -29.82
C VAL G 77 10.39 30.78 -31.15
N TYR G 78 9.71 31.92 -31.31
CA TYR G 78 9.85 32.68 -32.56
C TYR G 78 11.29 33.12 -32.76
N GLN G 79 11.94 33.61 -31.71
CA GLN G 79 13.30 34.09 -31.85
C GLN G 79 14.28 32.95 -32.04
N MET G 80 14.01 31.77 -31.47
CA MET G 80 14.86 30.62 -31.74
C MET G 80 14.81 30.25 -33.22
N LEU G 81 13.61 30.15 -33.80
CA LEU G 81 13.52 29.86 -35.22
C LEU G 81 14.15 30.95 -36.06
N GLN G 82 13.91 32.21 -35.69
CA GLN G 82 14.44 33.32 -36.47
C GLN G 82 15.96 33.34 -36.44
N LYS G 83 16.56 33.10 -35.28
CA LYS G 83 18.01 33.11 -35.18
C LYS G 83 18.61 31.90 -35.91
N TRP G 84 17.90 30.77 -35.93
CA TRP G 84 18.35 29.68 -36.78
C TRP G 84 18.36 30.09 -38.25
N LEU G 85 17.32 30.79 -38.69
CA LEU G 85 17.28 31.25 -40.07
C LEU G 85 18.41 32.22 -40.38
N MET G 86 18.67 33.17 -39.48
CA MET G 86 19.77 34.11 -39.71
C MET G 86 21.11 33.39 -39.74
N ARG G 87 21.32 32.44 -38.83
CA ARG G 87 22.58 31.72 -38.80
C ARG G 87 22.80 30.90 -40.06
N GLU G 88 21.75 30.25 -40.57
CA GLU G 88 21.91 29.36 -41.71
C GLU G 88 21.76 30.06 -43.05
N GLY G 89 21.28 31.29 -43.09
CA GLY G 89 21.13 31.91 -44.38
C GLY G 89 20.04 31.21 -45.19
N THR G 90 20.17 31.32 -46.52
CA THR G 90 19.28 30.59 -47.41
C THR G 90 19.88 29.26 -47.83
N LYS G 91 21.20 29.10 -47.71
CA LYS G 91 21.84 27.84 -48.09
C LYS G 91 21.62 26.77 -47.03
N GLY G 92 21.51 27.15 -45.76
CA GLY G 92 21.36 26.18 -44.69
C GLY G 92 19.94 26.01 -44.22
N ALA G 93 19.12 27.05 -44.34
CA ALA G 93 17.72 26.97 -43.92
C ALA G 93 16.95 26.14 -44.95
N THR G 94 17.28 24.86 -44.99
CA THR G 94 16.65 23.92 -45.90
C THR G 94 15.63 23.08 -45.15
N VAL G 95 14.68 22.50 -45.91
CA VAL G 95 13.69 21.62 -45.31
C VAL G 95 14.34 20.37 -44.76
N GLY G 96 15.38 19.87 -45.42
CA GLY G 96 16.00 18.63 -44.98
C GLY G 96 16.61 18.74 -43.59
N LYS G 97 17.36 19.82 -43.35
CA LYS G 97 18.00 19.98 -42.04
C LYS G 97 16.98 20.24 -40.94
N LEU G 98 15.95 21.03 -41.23
CA LEU G 98 14.88 21.23 -40.25
C LEU G 98 14.16 19.93 -39.95
N ALA G 99 13.90 19.11 -40.97
CA ALA G 99 13.25 17.82 -40.75
C ALA G 99 14.12 16.91 -39.90
N GLN G 100 15.42 16.88 -40.17
CA GLN G 100 16.32 16.07 -39.37
C GLN G 100 16.34 16.54 -37.91
N ALA G 101 16.42 17.86 -37.71
CA ALA G 101 16.45 18.41 -36.36
C ALA G 101 15.17 18.11 -35.61
N LEU G 102 14.02 18.23 -36.27
CA LEU G 102 12.76 17.89 -35.64
C LEU G 102 12.64 16.40 -35.35
N HIS G 103 13.19 15.56 -36.23
CA HIS G 103 13.15 14.13 -35.99
C HIS G 103 13.97 13.76 -34.76
N GLN G 104 15.16 14.33 -34.62
CA GLN G 104 15.95 14.06 -33.42
C GLN G 104 15.29 14.65 -32.18
N CYS G 105 14.66 15.82 -32.31
CA CYS G 105 13.91 16.44 -31.21
C CYS G 105 12.64 15.69 -30.87
N CYS G 106 12.22 14.73 -31.70
CA CYS G 106 10.98 13.96 -31.59
C CYS G 106 9.75 14.80 -31.87
N ARG G 107 9.90 16.04 -32.30
CA ARG G 107 8.77 16.87 -32.71
C ARG G 107 8.54 16.80 -34.22
N ILE G 108 8.46 15.58 -34.77
CA ILE G 108 8.24 15.44 -36.21
C ILE G 108 6.82 15.74 -36.62
N ASP G 109 5.90 15.86 -35.66
CA ASP G 109 4.52 16.15 -36.01
C ASP G 109 4.41 17.49 -36.72
N LEU G 110 5.18 18.49 -36.28
CA LEU G 110 5.12 19.83 -36.83
C LEU G 110 5.31 19.81 -38.34
N LEU G 111 6.51 19.42 -38.77
CA LEU G 111 6.83 19.49 -40.19
C LEU G 111 6.10 18.40 -40.96
N ASN G 112 5.92 17.22 -40.34
CA ASN G 112 5.22 16.13 -41.02
C ASN G 112 3.79 16.53 -41.38
N HIS G 113 3.08 17.15 -40.45
CA HIS G 113 1.74 17.63 -40.76
C HIS G 113 1.78 18.77 -41.75
N LEU G 114 2.61 19.79 -41.48
CA LEU G 114 2.59 20.99 -42.30
C LEU G 114 2.87 20.69 -43.77
N ILE G 115 3.95 19.95 -44.05
CA ILE G 115 4.39 19.81 -45.44
C ILE G 115 3.60 18.71 -46.13
N ARG G 116 3.50 17.53 -45.52
CA ARG G 116 2.85 16.41 -46.19
C ARG G 116 1.32 16.53 -46.18
N ALA G 117 0.72 17.02 -45.10
CA ALA G 117 -0.74 17.11 -45.06
C ALA G 117 -1.25 18.21 -45.98
N SER G 118 -0.55 19.33 -46.05
CA SER G 118 -0.98 20.45 -46.89
C SER G 118 -0.33 20.37 -48.27
N THR H 32 32.81 14.44 -25.84
CA THR H 32 32.22 14.73 -27.14
C THR H 32 30.70 14.60 -27.09
N ASP H 33 30.04 15.07 -28.14
CA ASP H 33 28.58 15.01 -28.18
C ASP H 33 28.08 13.58 -28.28
N GLU H 34 28.78 12.73 -29.06
CA GLU H 34 28.36 11.34 -29.18
C GLU H 34 28.66 10.55 -27.92
N HIS H 35 29.67 10.96 -27.15
CA HIS H 35 30.01 10.27 -25.91
C HIS H 35 29.10 10.66 -24.75
N LEU H 36 28.24 11.66 -24.94
CA LEU H 36 27.41 12.16 -23.86
C LEU H 36 25.93 12.20 -24.18
N ASN H 37 25.55 12.09 -25.46
CA ASN H 37 24.13 12.09 -25.79
C ASN H 37 23.36 10.94 -25.17
N PRO H 38 23.83 9.68 -25.23
CA PRO H 38 23.06 8.63 -24.54
C PRO H 38 22.93 8.83 -23.05
N ILE H 39 23.94 9.39 -22.39
CA ILE H 39 23.82 9.65 -20.96
C ILE H 39 22.79 10.73 -20.69
N ARG H 40 22.77 11.78 -21.51
CA ARG H 40 21.76 12.83 -21.34
C ARG H 40 20.36 12.29 -21.60
N GLU H 41 20.21 11.44 -22.62
CA GLU H 41 18.89 11.00 -23.03
C GLU H 41 18.33 9.90 -22.14
N ASN H 42 19.18 9.05 -21.57
CA ASN H 42 18.71 7.84 -20.89
C ASN H 42 19.09 7.79 -19.42
N LEU H 43 19.36 8.93 -18.79
CA LEU H 43 19.74 8.84 -17.38
C LEU H 43 18.50 8.85 -16.48
N GLY H 44 17.66 9.88 -16.60
CA GLY H 44 16.35 9.85 -16.00
C GLY H 44 16.24 10.22 -14.54
N ARG H 45 15.43 9.46 -13.81
CA ARG H 45 15.01 9.83 -12.46
C ARG H 45 16.15 9.79 -11.45
N GLN H 46 17.26 9.11 -11.76
CA GLN H 46 18.38 8.96 -10.85
C GLN H 46 19.41 10.06 -10.99
N TRP H 47 19.00 11.24 -11.46
CA TRP H 47 19.96 12.30 -11.72
C TRP H 47 20.54 12.86 -10.43
N LYS H 48 19.76 12.90 -9.34
CA LYS H 48 20.31 13.37 -8.08
C LYS H 48 21.39 12.44 -7.55
N ASN H 49 21.16 11.13 -7.62
CA ASN H 49 22.19 10.19 -7.21
C ASN H 49 23.43 10.28 -8.08
N CYS H 50 23.24 10.39 -9.40
CA CYS H 50 24.40 10.53 -10.29
C CYS H 50 25.16 11.81 -10.00
N ALA H 51 24.45 12.90 -9.72
CA ALA H 51 25.11 14.16 -9.39
C ALA H 51 25.90 14.05 -8.10
N ARG H 52 25.33 13.37 -7.10
CA ARG H 52 26.05 13.18 -5.85
C ARG H 52 27.32 12.36 -6.07
N LYS H 53 27.24 11.33 -6.92
CA LYS H 53 28.43 10.55 -7.21
C LYS H 53 29.42 11.30 -8.09
N LEU H 54 28.97 12.37 -8.76
CA LEU H 54 29.84 13.17 -9.62
C LEU H 54 30.48 14.34 -8.89
N GLY H 55 30.24 14.49 -7.59
CA GLY H 55 30.87 15.53 -6.81
C GLY H 55 30.05 16.79 -6.60
N PHE H 56 28.77 16.77 -6.94
CA PHE H 56 27.92 17.93 -6.73
C PHE H 56 27.54 18.05 -5.26
N THR H 57 27.68 19.25 -4.72
CA THR H 57 27.19 19.49 -3.36
C THR H 57 25.66 19.54 -3.37
N GLU H 58 25.08 19.47 -2.18
CA GLU H 58 23.63 19.49 -2.08
C GLU H 58 23.05 20.80 -2.56
N SER H 59 23.76 21.90 -2.33
CA SER H 59 23.28 23.19 -2.81
C SER H 59 23.24 23.24 -4.33
N GLN H 60 24.24 22.66 -5.00
CA GLN H 60 24.25 22.66 -6.45
C GLN H 60 23.09 21.84 -7.02
N ILE H 61 22.79 20.70 -6.37
CA ILE H 61 21.64 19.91 -6.78
C ILE H 61 20.35 20.68 -6.55
N ASP H 62 20.28 21.44 -5.45
CA ASP H 62 19.11 22.29 -5.21
C ASP H 62 18.97 23.35 -6.29
N GLU H 63 20.07 23.95 -6.71
CA GLU H 63 20.01 24.96 -7.77
C GLU H 63 19.56 24.35 -9.09
N ILE H 64 20.06 23.17 -9.43
CA ILE H 64 19.62 22.53 -10.66
C ILE H 64 18.14 22.17 -10.59
N ASP H 65 17.70 21.67 -9.42
CA ASP H 65 16.30 21.30 -9.25
C ASP H 65 15.38 22.50 -9.30
N HIS H 66 15.85 23.65 -8.82
CA HIS H 66 15.00 24.83 -8.70
C HIS H 66 14.97 25.63 -9.99
N ASP H 67 16.14 25.87 -10.60
CA ASP H 67 16.21 26.73 -11.78
C ASP H 67 15.46 26.13 -12.95
N TYR H 68 15.61 24.83 -13.19
CA TYR H 68 15.05 24.17 -14.37
C TYR H 68 13.82 23.34 -14.05
N GLU H 69 13.07 23.74 -13.02
CA GLU H 69 11.78 23.10 -12.74
C GLU H 69 10.79 23.40 -13.85
N ARG H 70 10.89 24.58 -14.45
CA ARG H 70 9.95 24.99 -15.49
C ARG H 70 10.19 24.29 -16.82
N ASP H 71 11.34 23.65 -17.00
CA ASP H 71 11.66 23.00 -18.26
C ASP H 71 11.54 21.47 -18.21
N GLY H 72 11.68 20.88 -17.03
CA GLY H 72 11.39 19.47 -16.85
C GLY H 72 12.59 18.69 -16.40
N LEU H 73 12.44 17.36 -16.42
CA LEU H 73 13.50 16.48 -15.97
C LEU H 73 14.63 16.37 -17.00
N LYS H 74 14.29 16.41 -18.28
CA LYS H 74 15.31 16.34 -19.31
C LYS H 74 16.28 17.50 -19.20
N GLU H 75 15.75 18.71 -18.95
CA GLU H 75 16.61 19.87 -18.77
C GLU H 75 17.47 19.73 -17.52
N LYS H 76 16.92 19.19 -16.44
CA LYS H 76 17.71 19.01 -15.22
C LYS H 76 18.86 18.05 -15.46
N VAL H 77 18.62 16.94 -16.16
CA VAL H 77 19.69 16.00 -16.45
C VAL H 77 20.73 16.62 -17.38
N TYR H 78 20.26 17.32 -18.41
CA TYR H 78 21.21 17.97 -19.34
C TYR H 78 22.08 18.97 -18.61
N GLN H 79 21.48 19.79 -17.73
CA GLN H 79 22.24 20.81 -17.03
C GLN H 79 23.15 20.20 -15.98
N MET H 80 22.77 19.08 -15.37
CA MET H 80 23.68 18.39 -14.46
C MET H 80 24.94 17.93 -15.19
N LEU H 81 24.77 17.26 -16.35
CA LEU H 81 25.94 16.85 -17.11
C LEU H 81 26.75 18.04 -17.59
N GLN H 82 26.07 19.09 -18.06
CA GLN H 82 26.77 20.26 -18.57
C GLN H 82 27.57 20.95 -17.47
N LYS H 83 27.00 21.09 -16.27
CA LYS H 83 27.72 21.73 -15.19
C LYS H 83 28.87 20.86 -14.70
N TRP H 84 28.72 19.54 -14.77
CA TRP H 84 29.88 18.69 -14.49
C TRP H 84 31.00 18.95 -15.49
N LEU H 85 30.65 19.09 -16.77
CA LEU H 85 31.66 19.37 -17.78
C LEU H 85 32.34 20.71 -17.53
N MET H 86 31.56 21.75 -17.22
CA MET H 86 32.16 23.05 -16.94
C MET H 86 33.06 22.99 -15.71
N ARG H 87 32.63 22.30 -14.66
CA ARG H 87 33.43 22.22 -13.45
C ARG H 87 34.74 21.49 -13.70
N GLU H 88 34.70 20.40 -14.47
CA GLU H 88 35.89 19.58 -14.66
C GLU H 88 36.77 20.04 -15.82
N GLY H 89 36.29 20.93 -16.68
CA GLY H 89 37.14 21.32 -17.78
C GLY H 89 37.35 20.15 -18.74
N THR H 90 38.48 20.20 -19.45
CA THR H 90 38.85 19.09 -20.30
C THR H 90 39.80 18.13 -19.59
N LYS H 91 40.46 18.58 -18.52
CA LYS H 91 41.35 17.70 -17.78
C LYS H 91 40.58 16.73 -16.89
N GLY H 92 39.41 17.12 -16.40
CA GLY H 92 38.66 16.27 -15.49
C GLY H 92 37.53 15.52 -16.16
N ALA H 93 36.97 16.09 -17.23
CA ALA H 93 35.89 15.43 -17.96
C ALA H 93 36.46 14.27 -18.77
N THR H 94 36.93 13.26 -18.05
CA THR H 94 37.51 12.08 -18.64
C THR H 94 36.51 10.93 -18.61
N VAL H 95 36.73 9.96 -19.48
CA VAL H 95 35.87 8.77 -19.50
C VAL H 95 36.02 7.97 -18.21
N GLY H 96 37.22 7.94 -17.65
CA GLY H 96 37.44 7.13 -16.45
C GLY H 96 36.63 7.61 -15.27
N LYS H 97 36.63 8.92 -15.02
CA LYS H 97 35.89 9.44 -13.88
C LYS H 97 34.38 9.32 -14.08
N LEU H 98 33.90 9.54 -15.31
CA LEU H 98 32.48 9.33 -15.58
C LEU H 98 32.09 7.88 -15.40
N ALA H 99 32.95 6.96 -15.84
CA ALA H 99 32.67 5.54 -15.67
C ALA H 99 32.62 5.17 -14.20
N GLN H 100 33.57 5.69 -13.40
CA GLN H 100 33.56 5.42 -11.97
C GLN H 100 32.29 5.97 -11.31
N ALA H 101 31.91 7.19 -11.67
CA ALA H 101 30.72 7.81 -11.08
C ALA H 101 29.47 7.03 -11.45
N LEU H 102 29.36 6.58 -12.70
CA LEU H 102 28.22 5.78 -13.10
C LEU H 102 28.22 4.41 -12.43
N HIS H 103 29.40 3.83 -12.21
CA HIS H 103 29.46 2.55 -11.51
C HIS H 103 28.99 2.67 -10.08
N GLN H 104 29.41 3.72 -9.37
CA GLN H 104 28.91 3.93 -8.01
C GLN H 104 27.42 4.26 -8.01
N CYS H 105 26.95 5.02 -9.00
CA CYS H 105 25.53 5.33 -9.16
C CYS H 105 24.70 4.13 -9.56
N CYS H 106 25.35 3.02 -9.95
CA CYS H 106 24.73 1.80 -10.47
C CYS H 106 24.11 1.98 -11.85
N ARG H 107 24.31 3.13 -12.49
CA ARG H 107 23.86 3.34 -13.86
C ARG H 107 24.98 3.05 -14.86
N ILE H 108 25.62 1.89 -14.74
CA ILE H 108 26.71 1.56 -15.67
C ILE H 108 26.20 1.17 -17.04
N ASP H 109 24.90 0.94 -17.20
CA ASP H 109 24.36 0.57 -18.50
C ASP H 109 24.62 1.67 -19.52
N LEU H 110 24.49 2.93 -19.12
CA LEU H 110 24.65 4.06 -20.01
C LEU H 110 25.97 4.00 -20.74
N LEU H 111 27.06 4.16 -19.98
CA LEU H 111 28.38 4.24 -20.59
C LEU H 111 28.81 2.88 -21.12
N ASN H 112 28.46 1.80 -20.42
CA ASN H 112 28.84 0.46 -20.87
C ASN H 112 28.27 0.17 -22.25
N HIS H 113 27.00 0.48 -22.47
CA HIS H 113 26.42 0.30 -23.80
C HIS H 113 27.03 1.26 -24.80
N LEU H 114 27.07 2.56 -24.46
CA LEU H 114 27.49 3.57 -25.43
C LEU H 114 28.89 3.29 -25.95
N ILE H 115 29.85 3.10 -25.05
CA ILE H 115 31.25 3.05 -25.47
C ILE H 115 31.61 1.67 -26.01
N ARG H 116 31.30 0.62 -25.25
CA ARG H 116 31.70 -0.72 -25.65
C ARG H 116 30.84 -1.29 -26.77
N ALA H 117 29.53 -1.03 -26.78
CA ALA H 117 28.68 -1.59 -27.83
C ALA H 117 28.93 -0.91 -29.17
N SER H 118 29.15 0.41 -29.16
CA SER H 118 29.38 1.15 -30.39
C SER H 118 30.88 1.26 -30.69
N THR I 32 -19.49 39.57 -19.05
CA THR I 32 -19.42 40.63 -18.05
C THR I 32 -18.55 40.20 -16.88
N ASP I 33 -18.22 41.17 -16.02
CA ASP I 33 -17.38 40.88 -14.87
C ASP I 33 -18.08 39.96 -13.87
N GLU I 34 -19.39 40.19 -13.66
CA GLU I 34 -20.13 39.35 -12.72
C GLU I 34 -20.37 37.95 -13.29
N HIS I 35 -20.41 37.82 -14.62
CA HIS I 35 -20.62 36.51 -15.23
C HIS I 35 -19.36 35.68 -15.30
N LEU I 36 -18.21 36.27 -14.95
CA LEU I 36 -16.93 35.59 -15.08
C LEU I 36 -16.11 35.56 -13.80
N ASN I 37 -16.44 36.39 -12.81
CA ASN I 37 -15.68 36.37 -11.57
C ASN I 37 -15.75 35.03 -10.85
N PRO I 38 -16.92 34.39 -10.68
CA PRO I 38 -16.91 33.07 -10.03
C PRO I 38 -16.10 32.02 -10.77
N ILE I 39 -16.09 32.06 -12.11
CA ILE I 39 -15.30 31.11 -12.87
C ILE I 39 -13.82 31.35 -12.65
N ARG I 40 -13.40 32.62 -12.62
CA ARG I 40 -12.00 32.94 -12.37
C ARG I 40 -11.59 32.53 -10.96
N GLU I 41 -12.46 32.76 -9.98
CA GLU I 41 -12.10 32.53 -8.59
C GLU I 41 -12.16 31.07 -8.19
N ASN I 42 -13.05 30.28 -8.80
CA ASN I 42 -13.32 28.93 -8.31
C ASN I 42 -13.02 27.84 -9.34
N LEU I 43 -12.18 28.11 -10.32
CA LEU I 43 -11.93 27.05 -11.31
C LEU I 43 -10.81 26.14 -10.84
N GLY I 44 -9.63 26.69 -10.55
CA GLY I 44 -8.60 25.95 -9.86
C GLY I 44 -7.73 25.04 -10.69
N ARG I 45 -7.46 23.85 -10.14
CA ARG I 45 -6.43 22.97 -10.67
C ARG I 45 -6.78 22.38 -12.04
N GLN I 46 -8.05 22.44 -12.44
CA GLN I 46 -8.49 21.87 -13.71
C GLN I 46 -8.43 22.86 -14.86
N TRP I 47 -7.55 23.86 -14.77
CA TRP I 47 -7.53 24.90 -15.79
C TRP I 47 -7.01 24.37 -17.12
N LYS I 48 -6.09 23.41 -17.10
CA LYS I 48 -5.62 22.85 -18.36
C LYS I 48 -6.73 22.10 -19.08
N ASN I 49 -7.51 21.30 -18.35
CA ASN I 49 -8.63 20.60 -18.97
C ASN I 49 -9.68 21.57 -19.49
N CYS I 50 -9.98 22.61 -18.72
CA CYS I 50 -10.95 23.61 -19.18
C CYS I 50 -10.45 24.32 -20.42
N ALA I 51 -9.15 24.64 -20.46
CA ALA I 51 -8.57 25.30 -21.62
C ALA I 51 -8.64 24.39 -22.85
N ARG I 52 -8.37 23.10 -22.67
CA ARG I 52 -8.47 22.17 -23.79
C ARG I 52 -9.90 22.09 -24.30
N LYS I 53 -10.88 22.09 -23.39
CA LYS I 53 -12.27 22.08 -23.83
C LYS I 53 -12.70 23.41 -24.43
N LEU I 54 -11.96 24.49 -24.18
CA LEU I 54 -12.27 25.80 -24.70
C LEU I 54 -11.60 26.09 -26.03
N GLY I 55 -10.85 25.14 -26.58
CA GLY I 55 -10.22 25.31 -27.87
C GLY I 55 -8.78 25.76 -27.86
N PHE I 56 -8.13 25.75 -26.70
CA PHE I 56 -6.72 26.14 -26.63
C PHE I 56 -5.85 25.01 -27.16
N THR I 57 -4.90 25.35 -28.02
CA THR I 57 -3.92 24.37 -28.44
C THR I 57 -2.93 24.09 -27.31
N GLU I 58 -2.16 23.02 -27.46
CA GLU I 58 -1.21 22.67 -26.41
C GLU I 58 -0.13 23.73 -26.25
N SER I 59 0.26 24.38 -27.34
CA SER I 59 1.26 25.43 -27.25
C SER I 59 0.73 26.62 -26.46
N GLN I 60 -0.55 26.97 -26.63
CA GLN I 60 -1.11 28.09 -25.88
C GLN I 60 -1.17 27.77 -24.39
N ILE I 61 -1.51 26.54 -24.05
CA ILE I 61 -1.48 26.13 -22.64
C ILE I 61 -0.07 26.17 -22.10
N ASP I 62 0.92 25.78 -22.92
CA ASP I 62 2.31 25.88 -22.49
C ASP I 62 2.71 27.32 -22.24
N GLU I 63 2.27 28.24 -23.10
CA GLU I 63 2.60 29.65 -22.91
C GLU I 63 1.95 30.20 -21.64
N ILE I 64 0.70 29.83 -21.37
CA ILE I 64 0.06 30.30 -20.14
C ILE I 64 0.77 29.72 -18.92
N ASP I 65 1.15 28.45 -18.99
CA ASP I 65 1.82 27.79 -17.87
C ASP I 65 3.21 28.38 -17.64
N HIS I 66 3.88 28.81 -18.70
CA HIS I 66 5.25 29.28 -18.59
C HIS I 66 5.32 30.76 -18.20
N ASP I 67 4.52 31.60 -18.88
CA ASP I 67 4.61 33.04 -18.66
C ASP I 67 4.22 33.42 -17.25
N TYR I 68 3.16 32.83 -16.71
CA TYR I 68 2.61 33.22 -15.43
C TYR I 68 2.93 32.21 -14.33
N GLU I 69 4.06 31.53 -14.45
CA GLU I 69 4.52 30.67 -13.37
C GLU I 69 4.92 31.49 -12.16
N ARG I 70 5.44 32.70 -12.38
CA ARG I 70 5.90 33.57 -11.31
C ARG I 70 4.76 34.19 -10.52
N ASP I 71 3.54 34.17 -11.04
CA ASP I 71 2.41 34.80 -10.36
C ASP I 71 1.47 33.80 -9.71
N GLY I 72 1.43 32.56 -10.18
CA GLY I 72 0.71 31.50 -9.48
C GLY I 72 -0.39 30.92 -10.32
N LEU I 73 -1.22 30.10 -9.67
CA LEU I 73 -2.30 29.42 -10.36
C LEU I 73 -3.47 30.36 -10.63
N LYS I 74 -3.72 31.30 -9.73
CA LYS I 74 -4.80 32.25 -9.94
C LYS I 74 -4.57 33.07 -11.19
N GLU I 75 -3.33 33.51 -11.40
CA GLU I 75 -3.00 34.25 -12.61
C GLU I 75 -3.15 33.39 -13.85
N LYS I 76 -2.76 32.12 -13.78
CA LYS I 76 -2.90 31.24 -14.93
C LYS I 76 -4.36 31.07 -15.31
N VAL I 77 -5.24 30.88 -14.32
CA VAL I 77 -6.66 30.73 -14.60
C VAL I 77 -7.23 32.03 -15.16
N TYR I 78 -6.87 33.17 -14.56
CA TYR I 78 -7.36 34.44 -15.04
C TYR I 78 -6.94 34.68 -16.48
N GLN I 79 -5.68 34.39 -16.80
CA GLN I 79 -5.19 34.62 -18.15
C GLN I 79 -5.77 33.64 -19.14
N MET I 80 -6.07 32.42 -18.72
CA MET I 80 -6.75 31.48 -19.61
C MET I 80 -8.13 32.01 -19.99
N LEU I 81 -8.91 32.44 -19.01
CA LEU I 81 -10.22 33.01 -19.32
C LEU I 81 -10.09 34.27 -20.17
N GLN I 82 -9.14 35.13 -19.84
CA GLN I 82 -8.96 36.38 -20.57
C GLN I 82 -8.58 36.12 -22.01
N LYS I 83 -7.66 35.18 -22.25
CA LYS I 83 -7.26 34.88 -23.62
C LYS I 83 -8.37 34.22 -24.39
N TRP I 84 -9.22 33.42 -23.73
CA TRP I 84 -10.41 32.92 -24.41
C TRP I 84 -11.31 34.07 -24.83
N LEU I 85 -11.49 35.06 -23.96
CA LEU I 85 -12.31 36.21 -24.33
C LEU I 85 -11.73 36.98 -25.50
N MET I 86 -10.42 37.22 -25.48
CA MET I 86 -9.79 37.93 -26.61
C MET I 86 -9.93 37.13 -27.89
N ARG I 87 -9.72 35.81 -27.83
CA ARG I 87 -9.81 35.00 -29.04
C ARG I 87 -11.22 35.00 -29.61
N GLU I 88 -12.23 34.92 -28.74
CA GLU I 88 -13.61 34.80 -29.22
C GLU I 88 -14.28 36.14 -29.47
N GLY I 89 -13.71 37.26 -29.02
CA GLY I 89 -14.40 38.50 -29.24
C GLY I 89 -15.69 38.56 -28.44
N THR I 90 -16.63 39.37 -28.96
CA THR I 90 -17.95 39.41 -28.36
C THR I 90 -18.93 38.46 -29.05
N LYS I 91 -18.60 38.05 -30.28
CA LYS I 91 -19.48 37.12 -30.99
C LYS I 91 -19.32 35.69 -30.49
N GLY I 92 -18.14 35.32 -30.01
CA GLY I 92 -17.90 33.96 -29.57
C GLY I 92 -17.96 33.79 -28.07
N ALA I 93 -17.65 34.84 -27.31
CA ALA I 93 -17.70 34.78 -25.85
C ALA I 93 -19.16 34.80 -25.40
N THR I 94 -19.86 33.72 -25.74
CA THR I 94 -21.26 33.57 -25.40
C THR I 94 -21.40 32.64 -24.20
N VAL I 95 -22.54 32.75 -23.52
CA VAL I 95 -22.82 31.87 -22.39
C VAL I 95 -22.97 30.43 -22.85
N GLY I 96 -23.53 30.21 -24.05
CA GLY I 96 -23.76 28.85 -24.51
C GLY I 96 -22.47 28.07 -24.70
N LYS I 97 -21.47 28.69 -25.34
CA LYS I 97 -20.21 27.98 -25.58
C LYS I 97 -19.44 27.76 -24.29
N LEU I 98 -19.46 28.75 -23.38
CA LEU I 98 -18.83 28.54 -22.08
C LEU I 98 -19.50 27.44 -21.30
N ALA I 99 -20.84 27.38 -21.35
CA ALA I 99 -21.57 26.31 -20.67
C ALA I 99 -21.23 24.95 -21.25
N GLN I 100 -21.15 24.86 -22.58
CA GLN I 100 -20.78 23.59 -23.20
C GLN I 100 -19.37 23.18 -22.80
N ALA I 101 -18.43 24.13 -22.82
CA ALA I 101 -17.05 23.82 -22.47
C ALA I 101 -16.94 23.37 -21.02
N LEU I 102 -17.67 24.03 -20.11
CA LEU I 102 -17.65 23.61 -18.72
C LEU I 102 -18.32 22.26 -18.53
N HIS I 103 -19.37 21.97 -19.30
CA HIS I 103 -20.02 20.67 -19.19
C HIS I 103 -19.08 19.55 -19.63
N GLN I 104 -18.36 19.74 -20.73
CA GLN I 104 -17.39 18.73 -21.14
C GLN I 104 -16.24 18.63 -20.14
N CYS I 105 -15.80 19.76 -19.58
CA CYS I 105 -14.77 19.78 -18.55
C CYS I 105 -15.23 19.19 -17.23
N CYS I 106 -16.53 18.94 -17.07
CA CYS I 106 -17.18 18.46 -15.86
C CYS I 106 -17.21 19.50 -14.75
N ARG I 107 -16.79 20.74 -15.02
CA ARG I 107 -16.90 21.82 -14.05
C ARG I 107 -18.17 22.64 -14.27
N ILE I 108 -19.32 21.96 -14.35
CA ILE I 108 -20.58 22.68 -14.57
C ILE I 108 -21.06 23.39 -13.32
N ASP I 109 -20.45 23.11 -12.16
CA ASP I 109 -20.88 23.78 -10.93
C ASP I 109 -20.69 25.28 -11.03
N LEU I 110 -19.58 25.71 -11.65
CA LEU I 110 -19.25 27.13 -11.75
C LEU I 110 -20.40 27.91 -12.36
N LEU I 111 -20.68 27.64 -13.63
CA LEU I 111 -21.68 28.43 -14.34
C LEU I 111 -23.08 28.08 -13.86
N ASN I 112 -23.32 26.82 -13.53
CA ASN I 112 -24.64 26.42 -13.06
C ASN I 112 -25.03 27.17 -11.79
N HIS I 113 -24.11 27.29 -10.83
CA HIS I 113 -24.38 28.06 -9.64
C HIS I 113 -24.49 29.55 -9.96
N LEU I 114 -23.50 30.09 -10.69
CA LEU I 114 -23.45 31.53 -10.90
C LEU I 114 -24.71 32.05 -11.59
N ILE I 115 -25.10 31.43 -12.71
CA ILE I 115 -26.16 32.00 -13.53
C ILE I 115 -27.53 31.64 -12.97
N ARG I 116 -27.75 30.35 -12.70
CA ARG I 116 -29.07 29.91 -12.26
C ARG I 116 -29.37 30.25 -10.81
N ALA I 117 -28.37 30.16 -9.92
CA ALA I 117 -28.63 30.44 -8.51
C ALA I 117 -28.83 31.94 -8.28
N SER I 118 -28.07 32.77 -8.97
CA SER I 118 -28.18 34.23 -8.81
C SER I 118 -29.15 34.83 -9.82
N THR J 32 -7.29 12.03 -35.08
CA THR J 32 -8.27 13.09 -34.87
C THR J 32 -8.67 13.20 -33.41
N ASP J 33 -9.37 14.27 -33.07
CA ASP J 33 -9.78 14.49 -31.69
C ASP J 33 -10.79 13.44 -31.24
N GLU J 34 -11.73 13.08 -32.12
CA GLU J 34 -12.72 12.08 -31.77
C GLU J 34 -12.12 10.68 -31.69
N HIS J 35 -11.05 10.43 -32.44
CA HIS J 35 -10.41 9.13 -32.41
C HIS J 35 -9.48 8.95 -31.22
N LEU J 36 -9.26 10.02 -30.45
CA LEU J 36 -8.31 9.96 -29.34
C LEU J 36 -8.88 10.41 -28.01
N ASN J 37 -10.03 11.08 -28.01
CA ASN J 37 -10.63 11.51 -26.74
C ASN J 37 -10.98 10.35 -25.83
N PRO J 38 -11.64 9.27 -26.29
CA PRO J 38 -11.90 8.15 -25.37
C PRO J 38 -10.64 7.51 -24.81
N ILE J 39 -9.57 7.45 -25.59
CA ILE J 39 -8.32 6.88 -25.08
C ILE J 39 -7.73 7.79 -24.01
N ARG J 40 -7.77 9.10 -24.22
CA ARG J 40 -7.27 10.03 -23.21
C ARG J 40 -8.10 9.96 -21.94
N GLU J 41 -9.42 9.86 -22.08
CA GLU J 41 -10.31 9.94 -20.93
C GLU J 41 -10.38 8.64 -20.15
N ASN J 42 -10.22 7.49 -20.80
CA ASN J 42 -10.50 6.21 -20.16
C ASN J 42 -9.29 5.29 -20.10
N LEU J 43 -8.07 5.82 -20.19
CA LEU J 43 -6.93 4.91 -20.14
C LEU J 43 -6.51 4.62 -18.71
N GLY J 44 -6.20 5.67 -17.94
CA GLY J 44 -6.06 5.52 -16.50
C GLY J 44 -4.72 5.03 -16.00
N ARG J 45 -4.78 4.14 -15.01
CA ARG J 45 -3.61 3.76 -14.22
C ARG J 45 -2.57 2.97 -15.03
N GLN J 46 -2.96 2.42 -16.19
CA GLN J 46 -2.06 1.61 -17.00
C GLN J 46 -1.29 2.43 -18.02
N TRP J 47 -1.08 3.72 -17.76
CA TRP J 47 -0.45 4.56 -18.76
C TRP J 47 1.03 4.22 -18.94
N LYS J 48 1.71 3.77 -17.89
CA LYS J 48 3.10 3.37 -18.05
C LYS J 48 3.22 2.14 -18.95
N ASN J 49 2.37 1.15 -18.75
CA ASN J 49 2.38 -0.02 -19.62
C ASN J 49 2.04 0.33 -21.05
N CYS J 50 1.04 1.19 -21.25
CA CYS J 50 0.68 1.60 -22.60
C CYS J 50 1.82 2.37 -23.25
N ALA J 51 2.51 3.22 -22.49
CA ALA J 51 3.64 3.97 -23.03
C ALA J 51 4.77 3.02 -23.42
N ARG J 52 5.03 2.01 -22.59
CA ARG J 52 6.06 1.05 -22.93
C ARG J 52 5.72 0.29 -24.20
N LYS J 53 4.45 -0.08 -24.37
CA LYS J 53 4.03 -0.74 -25.60
C LYS J 53 4.01 0.21 -26.79
N LEU J 54 4.00 1.52 -26.56
CA LEU J 54 4.00 2.51 -27.63
C LEU J 54 5.39 2.95 -28.04
N GLY J 55 6.43 2.39 -27.44
CA GLY J 55 7.79 2.72 -27.81
C GLY J 55 8.49 3.75 -26.96
N PHE J 56 7.91 4.14 -25.84
CA PHE J 56 8.55 5.11 -24.96
C PHE J 56 9.68 4.45 -24.19
N THR J 57 10.83 5.11 -24.15
CA THR J 57 11.91 4.64 -23.30
C THR J 57 11.59 4.93 -21.84
N GLU J 58 12.35 4.31 -20.95
CA GLU J 58 12.09 4.49 -19.53
C GLU J 58 12.34 5.94 -19.11
N SER J 59 13.32 6.59 -19.72
CA SER J 59 13.59 7.99 -19.41
C SER J 59 12.41 8.88 -19.79
N GLN J 60 11.78 8.62 -20.93
CA GLN J 60 10.65 9.42 -21.36
C GLN J 60 9.47 9.24 -20.41
N ILE J 61 9.24 8.01 -19.94
CA ILE J 61 8.19 7.78 -18.96
C ILE J 61 8.53 8.49 -17.66
N ASP J 62 9.81 8.52 -17.27
CA ASP J 62 10.21 9.25 -16.09
C ASP J 62 9.94 10.74 -16.25
N GLU J 63 10.21 11.30 -17.43
CA GLU J 63 9.96 12.71 -17.66
C GLU J 63 8.47 13.02 -17.61
N ILE J 64 7.64 12.16 -18.18
CA ILE J 64 6.19 12.39 -18.11
C ILE J 64 5.71 12.30 -16.67
N ASP J 65 6.23 11.32 -15.92
CA ASP J 65 5.82 11.15 -14.53
C ASP J 65 6.27 12.30 -13.67
N HIS J 66 7.41 12.90 -13.98
CA HIS J 66 7.99 13.94 -13.13
C HIS J 66 7.43 15.31 -13.47
N ASP J 67 7.37 15.65 -14.76
CA ASP J 67 6.95 17.00 -15.16
C ASP J 67 5.51 17.28 -14.77
N TYR J 68 4.62 16.32 -14.98
CA TYR J 68 3.19 16.52 -14.78
C TYR J 68 2.66 15.87 -13.51
N GLU J 69 3.53 15.74 -12.50
CA GLU J 69 3.08 15.29 -11.19
C GLU J 69 2.16 16.30 -10.54
N ARG J 70 2.38 17.59 -10.80
CA ARG J 70 1.60 18.65 -10.22
C ARG J 70 0.20 18.77 -10.82
N ASP J 71 -0.04 18.16 -11.97
CA ASP J 71 -1.34 18.28 -12.63
C ASP J 71 -2.19 17.02 -12.51
N GLY J 72 -1.59 15.86 -12.30
CA GLY J 72 -2.33 14.66 -11.98
C GLY J 72 -2.14 13.57 -13.00
N LEU J 73 -2.96 12.52 -12.88
CA LEU J 73 -2.87 11.38 -13.76
C LEU J 73 -3.47 11.68 -15.13
N LYS J 74 -4.53 12.48 -15.17
CA LYS J 74 -5.15 12.82 -16.44
C LYS J 74 -4.17 13.55 -17.34
N GLU J 75 -3.39 14.48 -16.76
CA GLU J 75 -2.38 15.19 -17.52
C GLU J 75 -1.29 14.26 -18.00
N LYS J 76 -0.87 13.29 -17.16
CA LYS J 76 0.15 12.35 -17.58
C LYS J 76 -0.32 11.51 -18.76
N VAL J 77 -1.56 11.04 -18.72
CA VAL J 77 -2.09 10.25 -19.82
C VAL J 77 -2.20 11.11 -21.09
N TYR J 78 -2.72 12.33 -20.94
CA TYR J 78 -2.85 13.21 -22.09
C TYR J 78 -1.50 13.48 -22.73
N GLN J 79 -0.49 13.76 -21.90
CA GLN J 79 0.83 14.07 -22.43
C GLN J 79 1.51 12.85 -23.01
N MET J 80 1.25 11.67 -22.48
CA MET J 80 1.78 10.46 -23.10
C MET J 80 1.23 10.28 -24.51
N LEU J 81 -0.09 10.39 -24.67
CA LEU J 81 -0.67 10.29 -26.01
C LEU J 81 -0.16 11.41 -26.92
N GLN J 82 -0.07 12.63 -26.40
CA GLN J 82 0.36 13.75 -27.22
C GLN J 82 1.80 13.57 -27.67
N LYS J 83 2.69 13.12 -26.79
CA LYS J 83 4.08 12.93 -27.17
C LYS J 83 4.22 11.76 -28.12
N TRP J 84 3.37 10.74 -28.01
CA TRP J 84 3.37 9.70 -29.05
C TRP J 84 3.00 10.29 -30.40
N LEU J 85 1.99 11.17 -30.43
CA LEU J 85 1.60 11.79 -31.69
C LEU J 85 2.73 12.64 -32.27
N MET J 86 3.38 13.44 -31.43
CA MET J 86 4.50 14.25 -31.92
C MET J 86 5.63 13.37 -32.44
N ARG J 87 5.96 12.30 -31.72
CA ARG J 87 7.04 11.44 -32.15
C ARG J 87 6.74 10.76 -33.47
N GLU J 88 5.49 10.31 -33.66
CA GLU J 88 5.15 9.55 -34.86
C GLU J 88 4.71 10.42 -36.03
N GLY J 89 4.44 11.70 -35.82
CA GLY J 89 3.99 12.49 -36.94
C GLY J 89 2.62 12.03 -37.41
N THR J 90 2.35 12.30 -38.70
CA THR J 90 1.13 11.79 -39.31
C THR J 90 1.35 10.45 -40.00
N LYS J 91 2.60 10.12 -40.32
CA LYS J 91 2.89 8.85 -40.97
C LYS J 91 2.85 7.69 -40.00
N GLY J 92 3.19 7.93 -38.73
CA GLY J 92 3.23 6.86 -37.75
C GLY J 92 2.01 6.80 -36.86
N ALA J 93 1.37 7.94 -36.62
CA ALA J 93 0.16 7.99 -35.79
C ALA J 93 -1.00 7.40 -36.57
N THR J 94 -0.90 6.09 -36.82
CA THR J 94 -1.92 5.36 -37.55
C THR J 94 -2.78 4.56 -36.58
N VAL J 95 -3.99 4.22 -37.03
CA VAL J 95 -4.88 3.41 -36.21
C VAL J 95 -4.30 2.01 -36.01
N GLY J 96 -3.60 1.48 -36.99
CA GLY J 96 -3.08 0.12 -36.87
C GLY J 96 -2.06 -0.01 -35.75
N LYS J 97 -1.11 0.92 -35.67
CA LYS J 97 -0.09 0.84 -34.64
C LYS J 97 -0.67 1.09 -33.26
N LEU J 98 -1.61 2.03 -33.14
CA LEU J 98 -2.28 2.25 -31.86
C LEU J 98 -3.06 1.02 -31.44
N ALA J 99 -3.75 0.37 -32.38
CA ALA J 99 -4.49 -0.85 -32.07
C ALA J 99 -3.56 -1.95 -31.61
N GLN J 100 -2.43 -2.11 -32.29
CA GLN J 100 -1.46 -3.13 -31.87
C GLN J 100 -0.92 -2.84 -30.48
N ALA J 101 -0.58 -1.57 -30.21
CA ALA J 101 -0.05 -1.20 -28.90
C ALA J 101 -1.07 -1.43 -27.80
N LEU J 102 -2.33 -1.09 -28.06
CA LEU J 102 -3.38 -1.34 -27.07
C LEU J 102 -3.64 -2.83 -26.88
N HIS J 103 -3.52 -3.62 -27.95
CA HIS J 103 -3.71 -5.05 -27.82
C HIS J 103 -2.62 -5.67 -26.95
N GLN J 104 -1.37 -5.28 -27.16
CA GLN J 104 -0.31 -5.78 -26.29
C GLN J 104 -0.46 -5.27 -24.86
N CYS J 105 -0.90 -4.02 -24.69
CA CYS J 105 -1.17 -3.45 -23.38
C CYS J 105 -2.38 -4.08 -22.70
N CYS J 106 -3.17 -4.87 -23.43
CA CYS J 106 -4.42 -5.48 -22.98
C CYS J 106 -5.54 -4.47 -22.79
N ARG J 107 -5.33 -3.22 -23.15
CA ARG J 107 -6.39 -2.21 -23.11
C ARG J 107 -7.08 -2.07 -24.47
N ILE J 108 -7.51 -3.18 -25.05
CA ILE J 108 -8.17 -3.12 -26.36
C ILE J 108 -9.59 -2.60 -26.27
N ASP J 109 -10.14 -2.49 -25.05
CA ASP J 109 -11.50 -1.98 -24.91
C ASP J 109 -11.61 -0.56 -25.45
N LEU J 110 -10.60 0.26 -25.21
CA LEU J 110 -10.62 1.67 -25.61
C LEU J 110 -10.90 1.81 -27.09
N LEU J 111 -9.96 1.34 -27.91
CA LEU J 111 -10.09 1.53 -29.34
C LEU J 111 -11.19 0.63 -29.92
N ASN J 112 -11.35 -0.58 -29.38
CA ASN J 112 -12.38 -1.48 -29.88
C ASN J 112 -13.77 -0.86 -29.72
N HIS J 113 -14.06 -0.28 -28.57
CA HIS J 113 -15.33 0.39 -28.39
C HIS J 113 -15.42 1.64 -29.26
N LEU J 114 -14.40 2.51 -29.20
CA LEU J 114 -14.48 3.79 -29.87
C LEU J 114 -14.71 3.63 -31.37
N ILE J 115 -13.90 2.82 -32.03
CA ILE J 115 -13.94 2.78 -33.49
C ILE J 115 -15.07 1.89 -33.99
N ARG J 116 -15.15 0.67 -33.47
CA ARG J 116 -16.15 -0.27 -33.98
C ARG J 116 -17.55 0.03 -33.47
N ALA J 117 -17.71 0.45 -32.22
CA ALA J 117 -19.05 0.71 -31.70
C ALA J 117 -19.65 1.98 -32.32
N SER J 118 -18.83 3.00 -32.52
CA SER J 118 -19.32 4.26 -33.10
C SER J 118 -19.14 4.27 -34.61
N THR K 32 17.86 -8.42 -24.52
CA THR K 32 16.93 -7.90 -25.53
C THR K 32 15.51 -7.86 -25.00
N ASP K 33 14.63 -7.19 -25.74
CA ASP K 33 13.24 -7.08 -25.32
C ASP K 33 12.53 -8.42 -25.36
N GLU K 34 12.81 -9.23 -26.37
CA GLU K 34 12.18 -10.55 -26.47
C GLU K 34 12.74 -11.51 -25.43
N HIS K 35 13.98 -11.32 -25.01
CA HIS K 35 14.58 -12.19 -24.01
C HIS K 35 14.15 -11.83 -22.59
N LEU K 36 13.44 -10.73 -22.41
CA LEU K 36 13.07 -10.26 -21.08
C LEU K 36 11.58 -10.01 -20.90
N ASN K 37 10.82 -9.94 -21.98
CA ASN K 37 9.38 -9.72 -21.84
C ASN K 37 8.69 -10.85 -21.09
N PRO K 38 8.91 -12.13 -21.39
CA PRO K 38 8.25 -13.18 -20.58
C PRO K 38 8.61 -13.13 -19.11
N ILE K 39 9.85 -12.77 -18.77
CA ILE K 39 10.23 -12.68 -17.37
C ILE K 39 9.50 -11.53 -16.70
N ARG K 40 9.39 -10.39 -17.38
CA ARG K 40 8.66 -9.26 -16.82
C ARG K 40 7.18 -9.59 -16.64
N GLU K 41 6.59 -10.29 -17.62
CA GLU K 41 5.16 -10.52 -17.61
C GLU K 41 4.74 -11.64 -16.67
N ASN K 42 5.60 -12.66 -16.47
CA ASN K 42 5.18 -13.87 -15.78
C ASN K 42 5.99 -14.15 -14.51
N LEU K 43 6.62 -13.13 -13.92
CA LEU K 43 7.40 -13.44 -12.72
C LEU K 43 6.51 -13.38 -11.47
N GLY K 44 5.85 -12.25 -11.24
CA GLY K 44 4.80 -12.20 -10.25
C GLY K 44 5.22 -12.00 -8.81
N ARG K 45 4.57 -12.75 -7.91
CA ARG K 45 4.65 -12.50 -6.47
C ARG K 45 6.03 -12.80 -5.90
N GLN K 46 6.86 -13.55 -6.61
CA GLN K 46 8.18 -13.95 -6.12
C GLN K 46 9.28 -12.95 -6.51
N TRP K 47 8.92 -11.69 -6.72
CA TRP K 47 9.90 -10.73 -7.19
C TRP K 47 10.92 -10.40 -6.13
N LYS K 48 10.54 -10.41 -4.85
CA LYS K 48 11.51 -10.15 -3.80
C LYS K 48 12.56 -11.26 -3.74
N ASN K 49 12.13 -12.52 -3.82
CA ASN K 49 13.08 -13.62 -3.83
C ASN K 49 13.98 -13.56 -5.05
N CYS K 50 13.41 -13.27 -6.23
CA CYS K 50 14.24 -13.16 -7.43
C CYS K 50 15.23 -12.03 -7.31
N ALA K 51 14.82 -10.90 -6.73
CA ALA K 51 15.72 -9.77 -6.55
C ALA K 51 16.85 -10.13 -5.59
N ARG K 52 16.53 -10.85 -4.52
CA ARG K 52 17.57 -11.28 -3.59
C ARG K 52 18.57 -12.21 -4.27
N LYS K 53 18.08 -13.12 -5.12
CA LYS K 53 18.99 -13.99 -5.85
C LYS K 53 19.75 -13.25 -6.93
N LEU K 54 19.29 -12.06 -7.35
CA LEU K 54 19.95 -11.27 -8.37
C LEU K 54 20.95 -10.29 -7.80
N GLY K 55 21.16 -10.27 -6.50
CA GLY K 55 22.14 -9.40 -5.88
C GLY K 55 21.62 -8.10 -5.32
N PHE K 56 20.31 -7.92 -5.23
CA PHE K 56 19.75 -6.71 -4.66
C PHE K 56 19.88 -6.73 -3.15
N THR K 57 20.36 -5.62 -2.58
CA THR K 57 20.35 -5.49 -1.13
C THR K 57 18.94 -5.27 -0.63
N GLU K 58 18.75 -5.41 0.68
CA GLU K 58 17.41 -5.24 1.24
C GLU K 58 16.92 -3.82 1.08
N SER K 59 17.82 -2.84 1.15
CA SER K 59 17.42 -1.45 0.95
C SER K 59 16.92 -1.21 -0.47
N GLN K 60 17.56 -1.82 -1.47
CA GLN K 60 17.10 -1.64 -2.84
C GLN K 60 15.72 -2.26 -3.05
N ILE K 61 15.48 -3.42 -2.44
CA ILE K 61 14.15 -4.02 -2.51
C ILE K 61 13.12 -3.13 -1.81
N ASP K 62 13.51 -2.51 -0.69
CA ASP K 62 12.62 -1.57 -0.03
C ASP K 62 12.30 -0.37 -0.91
N GLU K 63 13.30 0.14 -1.62
CA GLU K 63 13.06 1.27 -2.52
C GLU K 63 12.13 0.89 -3.67
N ILE K 64 12.32 -0.30 -4.24
CA ILE K 64 11.42 -0.73 -5.31
C ILE K 64 10.01 -0.92 -4.78
N ASP K 65 9.88 -1.50 -3.59
CA ASP K 65 8.57 -1.73 -2.99
C ASP K 65 7.87 -0.43 -2.63
N HIS K 66 8.64 0.59 -2.25
CA HIS K 66 8.06 1.84 -1.78
C HIS K 66 7.73 2.79 -2.93
N ASP K 67 8.68 2.96 -3.86
CA ASP K 67 8.52 3.94 -4.93
C ASP K 67 7.34 3.58 -5.83
N TYR K 68 7.21 2.31 -6.21
CA TYR K 68 6.23 1.86 -7.18
C TYR K 68 5.05 1.15 -6.54
N GLU K 69 4.72 1.51 -5.30
CA GLU K 69 3.51 0.99 -4.67
C GLU K 69 2.27 1.54 -5.37
N ARG K 70 2.35 2.76 -5.87
CA ARG K 70 1.22 3.41 -6.52
C ARG K 70 0.92 2.85 -7.90
N ASP K 71 1.84 2.10 -8.50
CA ASP K 71 1.65 1.57 -9.84
C ASP K 71 1.34 0.08 -9.87
N GLY K 72 1.73 -0.66 -8.85
CA GLY K 72 1.30 -2.04 -8.69
C GLY K 72 2.47 -3.01 -8.72
N LEU K 73 2.12 -4.30 -8.80
CA LEU K 73 3.12 -5.35 -8.78
C LEU K 73 3.85 -5.45 -10.12
N LYS K 74 3.13 -5.22 -11.21
CA LYS K 74 3.76 -5.29 -12.53
C LYS K 74 4.87 -4.26 -12.65
N GLU K 75 4.64 -3.05 -12.15
CA GLU K 75 5.68 -2.03 -12.16
C GLU K 75 6.85 -2.41 -11.28
N LYS K 76 6.59 -3.01 -10.12
CA LYS K 76 7.68 -3.43 -9.25
C LYS K 76 8.56 -4.49 -9.93
N VAL K 77 7.94 -5.46 -10.59
CA VAL K 77 8.71 -6.48 -11.29
C VAL K 77 9.49 -5.88 -12.44
N TYR K 78 8.84 -5.00 -13.22
CA TYR K 78 9.53 -4.36 -14.34
C TYR K 78 10.72 -3.56 -13.86
N GLN K 79 10.56 -2.80 -12.79
CA GLN K 79 11.64 -1.97 -12.29
C GLN K 79 12.73 -2.80 -11.65
N MET K 80 12.40 -3.93 -11.04
CA MET K 80 13.43 -4.83 -10.54
C MET K 80 14.31 -5.34 -11.66
N LEU K 81 13.70 -5.84 -12.75
CA LEU K 81 14.49 -6.29 -13.88
C LEU K 81 15.28 -5.14 -14.50
N GLN K 82 14.66 -3.98 -14.64
CA GLN K 82 15.33 -2.84 -15.26
C GLN K 82 16.53 -2.40 -14.44
N LYS K 83 16.39 -2.33 -13.11
CA LYS K 83 17.49 -1.92 -12.27
C LYS K 83 18.59 -2.96 -12.25
N TRP K 84 18.24 -4.24 -12.38
CA TRP K 84 19.28 -5.25 -12.56
C TRP K 84 20.06 -5.00 -13.84
N LEU K 85 19.35 -4.67 -14.92
CA LEU K 85 20.04 -4.39 -16.19
C LEU K 85 20.94 -3.17 -16.07
N MET K 86 20.47 -2.10 -15.44
CA MET K 86 21.31 -0.91 -15.27
C MET K 86 22.53 -1.23 -14.41
N ARG K 87 22.34 -1.99 -13.33
CA ARG K 87 23.47 -2.31 -12.46
C ARG K 87 24.50 -3.16 -13.17
N GLU K 88 24.07 -4.13 -13.97
CA GLU K 88 25.00 -5.05 -14.61
C GLU K 88 25.54 -4.57 -15.95
N GLY K 89 24.96 -3.53 -16.53
CA GLY K 89 25.46 -3.11 -17.82
C GLY K 89 25.19 -4.16 -18.88
N THR K 90 26.04 -4.16 -19.92
CA THR K 90 25.95 -5.20 -20.94
C THR K 90 26.92 -6.34 -20.64
N LYS K 91 27.93 -6.11 -19.81
CA LYS K 91 28.87 -7.17 -19.47
C LYS K 91 28.29 -8.14 -18.45
N GLY K 92 27.40 -7.68 -17.58
CA GLY K 92 26.85 -8.53 -16.55
C GLY K 92 25.47 -9.06 -16.87
N ALA K 93 24.69 -8.32 -17.65
CA ALA K 93 23.34 -8.74 -18.03
C ALA K 93 23.47 -9.86 -19.07
N THR K 94 23.99 -10.98 -18.62
CA THR K 94 24.16 -12.16 -19.46
C THR K 94 23.06 -13.17 -19.18
N VAL K 95 22.85 -14.06 -20.15
CA VAL K 95 21.86 -15.12 -19.99
C VAL K 95 22.29 -16.08 -18.89
N GLY K 96 23.59 -16.32 -18.75
CA GLY K 96 24.05 -17.29 -17.76
C GLY K 96 23.72 -16.87 -16.34
N LYS K 97 23.99 -15.60 -16.01
CA LYS K 97 23.73 -15.13 -14.65
C LYS K 97 22.24 -15.07 -14.36
N LEU K 98 21.43 -14.64 -15.33
CA LEU K 98 19.99 -14.64 -15.15
C LEU K 98 19.47 -16.06 -14.96
N ALA K 99 19.99 -17.01 -15.73
CA ALA K 99 19.58 -18.40 -15.58
C ALA K 99 19.94 -18.94 -14.21
N GLN K 100 21.15 -18.63 -13.73
CA GLN K 100 21.54 -19.06 -12.39
C GLN K 100 20.64 -18.46 -11.32
N ALA K 101 20.36 -17.16 -11.44
CA ALA K 101 19.52 -16.49 -10.47
C ALA K 101 18.11 -17.05 -10.46
N LEU K 102 17.56 -17.34 -11.63
CA LEU K 102 16.23 -17.96 -11.70
C LEU K 102 16.25 -19.37 -11.16
N HIS K 103 17.33 -20.11 -11.38
CA HIS K 103 17.42 -21.47 -10.86
C HIS K 103 17.43 -21.47 -9.33
N GLN K 104 18.21 -20.56 -8.73
CA GLN K 104 18.19 -20.47 -7.27
C GLN K 104 16.85 -19.97 -6.76
N CYS K 105 16.21 -19.05 -7.47
CA CYS K 105 14.88 -18.55 -7.14
C CYS K 105 13.79 -19.60 -7.34
N CYS K 106 14.11 -20.71 -8.00
CA CYS K 106 13.19 -21.78 -8.38
C CYS K 106 12.21 -21.37 -9.47
N ARG K 107 12.36 -20.19 -10.04
CA ARG K 107 11.55 -19.76 -11.17
C ARG K 107 12.24 -20.05 -12.51
N ILE K 108 12.70 -21.29 -12.70
CA ILE K 108 13.39 -21.63 -13.94
C ILE K 108 12.42 -21.79 -15.10
N ASP K 109 11.12 -21.84 -14.83
CA ASP K 109 10.16 -21.99 -15.92
C ASP K 109 10.24 -20.81 -16.89
N LEU K 110 10.43 -19.60 -16.36
CA LEU K 110 10.46 -18.39 -17.18
C LEU K 110 11.49 -18.52 -18.30
N LEU K 111 12.75 -18.58 -17.92
CA LEU K 111 13.81 -18.58 -18.92
C LEU K 111 13.86 -19.91 -19.67
N ASN K 112 13.57 -21.02 -18.97
CA ASN K 112 13.59 -22.32 -19.63
C ASN K 112 12.59 -22.39 -20.77
N HIS K 113 11.37 -21.90 -20.53
CA HIS K 113 10.39 -21.85 -21.61
C HIS K 113 10.79 -20.85 -22.68
N LEU K 114 11.13 -19.63 -22.27
CA LEU K 114 11.36 -18.57 -23.25
C LEU K 114 12.49 -18.93 -24.21
N ILE K 115 13.64 -19.35 -23.70
CA ILE K 115 14.81 -19.51 -24.55
C ILE K 115 14.78 -20.85 -25.28
N ARG K 116 14.56 -21.93 -24.53
CA ARG K 116 14.61 -23.25 -25.15
C ARG K 116 13.37 -23.58 -25.97
N ALA K 117 12.17 -23.17 -25.54
CA ALA K 117 10.97 -23.49 -26.29
C ALA K 117 10.89 -22.69 -27.58
N SER K 118 11.29 -21.42 -27.54
CA SER K 118 11.23 -20.57 -28.72
C SER K 118 12.55 -20.59 -29.48
N THR L 32 44.37 38.95 -25.35
CA THR L 32 44.19 39.05 -26.79
C THR L 32 42.77 38.70 -27.18
N ASP L 33 42.42 38.99 -28.44
CA ASP L 33 41.07 38.71 -28.91
C ASP L 33 40.79 37.21 -28.97
N GLU L 34 41.79 36.43 -29.39
CA GLU L 34 41.60 34.98 -29.47
C GLU L 34 41.58 34.34 -28.09
N HIS L 35 42.23 34.96 -27.10
CA HIS L 35 42.24 34.42 -25.75
C HIS L 35 40.98 34.77 -24.98
N LEU L 36 40.11 35.61 -25.54
CA LEU L 36 38.93 36.07 -24.83
C LEU L 36 37.63 35.86 -25.58
N ASN L 37 37.69 35.59 -26.89
CA ASN L 37 36.46 35.36 -27.63
C ASN L 37 35.67 34.16 -27.13
N PRO L 38 36.27 32.99 -26.89
CA PRO L 38 35.47 31.88 -26.35
C PRO L 38 34.84 32.19 -25.00
N ILE L 39 35.52 32.95 -24.14
CA ILE L 39 34.93 33.30 -22.85
C ILE L 39 33.74 34.23 -23.04
N ARG L 40 33.86 35.20 -23.96
CA ARG L 40 32.74 36.09 -24.23
C ARG L 40 31.56 35.34 -24.83
N GLU L 41 31.84 34.40 -25.72
CA GLU L 41 30.77 33.73 -26.47
C GLU L 41 30.10 32.64 -25.66
N ASN L 42 30.82 31.96 -24.76
CA ASN L 42 30.30 30.76 -24.11
C ASN L 42 30.19 30.89 -22.59
N LEU L 43 30.13 32.10 -22.05
CA LEU L 43 30.04 32.18 -20.60
C LEU L 43 28.59 32.09 -20.12
N GLY L 44 27.73 32.97 -20.61
CA GLY L 44 26.30 32.79 -20.44
C GLY L 44 25.70 33.26 -19.14
N ARG L 45 24.80 32.45 -18.59
CA ARG L 45 23.93 32.86 -17.49
C ARG L 45 24.69 33.06 -16.18
N GLN L 46 25.91 32.54 -16.06
CA GLN L 46 26.70 32.63 -14.84
C GLN L 46 27.58 33.87 -14.80
N TRP L 47 27.20 34.93 -15.52
CA TRP L 47 28.08 36.09 -15.60
C TRP L 47 28.15 36.83 -14.27
N LYS L 48 27.07 36.83 -13.48
CA LYS L 48 27.13 37.49 -12.19
C LYS L 48 28.09 36.77 -11.26
N ASN L 49 28.05 35.44 -11.23
CA ASN L 49 28.99 34.70 -10.40
C ASN L 49 30.43 34.91 -10.87
N CYS L 50 30.66 34.88 -12.18
CA CYS L 50 32.00 35.11 -12.69
C CYS L 50 32.49 36.52 -12.35
N ALA L 51 31.60 37.51 -12.44
CA ALA L 51 31.97 38.88 -12.09
C ALA L 51 32.31 38.99 -10.62
N ARG L 52 31.55 38.32 -9.75
CA ARG L 52 31.86 38.33 -8.33
C ARG L 52 33.22 37.69 -8.05
N LYS L 53 33.53 36.60 -8.75
CA LYS L 53 34.84 35.98 -8.57
C LYS L 53 35.95 36.81 -9.20
N LEU L 54 35.63 37.73 -10.10
CA LEU L 54 36.61 38.58 -10.75
C LEU L 54 36.86 39.89 -10.01
N GLY L 55 36.20 40.11 -8.87
CA GLY L 55 36.43 41.29 -8.07
C GLY L 55 35.43 42.42 -8.28
N PHE L 56 34.34 42.18 -8.98
CA PHE L 56 33.34 43.22 -9.19
C PHE L 56 32.51 43.40 -7.92
N THR L 57 32.32 44.65 -7.52
CA THR L 57 31.42 44.92 -6.41
C THR L 57 29.98 44.75 -6.89
N GLU L 58 29.05 44.69 -5.91
CA GLU L 58 27.66 44.50 -6.26
C GLU L 58 27.11 45.67 -7.06
N SER L 59 27.58 46.88 -6.76
CA SER L 59 27.13 48.04 -7.51
C SER L 59 27.57 47.96 -8.97
N GLN L 60 28.78 47.48 -9.24
CA GLN L 60 29.25 47.36 -10.61
C GLN L 60 28.43 46.33 -11.38
N ILE L 61 28.08 45.23 -10.73
CA ILE L 61 27.21 44.24 -11.36
C ILE L 61 25.84 44.83 -11.63
N ASP L 62 25.34 45.66 -10.70
CA ASP L 62 24.07 46.33 -10.93
C ASP L 62 24.14 47.27 -12.12
N GLU L 63 25.25 48.00 -12.27
CA GLU L 63 25.40 48.89 -13.41
C GLU L 63 25.46 48.12 -14.72
N ILE L 64 26.18 47.00 -14.75
CA ILE L 64 26.23 46.20 -15.97
C ILE L 64 24.86 45.63 -16.29
N ASP L 65 24.13 45.18 -15.27
CA ASP L 65 22.80 44.61 -15.47
C ASP L 65 21.81 45.66 -15.95
N HIS L 66 21.97 46.90 -15.49
CA HIS L 66 21.00 47.95 -15.78
C HIS L 66 21.29 48.63 -17.12
N ASP L 67 22.55 48.98 -17.36
CA ASP L 67 22.89 49.74 -18.57
C ASP L 67 22.62 48.95 -19.84
N TYR L 68 22.98 47.67 -19.84
CA TYR L 68 22.90 46.85 -21.05
C TYR L 68 21.74 45.87 -21.01
N GLU L 69 20.66 46.23 -20.32
CA GLU L 69 19.44 45.43 -20.36
C GLU L 69 18.81 45.50 -21.75
N ARG L 70 18.96 46.62 -22.43
CA ARG L 70 18.36 46.81 -23.75
C ARG L 70 19.08 46.04 -24.84
N ASP L 71 20.30 45.57 -24.59
CA ASP L 71 21.07 44.86 -25.61
C ASP L 71 21.13 43.35 -25.40
N GLY L 72 20.94 42.88 -24.17
CA GLY L 72 20.78 41.46 -23.93
C GLY L 72 21.86 40.91 -23.04
N LEU L 73 21.88 39.58 -22.94
CA LEU L 73 22.84 38.89 -22.08
C LEU L 73 24.24 38.88 -22.70
N LYS L 74 24.32 38.77 -24.02
CA LYS L 74 25.62 38.76 -24.68
C LYS L 74 26.36 40.07 -24.44
N GLU L 75 25.64 41.19 -24.49
CA GLU L 75 26.26 42.48 -24.20
C GLU L 75 26.68 42.57 -22.75
N LYS L 76 25.89 42.04 -21.82
CA LYS L 76 26.27 42.07 -20.43
C LYS L 76 27.56 41.29 -20.19
N VAL L 77 27.66 40.11 -20.78
CA VAL L 77 28.87 39.30 -20.62
C VAL L 77 30.07 40.00 -21.25
N TYR L 78 29.89 40.54 -22.46
CA TYR L 78 30.99 41.25 -23.12
C TYR L 78 31.45 42.42 -22.30
N GLN L 79 30.53 43.20 -21.75
CA GLN L 79 30.90 44.38 -20.99
C GLN L 79 31.51 44.00 -19.64
N MET L 80 31.09 42.89 -19.05
CA MET L 80 31.74 42.42 -17.82
C MET L 80 33.21 42.09 -18.09
N LEU L 81 33.47 41.32 -19.14
CA LEU L 81 34.87 41.02 -19.47
C LEU L 81 35.64 42.28 -19.82
N GLN L 82 35.03 43.17 -20.59
CA GLN L 82 35.72 44.39 -21.01
C GLN L 82 36.05 45.28 -19.81
N LYS L 83 35.12 45.43 -18.88
CA LYS L 83 35.39 46.25 -17.70
C LYS L 83 36.40 45.61 -16.79
N TRP L 84 36.45 44.27 -16.73
CA TRP L 84 37.54 43.63 -16.03
C TRP L 84 38.89 43.98 -16.66
N LEU L 85 38.95 43.96 -18.00
CA LEU L 85 40.18 44.30 -18.68
C LEU L 85 40.59 45.74 -18.40
N MET L 86 39.64 46.68 -18.48
CA MET L 86 39.96 48.07 -18.19
C MET L 86 40.44 48.24 -16.75
N ARG L 87 39.77 47.59 -15.80
CA ARG L 87 40.15 47.72 -14.40
C ARG L 87 41.55 47.17 -14.16
N GLU L 88 41.88 46.04 -14.76
CA GLU L 88 43.16 45.39 -14.48
C GLU L 88 44.31 45.87 -15.36
N GLY L 89 44.02 46.62 -16.43
CA GLY L 89 45.13 47.03 -17.27
C GLY L 89 45.76 45.84 -17.98
N THR L 90 47.03 46.00 -18.31
CA THR L 90 47.79 44.89 -18.87
C THR L 90 48.56 44.14 -17.79
N LYS L 91 48.79 44.77 -16.63
CA LYS L 91 49.50 44.09 -15.55
C LYS L 91 48.61 43.10 -14.82
N GLY L 92 47.31 43.35 -14.76
CA GLY L 92 46.41 42.47 -14.03
C GLY L 92 45.64 41.52 -14.92
N ALA L 93 45.39 41.90 -16.16
CA ALA L 93 44.68 41.03 -17.10
C ALA L 93 45.61 39.91 -17.55
N THR L 94 45.94 39.05 -16.59
CA THR L 94 46.81 37.91 -16.83
C THR L 94 45.99 36.64 -16.96
N VAL L 95 46.58 35.63 -17.61
CA VAL L 95 45.92 34.35 -17.73
C VAL L 95 45.75 33.68 -16.38
N GLY L 96 46.71 33.87 -15.47
CA GLY L 96 46.63 33.21 -14.18
C GLY L 96 45.43 33.65 -13.36
N LYS L 97 45.20 34.96 -13.29
CA LYS L 97 44.09 35.46 -12.50
C LYS L 97 42.75 35.10 -13.12
N LEU L 98 42.65 35.15 -14.46
CA LEU L 98 41.42 34.72 -15.12
C LEU L 98 41.17 33.23 -14.89
N ALA L 99 42.22 32.42 -14.93
CA ALA L 99 42.07 30.99 -14.68
C ALA L 99 41.60 30.74 -13.25
N GLN L 100 42.18 31.45 -12.28
CA GLN L 100 41.75 31.30 -10.90
C GLN L 100 40.29 31.71 -10.72
N ALA L 101 39.91 32.84 -11.33
CA ALA L 101 38.53 33.31 -11.21
C ALA L 101 37.55 32.33 -11.84
N LEU L 102 37.91 31.76 -13.00
CA LEU L 102 37.04 30.78 -13.62
C LEU L 102 36.99 29.49 -12.81
N HIS L 103 38.10 29.11 -12.18
CA HIS L 103 38.09 27.91 -11.35
C HIS L 103 37.16 28.07 -10.15
N GLN L 104 37.22 29.23 -9.49
CA GLN L 104 36.29 29.46 -8.38
C GLN L 104 34.86 29.57 -8.86
N CYS L 105 34.65 30.17 -10.03
CA CYS L 105 33.32 30.25 -10.64
C CYS L 105 32.80 28.91 -11.13
N CYS L 106 33.66 27.89 -11.18
CA CYS L 106 33.38 26.54 -11.69
C CYS L 106 33.22 26.52 -13.20
N ARG L 107 33.47 27.63 -13.90
CA ARG L 107 33.46 27.66 -15.36
C ARG L 107 34.85 27.47 -15.93
N ILE L 108 35.56 26.42 -15.48
CA ILE L 108 36.91 26.19 -15.98
C ILE L 108 36.92 25.61 -17.39
N ASP L 109 35.76 25.19 -17.89
CA ASP L 109 35.72 24.64 -19.25
C ASP L 109 36.15 25.67 -20.28
N LEU L 110 35.76 26.92 -20.08
CA LEU L 110 36.05 27.99 -21.03
C LEU L 110 37.54 28.07 -21.30
N LEU L 111 38.30 28.45 -20.28
CA LEU L 111 39.72 28.67 -20.47
C LEU L 111 40.47 27.36 -20.66
N ASN L 112 40.04 26.29 -19.98
CA ASN L 112 40.69 25.00 -20.13
C ASN L 112 40.62 24.51 -21.57
N HIS L 113 39.46 24.62 -22.20
CA HIS L 113 39.35 24.24 -23.61
C HIS L 113 40.13 25.20 -24.49
N LEU L 114 39.91 26.50 -24.31
CA LEU L 114 40.49 27.48 -25.22
C LEU L 114 42.02 27.39 -25.26
N ILE L 115 42.66 27.40 -24.10
CA ILE L 115 44.12 27.53 -24.07
C ILE L 115 44.78 26.18 -24.30
N ARG L 116 44.36 25.16 -23.54
CA ARG L 116 45.03 23.86 -23.64
C ARG L 116 44.64 23.09 -24.89
N ALA L 117 43.38 23.15 -25.33
CA ALA L 117 42.97 22.38 -26.51
C ALA L 117 43.55 22.98 -27.78
N SER L 118 43.60 24.31 -27.87
CA SER L 118 44.12 24.98 -29.05
C SER L 118 45.61 25.29 -28.91
N THR M 32 32.94 39.38 6.80
CA THR M 32 33.99 39.27 5.80
C THR M 32 33.60 38.29 4.71
N ASP M 33 34.37 38.28 3.62
CA ASP M 33 34.08 37.39 2.50
C ASP M 33 34.28 35.93 2.89
N GLU M 34 35.32 35.64 3.67
CA GLU M 34 35.57 34.26 4.09
C GLU M 34 34.56 33.80 5.12
N HIS M 35 33.99 34.73 5.91
CA HIS M 35 33.00 34.37 6.91
C HIS M 35 31.62 34.17 6.32
N LEU M 36 31.43 34.48 5.04
CA LEU M 36 30.11 34.43 4.42
C LEU M 36 30.06 33.59 3.16
N ASN M 37 31.20 33.28 2.56
CA ASN M 37 31.19 32.45 1.35
C ASN M 37 30.58 31.08 1.57
N PRO M 38 30.94 30.32 2.61
CA PRO M 38 30.28 29.01 2.81
C PRO M 38 28.78 29.12 3.02
N ILE M 39 28.31 30.17 3.68
CA ILE M 39 26.87 30.34 3.86
C ILE M 39 26.19 30.61 2.54
N ARG M 40 26.81 31.45 1.69
CA ARG M 40 26.23 31.73 0.38
C ARG M 40 26.23 30.49 -0.49
N GLU M 41 27.30 29.68 -0.43
CA GLU M 41 27.46 28.56 -1.33
C GLU M 41 26.65 27.35 -0.90
N ASN M 42 26.43 27.15 0.40
CA ASN M 42 25.86 25.91 0.90
C ASN M 42 24.55 26.09 1.65
N LEU M 43 23.83 27.18 1.41
CA LEU M 43 22.59 27.34 2.16
C LEU M 43 21.43 26.65 1.44
N GLY M 44 21.18 27.00 0.19
CA GLY M 44 20.30 26.22 -0.65
C GLY M 44 18.81 26.48 -0.51
N ARG M 45 18.03 25.39 -0.51
CA ARG M 45 16.58 25.46 -0.66
C ARG M 45 15.90 26.09 0.55
N GLN M 46 16.58 26.17 1.70
CA GLN M 46 15.99 26.71 2.92
C GLN M 46 16.19 28.21 3.07
N TRP M 47 16.36 28.93 1.96
CA TRP M 47 16.67 30.35 2.05
C TRP M 47 15.48 31.16 2.56
N LYS M 48 14.25 30.74 2.24
CA LYS M 48 13.10 31.45 2.77
C LYS M 48 13.01 31.33 4.28
N ASN M 49 13.23 30.13 4.81
CA ASN M 49 13.22 29.95 6.26
C ASN M 49 14.35 30.73 6.92
N CYS M 50 15.55 30.71 6.33
CA CYS M 50 16.65 31.48 6.90
C CYS M 50 16.36 32.97 6.87
N ALA M 51 15.75 33.45 5.79
CA ALA M 51 15.38 34.87 5.69
C ALA M 51 14.36 35.24 6.74
N ARG M 52 13.37 34.37 6.97
CA ARG M 52 12.38 34.64 8.01
C ARG M 52 13.02 34.70 9.38
N LYS M 53 13.98 33.80 9.65
CA LYS M 53 14.68 33.85 10.93
C LYS M 53 15.63 35.04 11.01
N LEU M 54 15.99 35.64 9.89
CA LEU M 54 16.90 36.80 9.87
C LEU M 54 16.16 38.12 9.93
N GLY M 55 14.84 38.11 10.04
CA GLY M 55 14.08 39.34 10.16
C GLY M 55 13.48 39.88 8.90
N PHE M 56 13.51 39.13 7.81
CA PHE M 56 12.92 39.58 6.55
C PHE M 56 11.40 39.48 6.63
N THR M 57 10.71 40.54 6.21
CA THR M 57 9.26 40.47 6.10
C THR M 57 8.89 39.63 4.88
N GLU M 58 7.62 39.25 4.80
CA GLU M 58 7.18 38.42 3.69
C GLU M 58 7.29 39.16 2.37
N SER M 59 7.07 40.47 2.38
CA SER M 59 7.20 41.24 1.16
C SER M 59 8.64 41.25 0.66
N GLN M 60 9.62 41.35 1.56
CA GLN M 60 11.01 41.33 1.15
C GLN M 60 11.40 39.99 0.55
N ILE M 61 10.89 38.90 1.13
CA ILE M 61 11.13 37.58 0.55
C ILE M 61 10.48 37.46 -0.82
N ASP M 62 9.29 38.05 -0.98
CA ASP M 62 8.65 38.07 -2.28
C ASP M 62 9.47 38.84 -3.30
N GLU M 63 10.05 39.97 -2.89
CA GLU M 63 10.88 40.74 -3.82
C GLU M 63 12.13 39.98 -4.21
N ILE M 64 12.77 39.30 -3.26
CA ILE M 64 13.95 38.50 -3.61
C ILE M 64 13.57 37.36 -4.53
N ASP M 65 12.43 36.71 -4.27
CA ASP M 65 11.99 35.59 -5.09
C ASP M 65 11.63 36.05 -6.50
N HIS M 66 11.10 37.26 -6.63
CA HIS M 66 10.59 37.74 -7.91
C HIS M 66 11.70 38.36 -8.75
N ASP M 67 12.52 39.22 -8.15
CA ASP M 67 13.53 39.95 -8.90
C ASP M 67 14.57 39.02 -9.51
N TYR M 68 15.03 38.04 -8.73
CA TYR M 68 16.13 37.17 -9.15
C TYR M 68 15.66 35.79 -9.55
N GLU M 69 14.43 35.68 -10.06
CA GLU M 69 13.96 34.42 -10.63
C GLU M 69 14.73 34.08 -11.89
N ARG M 70 15.15 35.10 -12.65
CA ARG M 70 15.85 34.89 -13.90
C ARG M 70 17.29 34.43 -13.71
N ASP M 71 17.85 34.57 -12.50
CA ASP M 71 19.23 34.21 -12.26
C ASP M 71 19.39 32.91 -11.48
N GLY M 72 18.39 32.51 -10.72
CA GLY M 72 18.38 31.20 -10.11
C GLY M 72 18.36 31.26 -8.60
N LEU M 73 18.56 30.08 -7.99
CA LEU M 73 18.52 29.98 -6.53
C LEU M 73 19.78 30.54 -5.90
N LYS M 74 20.94 30.36 -6.56
CA LYS M 74 22.18 30.88 -6.02
C LYS M 74 22.12 32.39 -5.88
N GLU M 75 21.56 33.07 -6.89
CA GLU M 75 21.41 34.51 -6.81
C GLU M 75 20.44 34.92 -5.71
N LYS M 76 19.35 34.16 -5.52
CA LYS M 76 18.42 34.48 -4.45
C LYS M 76 19.07 34.37 -3.09
N VAL M 77 19.86 33.32 -2.86
CA VAL M 77 20.55 33.16 -1.58
C VAL M 77 21.58 34.27 -1.40
N TYR M 78 22.35 34.57 -2.43
CA TYR M 78 23.35 35.62 -2.33
C TYR M 78 22.70 36.96 -2.01
N GLN M 79 21.60 37.28 -2.67
CA GLN M 79 20.95 38.56 -2.44
C GLN M 79 20.26 38.59 -1.08
N MET M 80 19.77 37.47 -0.58
CA MET M 80 19.22 37.45 0.77
C MET M 80 20.31 37.79 1.79
N LEU M 81 21.46 37.13 1.70
CA LEU M 81 22.55 37.46 2.62
C LEU M 81 23.01 38.91 2.45
N GLN M 82 23.12 39.37 1.20
CA GLN M 82 23.60 40.72 0.95
C GLN M 82 22.64 41.75 1.52
N LYS M 83 21.33 41.54 1.33
CA LYS M 83 20.36 42.50 1.85
C LYS M 83 20.30 42.46 3.37
N TRP M 84 20.55 41.29 3.98
CA TRP M 84 20.70 41.27 5.43
C TRP M 84 21.88 42.12 5.87
N LEU M 85 23.00 42.01 5.15
CA LEU M 85 24.17 42.83 5.49
C LEU M 85 23.88 44.31 5.35
N MET M 86 23.23 44.72 4.24
CA MET M 86 22.89 46.13 4.08
C MET M 86 21.94 46.61 5.17
N ARG M 87 20.95 45.80 5.51
CA ARG M 87 19.98 46.21 6.53
C ARG M 87 20.65 46.36 7.89
N GLU M 88 21.56 45.45 8.24
CA GLU M 88 22.17 45.47 9.57
C GLU M 88 23.41 46.34 9.67
N GLY M 89 23.98 46.79 8.55
CA GLY M 89 25.17 47.58 8.68
C GLY M 89 26.33 46.75 9.22
N THR M 90 27.27 47.43 9.85
CA THR M 90 28.36 46.73 10.53
C THR M 90 28.05 46.50 12.00
N LYS M 91 27.12 47.26 12.57
CA LYS M 91 26.76 47.06 13.97
C LYS M 91 25.87 45.84 14.17
N GLY M 92 25.06 45.48 13.18
CA GLY M 92 24.15 44.37 13.33
C GLY M 92 24.64 43.09 12.67
N ALA M 93 25.44 43.22 11.61
CA ALA M 93 25.98 42.05 10.92
C ALA M 93 27.08 41.43 11.78
N THR M 94 26.66 40.89 12.92
CA THR M 94 27.56 40.25 13.86
C THR M 94 27.47 38.73 13.72
N VAL M 95 28.51 38.05 14.18
CA VAL M 95 28.51 36.59 14.15
C VAL M 95 27.45 36.04 15.10
N GLY M 96 27.20 36.71 16.23
CA GLY M 96 26.24 36.19 17.18
C GLY M 96 24.83 36.12 16.63
N LYS M 97 24.38 37.19 15.97
CA LYS M 97 23.03 37.20 15.42
C LYS M 97 22.88 36.22 14.26
N LEU M 98 23.90 36.13 13.41
CA LEU M 98 23.85 35.14 12.33
C LEU M 98 23.82 33.72 12.89
N ALA M 99 24.60 33.46 13.95
CA ALA M 99 24.59 32.14 14.57
C ALA M 99 23.22 31.82 15.17
N GLN M 100 22.61 32.80 15.84
CA GLN M 100 21.28 32.59 16.39
C GLN M 100 20.26 32.31 15.30
N ALA M 101 20.32 33.09 14.22
CA ALA M 101 19.37 32.91 13.12
C ALA M 101 19.54 31.55 12.46
N LEU M 102 20.79 31.11 12.28
CA LEU M 102 21.02 29.78 11.71
C LEU M 102 20.59 28.68 12.66
N HIS M 103 20.76 28.89 13.96
CA HIS M 103 20.32 27.89 14.93
C HIS M 103 18.81 27.72 14.90
N GLN M 104 18.07 28.83 14.84
CA GLN M 104 16.61 28.72 14.73
C GLN M 104 16.21 28.13 13.40
N CYS M 105 16.91 28.47 12.32
CA CYS M 105 16.67 27.91 11.01
C CYS M 105 17.05 26.44 10.90
N CYS M 106 17.76 25.90 11.91
CA CYS M 106 18.29 24.54 11.95
C CYS M 106 19.44 24.33 10.98
N ARG M 107 19.91 25.37 10.31
CA ARG M 107 21.09 25.27 9.45
C ARG M 107 22.36 25.67 10.18
N ILE M 108 22.59 25.10 11.37
CA ILE M 108 23.78 25.45 12.13
C ILE M 108 25.04 24.82 11.57
N ASP M 109 24.91 23.88 10.62
CA ASP M 109 26.10 23.26 10.04
C ASP M 109 26.96 24.29 9.33
N LEU M 110 26.34 25.25 8.65
CA LEU M 110 27.06 26.25 7.88
C LEU M 110 28.08 26.98 8.74
N LEU M 111 27.58 27.73 9.72
CA LEU M 111 28.48 28.55 10.53
C LEU M 111 29.31 27.70 11.47
N ASN M 112 28.72 26.61 11.99
CA ASN M 112 29.46 25.74 12.90
C ASN M 112 30.69 25.16 12.23
N HIS M 113 30.55 24.67 10.99
CA HIS M 113 31.71 24.18 10.26
C HIS M 113 32.66 25.31 9.91
N LEU M 114 32.13 26.38 9.33
CA LEU M 114 33.00 27.44 8.82
C LEU M 114 33.88 28.03 9.91
N ILE M 115 33.29 28.43 11.03
CA ILE M 115 34.03 29.20 12.02
C ILE M 115 34.84 28.27 12.91
N ARG M 116 34.21 27.23 13.47
CA ARG M 116 34.92 26.38 14.41
C ARG M 116 35.87 25.40 13.74
N ALA M 117 35.52 24.86 12.57
CA ALA M 117 36.41 23.90 11.92
C ALA M 117 37.64 24.59 11.35
N SER M 118 37.48 25.79 10.79
CA SER M 118 38.60 26.52 10.20
C SER M 118 39.23 27.47 11.21
N THR N 32 0.42 37.40 17.01
CA THR N 32 1.83 37.70 17.22
C THR N 32 2.71 36.57 16.72
N ASP N 33 4.02 36.84 16.64
CA ASP N 33 4.95 35.83 16.14
C ASP N 33 5.05 34.65 17.11
N GLU N 34 5.05 34.92 18.42
CA GLU N 34 5.13 33.84 19.39
C GLU N 34 3.84 33.05 19.47
N HIS N 35 2.70 33.68 19.14
CA HIS N 35 1.42 32.98 19.17
C HIS N 35 1.19 32.13 17.92
N LEU N 36 2.06 32.24 16.92
CA LEU N 36 1.86 31.54 15.66
C LEU N 36 3.04 30.69 15.24
N ASN N 37 4.21 30.88 15.82
CA ASN N 37 5.36 30.06 15.44
C ASN N 37 5.14 28.58 15.71
N PRO N 38 4.65 28.15 16.89
CA PRO N 38 4.41 26.70 17.06
C PRO N 38 3.41 26.12 16.08
N ILE N 39 2.38 26.89 15.70
CA ILE N 39 1.42 26.40 14.72
C ILE N 39 2.07 26.24 13.35
N ARG N 40 2.91 27.20 12.97
CA ARG N 40 3.61 27.09 11.69
C ARG N 40 4.58 25.92 11.69
N GLU N 41 5.28 25.70 12.81
CA GLU N 41 6.33 24.70 12.85
C GLU N 41 5.80 23.29 13.02
N ASN N 42 4.67 23.12 13.71
CA ASN N 42 4.22 21.79 14.10
C ASN N 42 2.86 21.41 13.52
N LEU N 43 2.42 22.04 12.44
CA LEU N 43 1.11 21.67 11.92
C LEU N 43 1.21 20.48 10.97
N GLY N 44 2.02 20.59 9.93
CA GLY N 44 2.38 19.43 9.15
C GLY N 44 1.40 19.00 8.07
N ARG N 45 1.22 17.69 7.96
CA ARG N 45 0.52 17.08 6.82
C ARG N 45 -0.96 17.41 6.78
N GLN N 46 -1.55 17.88 7.88
CA GLN N 46 -2.97 18.18 7.96
C GLN N 46 -3.29 19.62 7.58
N TRP N 47 -2.45 20.25 6.76
CA TRP N 47 -2.66 21.65 6.46
C TRP N 47 -3.88 21.86 5.58
N LYS N 48 -4.20 20.92 4.71
CA LYS N 48 -5.41 21.07 3.89
C LYS N 48 -6.67 21.03 4.76
N ASN N 49 -6.72 20.10 5.71
CA ASN N 49 -7.87 20.04 6.62
C ASN N 49 -7.95 21.30 7.47
N CYS N 50 -6.82 21.78 7.99
CA CYS N 50 -6.85 23.00 8.79
C CYS N 50 -7.30 24.19 7.95
N ALA N 51 -6.84 24.27 6.69
CA ALA N 51 -7.26 25.35 5.81
C ALA N 51 -8.75 25.29 5.54
N ARG N 52 -9.29 24.09 5.33
CA ARG N 52 -10.73 23.95 5.12
C ARG N 52 -11.51 24.39 6.35
N LYS N 53 -11.02 24.05 7.54
CA LYS N 53 -11.69 24.51 8.75
C LYS N 53 -11.49 26.00 8.99
N LEU N 54 -10.51 26.63 8.35
CA LEU N 54 -10.24 28.05 8.51
C LEU N 54 -10.97 28.90 7.49
N GLY N 55 -11.77 28.31 6.61
CA GLY N 55 -12.55 29.05 5.65
C GLY N 55 -11.95 29.18 4.27
N PHE N 56 -10.89 28.43 3.97
CA PHE N 56 -10.30 28.48 2.63
C PHE N 56 -11.16 27.71 1.65
N THR N 57 -11.43 28.31 0.49
CA THR N 57 -12.09 27.58 -0.57
C THR N 57 -11.13 26.58 -1.19
N GLU N 58 -11.68 25.66 -1.97
CA GLU N 58 -10.84 24.64 -2.60
C GLU N 58 -9.87 25.24 -3.58
N SER N 59 -10.27 26.31 -4.27
CA SER N 59 -9.36 26.98 -5.20
C SER N 59 -8.17 27.59 -4.47
N GLN N 60 -8.40 28.18 -3.30
CA GLN N 60 -7.30 28.77 -2.54
C GLN N 60 -6.32 27.71 -2.07
N ILE N 61 -6.84 26.56 -1.65
CA ILE N 61 -5.96 25.45 -1.27
C ILE N 61 -5.18 24.95 -2.49
N ASP N 62 -5.82 24.92 -3.65
CA ASP N 62 -5.11 24.55 -4.87
C ASP N 62 -4.00 25.53 -5.18
N GLU N 63 -4.26 26.84 -5.01
CA GLU N 63 -3.22 27.83 -5.27
C GLU N 63 -2.06 27.69 -4.30
N ILE N 64 -2.34 27.45 -3.02
CA ILE N 64 -1.26 27.26 -2.06
C ILE N 64 -0.47 25.99 -2.40
N ASP N 65 -1.15 24.92 -2.79
CA ASP N 65 -0.49 23.67 -3.12
C ASP N 65 0.35 23.80 -4.37
N HIS N 66 -0.08 24.63 -5.33
CA HIS N 66 0.59 24.73 -6.61
C HIS N 66 1.74 25.73 -6.57
N ASP N 67 1.51 26.91 -5.99
CA ASP N 67 2.52 27.96 -6.02
C ASP N 67 3.78 27.56 -5.25
N TYR N 68 3.60 26.96 -4.07
CA TYR N 68 4.71 26.66 -3.18
C TYR N 68 5.08 25.18 -3.19
N GLU N 69 4.85 24.49 -4.31
CA GLU N 69 5.32 23.12 -4.45
C GLU N 69 6.84 23.07 -4.50
N ARG N 70 7.46 24.11 -5.06
CA ARG N 70 8.91 24.14 -5.19
C ARG N 70 9.63 24.41 -3.88
N ASP N 71 8.93 24.87 -2.85
CA ASP N 71 9.56 25.20 -1.58
C ASP N 71 9.29 24.18 -0.49
N GLY N 72 8.21 23.42 -0.58
CA GLY N 72 7.98 22.29 0.29
C GLY N 72 6.73 22.44 1.12
N LEU N 73 6.58 21.54 2.09
CA LEU N 73 5.41 21.53 2.95
C LEU N 73 5.46 22.65 3.98
N LYS N 74 6.65 22.97 4.48
CA LYS N 74 6.79 24.03 5.47
C LYS N 74 6.33 25.36 4.88
N GLU N 75 6.69 25.63 3.64
CA GLU N 75 6.24 26.85 2.98
C GLU N 75 4.73 26.85 2.78
N LYS N 76 4.15 25.71 2.42
CA LYS N 76 2.71 25.64 2.25
C LYS N 76 1.98 25.94 3.55
N VAL N 77 2.45 25.38 4.66
CA VAL N 77 1.82 25.64 5.95
C VAL N 77 1.99 27.11 6.34
N TYR N 78 3.19 27.65 6.16
CA TYR N 78 3.43 29.05 6.49
C TYR N 78 2.52 29.96 5.68
N GLN N 79 2.40 29.69 4.38
CA GLN N 79 1.59 30.55 3.53
C GLN N 79 0.10 30.38 3.82
N MET N 80 -0.32 29.19 4.22
CA MET N 80 -1.71 29.02 4.63
C MET N 80 -2.03 29.88 5.84
N LEU N 81 -1.19 29.82 6.87
CA LEU N 81 -1.42 30.68 8.04
C LEU N 81 -1.33 32.16 7.67
N GLN N 82 -0.35 32.53 6.85
CA GLN N 82 -0.18 33.92 6.49
C GLN N 82 -1.38 34.44 5.71
N LYS N 83 -1.90 33.66 4.77
CA LYS N 83 -3.05 34.10 4.00
C LYS N 83 -4.30 34.14 4.85
N TRP N 84 -4.42 33.27 5.85
CA TRP N 84 -5.51 33.42 6.79
C TRP N 84 -5.40 34.75 7.54
N LEU N 85 -4.19 35.11 7.96
CA LEU N 85 -4.00 36.38 8.65
C LEU N 85 -4.36 37.56 7.76
N MET N 86 -3.91 37.55 6.50
CA MET N 86 -4.24 38.63 5.58
C MET N 86 -5.74 38.71 5.35
N ARG N 87 -6.40 37.57 5.17
CA ARG N 87 -7.83 37.58 4.92
C ARG N 87 -8.60 38.11 6.11
N GLU N 88 -8.21 37.74 7.33
CA GLU N 88 -8.96 38.13 8.51
C GLU N 88 -8.55 39.47 9.09
N GLY N 89 -7.43 40.04 8.67
CA GLY N 89 -7.05 41.30 9.27
C GLY N 89 -6.68 41.12 10.73
N THR N 90 -6.83 42.20 11.49
CA THR N 90 -6.64 42.12 12.93
C THR N 90 -7.96 41.88 13.66
N LYS N 91 -9.09 42.17 13.02
CA LYS N 91 -10.38 41.94 13.66
C LYS N 91 -10.77 40.47 13.64
N GLY N 92 -10.33 39.71 12.64
CA GLY N 92 -10.70 38.32 12.55
C GLY N 92 -9.63 37.36 13.02
N ALA N 93 -8.37 37.76 12.93
CA ALA N 93 -7.26 36.91 13.39
C ALA N 93 -7.23 36.92 14.92
N THR N 94 -8.27 36.34 15.49
CA THR N 94 -8.42 36.24 16.94
C THR N 94 -8.03 34.85 17.41
N VAL N 95 -7.70 34.74 18.69
CA VAL N 95 -7.38 33.45 19.27
C VAL N 95 -8.60 32.54 19.29
N GLY N 96 -9.79 33.11 19.49
CA GLY N 96 -10.98 32.28 19.58
C GLY N 96 -11.28 31.54 18.29
N LYS N 97 -11.21 32.24 17.16
CA LYS N 97 -11.50 31.60 15.88
C LYS N 97 -10.44 30.58 15.50
N LEU N 98 -9.17 30.89 15.77
CA LEU N 98 -8.12 29.91 15.53
C LEU N 98 -8.29 28.68 16.41
N ALA N 99 -8.67 28.87 17.67
CA ALA N 99 -8.91 27.74 18.56
C ALA N 99 -10.06 26.89 18.07
N GLN N 100 -11.15 27.53 17.63
CA GLN N 100 -12.28 26.78 17.09
C GLN N 100 -11.88 25.99 15.85
N ALA N 101 -11.14 26.63 14.95
CA ALA N 101 -10.71 25.96 13.72
C ALA N 101 -9.81 24.78 14.01
N LEU N 102 -8.88 24.94 14.96
CA LEU N 102 -8.02 23.83 15.35
C LEU N 102 -8.80 22.72 16.05
N HIS N 103 -9.81 23.08 16.83
CA HIS N 103 -10.62 22.06 17.49
C HIS N 103 -11.38 21.23 16.46
N GLN N 104 -11.98 21.88 15.46
CA GLN N 104 -12.65 21.11 14.42
C GLN N 104 -11.66 20.30 13.59
N CYS N 105 -10.48 20.85 13.33
CA CYS N 105 -9.42 20.14 12.62
C CYS N 105 -8.82 18.99 13.44
N CYS N 106 -9.14 18.92 14.73
CA CYS N 106 -8.60 17.95 15.70
C CYS N 106 -7.14 18.21 16.04
N ARG N 107 -6.55 19.31 15.56
CA ARG N 107 -5.20 19.68 15.94
C ARG N 107 -5.19 20.66 17.08
N ILE N 108 -5.90 20.35 18.17
CA ILE N 108 -5.95 21.25 19.31
C ILE N 108 -4.67 21.23 20.13
N ASP N 109 -3.78 20.27 19.87
CA ASP N 109 -2.53 20.21 20.63
C ASP N 109 -1.71 21.47 20.41
N LEU N 110 -1.69 21.98 19.18
CA LEU N 110 -0.88 23.15 18.84
C LEU N 110 -1.19 24.31 19.77
N LEU N 111 -2.41 24.83 19.67
CA LEU N 111 -2.75 26.02 20.43
C LEU N 111 -2.89 25.71 21.91
N ASN N 112 -3.40 24.52 22.24
CA ASN N 112 -3.55 24.14 23.65
C ASN N 112 -2.21 24.14 24.36
N HIS N 113 -1.19 23.56 23.75
CA HIS N 113 0.14 23.58 24.34
C HIS N 113 0.70 24.99 24.35
N LEU N 114 0.67 25.67 23.21
CA LEU N 114 1.34 26.96 23.10
C LEU N 114 0.80 27.97 24.11
N ILE N 115 -0.52 28.13 24.17
CA ILE N 115 -1.08 29.23 24.96
C ILE N 115 -1.17 28.84 26.43
N ARG N 116 -1.74 27.67 26.72
CA ARG N 116 -1.95 27.29 28.11
C ARG N 116 -0.68 26.82 28.80
N ALA N 117 0.21 26.09 28.10
CA ALA N 117 1.42 25.60 28.74
C ALA N 117 2.40 26.72 29.00
N SER N 118 2.52 27.67 28.07
CA SER N 118 3.45 28.79 28.22
C SER N 118 2.77 29.99 28.87
N THR O 32 31.94 12.21 8.11
CA THR O 32 32.60 12.10 6.82
C THR O 32 31.75 11.32 5.84
N ASP O 33 32.14 11.35 4.57
CA ASP O 33 31.38 10.65 3.54
C ASP O 33 31.47 9.14 3.72
N GLU O 34 32.64 8.63 4.10
CA GLU O 34 32.79 7.19 4.30
C GLU O 34 32.09 6.73 5.57
N HIS O 35 31.94 7.61 6.55
CA HIS O 35 31.27 7.24 7.80
C HIS O 35 29.75 7.30 7.67
N LEU O 36 29.22 7.79 6.55
CA LEU O 36 27.79 7.97 6.39
C LEU O 36 27.23 7.31 5.15
N ASN O 37 28.06 6.94 4.18
CA ASN O 37 27.55 6.29 2.98
C ASN O 37 26.84 4.98 3.28
N PRO O 38 27.39 4.05 4.08
CA PRO O 38 26.63 2.83 4.37
C PRO O 38 25.30 3.08 5.05
N ILE O 39 25.21 4.08 5.92
CA ILE O 39 23.95 4.39 6.58
C ILE O 39 22.94 4.91 5.56
N ARG O 40 23.40 5.77 4.64
CA ARG O 40 22.49 6.27 3.60
C ARG O 40 22.03 5.16 2.68
N GLU O 41 22.93 4.25 2.33
CA GLU O 41 22.62 3.23 1.33
C GLU O 41 21.81 2.08 1.91
N ASN O 42 21.98 1.74 3.19
CA ASN O 42 21.41 0.52 3.74
C ASN O 42 20.43 0.77 4.89
N LEU O 43 19.85 1.96 4.99
CA LEU O 43 18.94 2.17 6.10
C LEU O 43 17.53 1.71 5.75
N GLY O 44 16.96 2.25 4.67
CA GLY O 44 15.75 1.69 4.10
C GLY O 44 14.44 2.11 4.73
N ARG O 45 13.55 1.14 4.89
CA ARG O 45 12.15 1.40 5.23
C ARG O 45 11.97 1.95 6.64
N GLN O 46 12.97 1.81 7.51
CA GLN O 46 12.88 2.25 8.90
C GLN O 46 13.35 3.69 9.10
N TRP O 47 13.28 4.51 8.05
CA TRP O 47 13.81 5.86 8.15
C TRP O 47 12.98 6.73 9.07
N LYS O 48 11.67 6.51 9.14
CA LYS O 48 10.85 7.29 10.06
C LYS O 48 11.21 6.99 11.52
N ASN O 49 11.40 5.71 11.85
CA ASN O 49 11.82 5.36 13.20
C ASN O 49 13.19 5.92 13.52
N CYS O 50 14.12 5.82 12.58
CA CYS O 50 15.46 6.37 12.82
C CYS O 50 15.41 7.88 13.01
N ALA O 51 14.56 8.56 12.22
CA ALA O 51 14.42 10.00 12.36
C ALA O 51 13.84 10.37 13.71
N ARG O 52 12.84 9.60 14.18
CA ARG O 52 12.27 9.85 15.48
C ARG O 52 13.30 9.66 16.59
N LYS O 53 14.15 8.64 16.46
CA LYS O 53 15.21 8.45 17.44
C LYS O 53 16.32 9.48 17.32
N LEU O 54 16.40 10.17 16.19
CA LEU O 54 17.42 11.19 15.97
C LEU O 54 16.95 12.59 16.37
N GLY O 55 15.74 12.73 16.89
CA GLY O 55 15.26 14.00 17.36
C GLY O 55 14.38 14.78 16.40
N PHE O 56 13.96 14.16 15.30
CA PHE O 56 13.09 14.84 14.35
C PHE O 56 11.68 14.91 14.90
N THR O 57 11.06 16.09 14.82
CA THR O 57 9.66 16.21 15.16
C THR O 57 8.80 15.58 14.06
N GLU O 58 7.53 15.37 14.38
CA GLU O 58 6.64 14.74 13.40
C GLU O 58 6.45 15.61 12.18
N SER O 59 6.45 16.94 12.37
CA SER O 59 6.32 17.83 11.22
C SER O 59 7.52 17.73 10.30
N GLN O 60 8.72 17.59 10.84
CA GLN O 60 9.91 17.46 10.00
C GLN O 60 9.88 16.16 9.20
N ILE O 61 9.41 15.08 9.82
CA ILE O 61 9.26 13.82 9.09
C ILE O 61 8.21 13.97 8.01
N ASP O 62 7.13 14.71 8.29
CA ASP O 62 6.12 14.96 7.27
C ASP O 62 6.71 15.75 6.10
N GLU O 63 7.55 16.75 6.39
CA GLU O 63 8.17 17.52 5.31
C GLU O 63 9.10 16.67 4.47
N ILE O 64 9.89 15.80 5.11
CA ILE O 64 10.77 14.92 4.34
C ILE O 64 9.96 13.95 3.50
N ASP O 65 8.87 13.43 4.06
CA ASP O 65 8.03 12.48 3.33
C ASP O 65 7.32 13.15 2.17
N HIS O 66 6.96 14.42 2.31
CA HIS O 66 6.17 15.11 1.30
C HIS O 66 7.05 15.70 0.20
N ASP O 67 8.13 16.37 0.58
CA ASP O 67 8.96 17.06 -0.40
C ASP O 67 9.61 16.10 -1.38
N TYR O 68 10.14 14.98 -0.88
CA TYR O 68 10.91 14.04 -1.69
C TYR O 68 10.13 12.79 -2.04
N GLU O 69 8.80 12.89 -2.12
CA GLU O 69 8.00 11.79 -2.61
C GLU O 69 8.27 11.51 -4.08
N ARG O 70 8.59 12.56 -4.84
CA ARG O 70 8.83 12.42 -6.27
C ARG O 70 10.18 11.78 -6.58
N ASP O 71 11.08 11.70 -5.63
CA ASP O 71 12.41 11.14 -5.87
C ASP O 71 12.60 9.74 -5.29
N GLY O 72 11.84 9.37 -4.28
CA GLY O 72 11.81 8.00 -3.81
C GLY O 72 12.26 7.88 -2.37
N LEU O 73 12.46 6.63 -1.95
CA LEU O 73 12.85 6.35 -0.57
C LEU O 73 14.32 6.66 -0.34
N LYS O 74 15.17 6.44 -1.34
CA LYS O 74 16.59 6.74 -1.20
C LYS O 74 16.81 8.21 -0.92
N GLU O 75 16.08 9.07 -1.63
CA GLU O 75 16.17 10.50 -1.39
C GLU O 75 15.67 10.88 -0.01
N LYS O 76 14.59 10.24 0.45
CA LYS O 76 14.09 10.53 1.78
C LYS O 76 15.11 10.18 2.86
N VAL O 77 15.75 9.01 2.72
CA VAL O 77 16.77 8.61 3.69
C VAL O 77 17.97 9.56 3.63
N TYR O 78 18.42 9.89 2.42
CA TYR O 78 19.55 10.80 2.28
C TYR O 78 19.25 12.14 2.91
N GLN O 79 18.05 12.68 2.67
CA GLN O 79 17.71 13.99 3.20
C GLN O 79 17.49 13.95 4.71
N MET O 80 17.01 12.83 5.24
CA MET O 80 16.91 12.70 6.68
C MET O 80 18.29 12.78 7.33
N LEU O 81 19.24 12.01 6.81
CA LEU O 81 20.60 12.09 7.37
C LEU O 81 21.20 13.47 7.17
N GLN O 82 20.99 14.07 6.00
CA GLN O 82 21.57 15.38 5.72
C GLN O 82 21.00 16.44 6.64
N LYS O 83 19.69 16.42 6.87
CA LYS O 83 19.08 17.41 7.75
C LYS O 83 19.48 17.18 9.20
N TRP O 84 19.73 15.93 9.60
CA TRP O 84 20.30 15.71 10.91
C TRP O 84 21.68 16.35 11.01
N LEU O 85 22.50 16.21 9.97
CA LEU O 85 23.82 16.82 9.98
C LEU O 85 23.73 18.33 10.07
N MET O 86 22.85 18.94 9.26
CA MET O 86 22.70 20.40 9.33
C MET O 86 22.22 20.85 10.70
N ARG O 87 21.26 20.13 11.29
CA ARG O 87 20.74 20.52 12.59
C ARG O 87 21.81 20.43 13.66
N GLU O 88 22.62 19.38 13.63
CA GLU O 88 23.60 19.15 14.69
C GLU O 88 24.94 19.85 14.45
N GLY O 89 25.20 20.36 13.25
CA GLY O 89 26.48 20.98 13.06
C GLY O 89 27.60 19.95 13.12
N THR O 90 28.79 20.44 13.47
CA THR O 90 29.91 19.53 13.70
C THR O 90 30.04 19.15 15.17
N LYS O 91 29.44 19.94 16.07
CA LYS O 91 29.51 19.62 17.49
C LYS O 91 28.56 18.49 17.86
N GLY O 92 27.44 18.36 17.16
CA GLY O 92 26.46 17.36 17.50
C GLY O 92 26.51 16.13 16.62
N ALA O 93 26.96 16.29 15.37
CA ALA O 93 27.08 15.16 14.46
C ALA O 93 28.28 14.30 14.86
N THR O 94 28.15 13.68 16.02
CA THR O 94 29.19 12.83 16.58
C THR O 94 28.82 11.37 16.35
N VAL O 95 29.84 10.51 16.40
CA VAL O 95 29.61 9.07 16.26
C VAL O 95 28.82 8.55 17.44
N GLY O 96 29.03 9.09 18.64
CA GLY O 96 28.34 8.58 19.81
C GLY O 96 26.84 8.75 19.73
N LYS O 97 26.38 9.94 19.34
CA LYS O 97 24.94 10.17 19.27
C LYS O 97 24.30 9.38 18.14
N LEU O 98 24.97 9.26 17.00
CA LEU O 98 24.46 8.42 15.92
C LEU O 98 24.37 6.96 16.35
N ALA O 99 25.40 6.48 17.07
CA ALA O 99 25.38 5.11 17.55
C ALA O 99 24.23 4.89 18.53
N GLN O 100 24.01 5.83 19.44
CA GLN O 100 22.90 5.72 20.38
C GLN O 100 21.56 5.71 19.64
N ALA O 101 21.40 6.61 18.67
CA ALA O 101 20.15 6.67 17.91
C ALA O 101 19.90 5.40 17.14
N LEU O 102 20.95 4.84 16.53
CA LEU O 102 20.78 3.57 15.81
C LEU O 102 20.51 2.43 16.76
N HIS O 103 21.09 2.44 17.95
CA HIS O 103 20.82 1.39 18.92
C HIS O 103 19.37 1.41 19.37
N GLN O 104 18.83 2.59 19.65
CA GLN O 104 17.42 2.67 20.01
C GLN O 104 16.51 2.31 18.82
N CYS O 105 16.92 2.70 17.61
CA CYS O 105 16.19 2.33 16.40
C CYS O 105 16.30 0.85 16.06
N CYS O 106 17.18 0.12 16.73
CA CYS O 106 17.50 -1.29 16.50
C CYS O 106 18.24 -1.52 15.20
N ARG O 107 18.63 -0.47 14.50
CA ARG O 107 19.46 -0.60 13.29
C ARG O 107 20.94 -0.45 13.61
N ILE O 108 21.43 -1.19 14.60
CA ILE O 108 22.84 -1.08 14.97
C ILE O 108 23.76 -1.79 13.98
N ASP O 109 23.19 -2.57 13.06
CA ASP O 109 24.03 -3.25 12.08
C ASP O 109 24.78 -2.25 11.21
N LEU O 110 24.14 -1.15 10.85
CA LEU O 110 24.73 -0.14 9.97
C LEU O 110 26.06 0.33 10.51
N LEU O 111 26.02 1.01 11.66
CA LEU O 111 27.23 1.61 12.20
C LEU O 111 28.16 0.56 12.75
N ASN O 112 27.61 -0.51 13.35
CA ASN O 112 28.45 -1.58 13.89
C ASN O 112 29.31 -2.21 12.81
N HIS O 113 28.73 -2.51 11.66
CA HIS O 113 29.51 -3.05 10.55
C HIS O 113 30.47 -2.00 10.01
N LEU O 114 29.97 -0.80 9.71
CA LEU O 114 30.79 0.19 9.04
C LEU O 114 32.04 0.54 9.83
N ILE O 115 31.88 0.86 11.11
CA ILE O 115 33.01 1.40 11.87
C ILE O 115 33.90 0.27 12.37
N ARG O 116 33.31 -0.74 13.01
CA ARG O 116 34.14 -1.79 13.61
C ARG O 116 34.68 -2.77 12.59
N ALA O 117 33.91 -3.12 11.55
CA ALA O 117 34.39 -4.09 10.57
C ALA O 117 35.49 -3.49 9.69
N SER O 118 35.34 -2.22 9.32
CA SER O 118 36.32 -1.56 8.46
C SER O 118 37.37 -0.83 9.29
N THR P 32 4.16 12.85 28.11
CA THR P 32 5.61 12.96 27.88
C THR P 32 6.11 11.79 27.03
N ASP P 33 7.34 11.91 26.56
CA ASP P 33 7.92 10.87 25.71
C ASP P 33 8.12 9.58 26.50
N GLU P 34 8.56 9.68 27.75
CA GLU P 34 8.78 8.49 28.56
C GLU P 34 7.46 7.85 28.98
N HIS P 35 6.40 8.65 29.09
CA HIS P 35 5.09 8.10 29.47
C HIS P 35 4.36 7.46 28.32
N LEU P 36 4.89 7.58 27.10
CA LEU P 36 4.20 7.08 25.92
C LEU P 36 5.05 6.15 25.06
N ASN P 37 6.36 6.12 25.26
CA ASN P 37 7.20 5.22 24.47
C ASN P 37 6.85 3.75 24.68
N PRO P 38 6.68 3.24 25.90
CA PRO P 38 6.28 1.83 26.03
C PRO P 38 4.96 1.50 25.38
N ILE P 39 4.00 2.42 25.41
CA ILE P 39 2.71 2.17 24.77
C ILE P 39 2.89 2.11 23.25
N ARG P 40 3.70 3.00 22.69
CA ARG P 40 3.95 2.97 21.25
C ARG P 40 4.68 1.70 20.84
N GLU P 41 5.64 1.26 21.65
CA GLU P 41 6.49 0.15 21.28
C GLU P 41 5.83 -1.21 21.51
N ASN P 42 4.95 -1.32 22.50
CA ASN P 42 4.44 -2.62 22.91
C ASN P 42 2.93 -2.77 22.78
N LEU P 43 2.29 -1.95 21.94
CA LEU P 43 0.84 -2.10 21.85
C LEU P 43 0.46 -3.17 20.83
N GLY P 44 0.92 -3.03 19.59
CA GLY P 44 0.84 -4.11 18.63
C GLY P 44 -0.47 -4.29 17.90
N ARG P 45 -0.89 -5.55 17.76
CA ARG P 45 -1.97 -5.93 16.86
C ARG P 45 -3.33 -5.41 17.32
N GLN P 46 -3.47 -5.02 18.59
CA GLN P 46 -4.74 -4.56 19.15
C GLN P 46 -4.94 -3.05 19.00
N TRP P 47 -4.30 -2.44 18.00
CA TRP P 47 -4.37 -0.99 17.89
C TRP P 47 -5.76 -0.52 17.48
N LYS P 48 -6.48 -1.30 16.68
CA LYS P 48 -7.84 -0.91 16.31
C LYS P 48 -8.76 -0.91 17.53
N ASN P 49 -8.66 -1.94 18.38
CA ASN P 49 -9.47 -1.97 19.59
C ASN P 49 -9.10 -0.82 20.53
N CYS P 50 -7.80 -0.55 20.68
CA CYS P 50 -7.39 0.56 21.55
C CYS P 50 -7.89 1.89 21.00
N ALA P 51 -7.84 2.07 19.67
CA ALA P 51 -8.33 3.29 19.06
C ALA P 51 -9.82 3.44 19.27
N ARG P 52 -10.58 2.35 19.16
CA ARG P 52 -12.01 2.42 19.40
C ARG P 52 -12.30 2.80 20.84
N LYS P 53 -11.53 2.25 21.79
CA LYS P 53 -11.71 2.63 23.19
C LYS P 53 -11.23 4.05 23.47
N LEU P 54 -10.41 4.62 22.60
CA LEU P 54 -9.89 5.97 22.77
C LEU P 54 -10.76 7.03 22.10
N GLY P 55 -11.88 6.64 21.50
CA GLY P 55 -12.78 7.59 20.89
C GLY P 55 -12.63 7.81 19.41
N PHE P 56 -11.84 6.99 18.73
CA PHE P 56 -11.68 7.13 17.28
C PHE P 56 -12.91 6.60 16.57
N THR P 57 -13.42 7.36 15.61
CA THR P 57 -14.48 6.85 14.77
C THR P 57 -13.93 5.83 13.78
N GLU P 58 -14.84 5.08 13.16
CA GLU P 58 -14.39 4.05 12.22
C GLU P 58 -13.68 4.65 11.02
N SER P 59 -14.11 5.84 10.58
CA SER P 59 -13.44 6.50 9.47
C SER P 59 -12.00 6.87 9.83
N GLN P 60 -11.77 7.34 11.05
CA GLN P 60 -10.41 7.69 11.46
C GLN P 60 -9.51 6.47 11.50
N ILE P 61 -10.04 5.35 11.97
CA ILE P 61 -9.27 4.10 11.96
C ILE P 61 -8.99 3.68 10.54
N ASP P 62 -9.96 3.86 9.63
CA ASP P 62 -9.72 3.56 8.22
C ASP P 62 -8.61 4.43 7.65
N GLU P 63 -8.60 5.73 8.00
CA GLU P 63 -7.55 6.61 7.50
C GLU P 63 -6.18 6.21 8.03
N ILE P 64 -6.10 5.84 9.31
CA ILE P 64 -4.82 5.41 9.84
C ILE P 64 -4.37 4.12 9.18
N ASP P 65 -5.30 3.20 8.95
CA ASP P 65 -4.97 1.92 8.32
C ASP P 65 -4.55 2.11 6.88
N HIS P 66 -5.12 3.09 6.19
CA HIS P 66 -4.87 3.27 4.77
C HIS P 66 -3.62 4.10 4.51
N ASP P 67 -3.47 5.22 5.22
CA ASP P 67 -2.37 6.14 4.96
C ASP P 67 -1.03 5.50 5.25
N TYR P 68 -0.92 4.78 6.37
CA TYR P 68 0.36 4.24 6.82
C TYR P 68 0.47 2.74 6.59
N GLU P 69 -0.20 2.23 5.55
CA GLU P 69 -0.01 0.85 5.16
C GLU P 69 1.40 0.62 4.62
N ARG P 70 1.97 1.63 3.98
CA ARG P 70 3.29 1.52 3.38
C ARG P 70 4.41 1.52 4.41
N ASP P 71 4.14 1.94 5.65
CA ASP P 71 5.18 2.02 6.67
C ASP P 71 5.10 0.91 7.70
N GLY P 72 3.94 0.31 7.90
CA GLY P 72 3.82 -0.88 8.70
C GLY P 72 2.92 -0.68 9.91
N LEU P 73 2.95 -1.67 10.80
CA LEU P 73 2.10 -1.64 11.99
C LEU P 73 2.65 -0.68 13.04
N LYS P 74 3.97 -0.57 13.14
CA LYS P 74 4.56 0.35 14.12
C LYS P 74 4.14 1.78 13.82
N GLU P 75 4.14 2.16 12.55
CA GLU P 75 3.71 3.49 12.17
C GLU P 75 2.23 3.70 12.46
N LYS P 76 1.41 2.69 12.22
CA LYS P 76 -0.02 2.81 12.51
C LYS P 76 -0.26 3.04 14.00
N VAL P 77 0.44 2.29 14.85
CA VAL P 77 0.28 2.47 16.29
C VAL P 77 0.78 3.84 16.72
N TYR P 78 1.94 4.25 16.20
CA TYR P 78 2.48 5.56 16.56
C TYR P 78 1.53 6.66 16.15
N GLN P 79 0.97 6.58 14.95
CA GLN P 79 0.08 7.63 14.48
C GLN P 79 -1.25 7.60 15.21
N MET P 80 -1.72 6.44 15.63
CA MET P 80 -2.93 6.39 16.44
C MET P 80 -2.73 7.12 17.77
N LEU P 81 -1.62 6.84 18.46
CA LEU P 81 -1.34 7.56 19.70
C LEU P 81 -1.15 9.04 19.45
N GLN P 82 -0.43 9.39 18.38
CA GLN P 82 -0.17 10.79 18.09
C GLN P 82 -1.44 11.55 17.79
N LYS P 83 -2.35 10.96 17.00
CA LYS P 83 -3.59 11.62 16.67
C LYS P 83 -4.50 11.71 17.89
N TRP P 84 -4.44 10.75 18.80
CA TRP P 84 -5.15 10.91 20.06
C TRP P 84 -4.61 12.11 20.82
N LEU P 85 -3.29 12.27 20.86
CA LEU P 85 -2.71 13.42 21.56
C LEU P 85 -3.14 14.73 20.92
N MET P 86 -3.10 14.81 19.59
CA MET P 86 -3.53 16.03 18.92
C MET P 86 -5.00 16.32 19.19
N ARG P 87 -5.85 15.30 19.14
CA ARG P 87 -7.27 15.50 19.37
C ARG P 87 -7.55 15.99 20.78
N GLU P 88 -6.86 15.42 21.77
CA GLU P 88 -7.15 15.74 23.16
C GLU P 88 -6.38 16.94 23.69
N GLY P 89 -5.37 17.43 22.97
CA GLY P 89 -4.63 18.54 23.51
C GLY P 89 -3.86 18.15 24.76
N THR P 90 -3.61 19.14 25.61
CA THR P 90 -2.99 18.86 26.90
C THR P 90 -4.04 18.69 28.00
N LYS P 91 -5.27 19.19 27.77
CA LYS P 91 -6.31 19.04 28.77
C LYS P 91 -6.91 17.63 28.77
N GLY P 92 -6.91 16.95 27.62
CA GLY P 92 -7.51 15.65 27.54
C GLY P 92 -6.51 14.52 27.58
N ALA P 93 -5.29 14.77 27.11
CA ALA P 93 -4.24 13.75 27.12
C ALA P 93 -3.74 13.57 28.56
N THR P 94 -4.63 13.03 29.39
CA THR P 94 -4.33 12.79 30.78
C THR P 94 -4.05 11.30 31.00
N VAL P 95 -3.35 11.01 32.10
CA VAL P 95 -3.07 9.62 32.43
C VAL P 95 -4.35 8.87 32.78
N GLY P 96 -5.32 9.56 33.39
CA GLY P 96 -6.54 8.87 33.79
C GLY P 96 -7.33 8.34 32.62
N LYS P 97 -7.50 9.15 31.58
CA LYS P 97 -8.28 8.71 30.42
C LYS P 97 -7.55 7.63 29.64
N LEU P 98 -6.22 7.74 29.51
CA LEU P 98 -5.45 6.69 28.86
C LEU P 98 -5.54 5.38 29.65
N ALA P 99 -5.48 5.47 30.98
CA ALA P 99 -5.60 4.27 31.80
C ALA P 99 -6.96 3.63 31.65
N GLN P 100 -8.02 4.45 31.62
CA GLN P 100 -9.37 3.91 31.43
C GLN P 100 -9.49 3.24 30.06
N ALA P 101 -8.98 3.89 29.02
CA ALA P 101 -9.05 3.33 27.67
C ALA P 101 -8.29 2.02 27.57
N LEU P 102 -7.11 1.94 28.19
CA LEU P 102 -6.35 0.70 28.18
C LEU P 102 -7.04 -0.37 29.00
N HIS P 103 -7.69 0.00 30.10
CA HIS P 103 -8.41 -0.99 30.89
C HIS P 103 -9.57 -1.59 30.12
N GLN P 104 -10.34 -0.76 29.40
CA GLN P 104 -11.40 -1.30 28.57
C GLN P 104 -10.86 -2.12 27.41
N CYS P 105 -9.73 -1.69 26.84
CA CYS P 105 -9.07 -2.42 25.77
C CYS P 105 -8.42 -3.72 26.26
N CYS P 106 -8.34 -3.93 27.58
CA CYS P 106 -7.68 -5.05 28.24
C CYS P 106 -6.18 -5.02 28.10
N ARG P 107 -5.60 -3.96 27.55
CA ARG P 107 -4.15 -3.79 27.49
C ARG P 107 -3.64 -2.96 28.67
N ILE P 108 -4.03 -3.33 29.89
CA ILE P 108 -3.59 -2.57 31.05
C ILE P 108 -2.13 -2.84 31.41
N ASP P 109 -1.52 -3.87 30.82
CA ASP P 109 -0.13 -4.17 31.11
C ASP P 109 0.77 -3.00 30.74
N LEU P 110 0.48 -2.35 29.62
CA LEU P 110 1.31 -1.26 29.13
C LEU P 110 1.50 -0.19 30.18
N LEU P 111 0.41 0.48 30.54
CA LEU P 111 0.50 1.61 31.46
C LEU P 111 0.77 1.13 32.87
N ASN P 112 0.21 -0.02 33.26
CA ASN P 112 0.44 -0.54 34.60
C ASN P 112 1.92 -0.81 34.85
N HIS P 113 2.61 -1.42 33.89
CA HIS P 113 4.04 -1.62 34.03
C HIS P 113 4.78 -0.30 33.97
N LEU P 114 4.51 0.51 32.95
CA LEU P 114 5.29 1.72 32.74
C LEU P 114 5.26 2.64 33.94
N ILE P 115 4.06 2.96 34.44
CA ILE P 115 3.94 4.01 35.45
C ILE P 115 4.26 3.45 36.83
N ARG P 116 3.62 2.33 37.20
CA ARG P 116 3.80 1.81 38.55
C ARG P 116 5.14 1.11 38.74
N ALA P 117 5.63 0.37 37.75
CA ALA P 117 6.90 -0.34 37.92
C ALA P 117 8.08 0.62 37.94
N SER P 118 8.04 1.66 37.10
CA SER P 118 9.12 2.62 37.04
C SER P 118 8.87 3.81 37.97
N THR Q 32 27.29 -14.57 7.65
CA THR Q 32 27.50 -14.59 6.20
C THR Q 32 26.28 -15.15 5.48
N ASP Q 33 26.26 -15.01 4.16
CA ASP Q 33 25.13 -15.49 3.38
C ASP Q 33 25.03 -17.00 3.40
N GLU Q 34 26.18 -17.69 3.34
CA GLU Q 34 26.17 -19.14 3.37
C GLU Q 34 25.83 -19.68 4.76
N HIS Q 35 26.13 -18.91 5.80
CA HIS Q 35 25.82 -19.34 7.16
C HIS Q 35 24.37 -19.10 7.54
N LEU Q 36 23.60 -18.42 6.68
CA LEU Q 36 22.24 -18.06 7.01
C LEU Q 36 21.22 -18.48 5.96
N ASN Q 37 21.66 -18.84 4.76
CA ASN Q 37 20.71 -19.28 3.73
C ASN Q 37 19.94 -20.52 4.14
N PRO Q 38 20.57 -21.59 4.65
CA PRO Q 38 19.76 -22.75 5.07
C PRO Q 38 18.75 -22.43 6.16
N ILE Q 39 19.09 -21.53 7.09
CA ILE Q 39 18.15 -21.16 8.13
C ILE Q 39 16.96 -20.40 7.54
N ARG Q 40 17.23 -19.50 6.60
CA ARG Q 40 16.14 -18.77 5.94
C ARG Q 40 15.26 -19.71 5.13
N GLU Q 41 15.87 -20.67 4.45
CA GLU Q 41 15.12 -21.51 3.53
C GLU Q 41 14.36 -22.62 4.23
N ASN Q 42 14.86 -23.13 5.36
CA ASN Q 42 14.31 -24.34 5.97
C ASN Q 42 13.78 -24.12 7.38
N LEU Q 43 13.44 -22.89 7.76
CA LEU Q 43 12.96 -22.71 9.12
C LEU Q 43 11.46 -22.96 9.20
N GLY Q 44 10.67 -22.23 8.41
CA GLY Q 44 9.29 -22.57 8.22
C GLY Q 44 8.30 -22.08 9.27
N ARG Q 45 7.37 -22.97 9.62
CA ARG Q 45 6.20 -22.59 10.41
C ARG Q 45 6.55 -22.19 11.85
N GLN Q 46 7.74 -22.55 12.34
CA GLN Q 46 8.15 -22.28 13.71
C GLN Q 46 8.86 -20.94 13.85
N TRP Q 47 8.58 -19.99 12.95
CA TRP Q 47 9.32 -18.74 12.99
C TRP Q 47 8.95 -17.89 14.19
N LYS Q 48 7.71 -17.97 14.67
CA LYS Q 48 7.33 -17.22 15.86
C LYS Q 48 8.08 -17.74 17.09
N ASN Q 49 8.16 -19.06 17.24
CA ASN Q 49 8.92 -19.62 18.36
C ASN Q 49 10.39 -19.27 18.27
N CYS Q 50 10.97 -19.35 17.06
CA CYS Q 50 12.38 -19.00 16.92
C CYS Q 50 12.61 -17.52 17.22
N ALA Q 51 11.68 -16.66 16.80
CA ALA Q 51 11.81 -15.24 17.10
C ALA Q 51 11.72 -14.98 18.59
N ARG Q 52 10.81 -15.68 19.28
CA ARG Q 52 10.72 -15.52 20.72
C ARG Q 52 12.01 -15.97 21.41
N LYS Q 53 12.60 -17.06 20.94
CA LYS Q 53 13.88 -17.49 21.52
C LYS Q 53 15.03 -16.58 21.13
N LEU Q 54 14.87 -15.76 20.09
CA LEU Q 54 15.91 -14.85 19.64
C LEU Q 54 15.80 -13.47 20.27
N GLY Q 55 14.85 -13.26 21.17
CA GLY Q 55 14.72 -12.00 21.88
C GLY Q 55 13.72 -11.02 21.30
N PHE Q 56 12.89 -11.44 20.36
CA PHE Q 56 11.88 -10.56 19.79
C PHE Q 56 10.73 -10.40 20.77
N THR Q 57 10.31 -9.15 20.98
CA THR Q 57 9.11 -8.91 21.77
C THR Q 57 7.87 -9.30 20.96
N GLU Q 58 6.73 -9.41 21.64
CA GLU Q 58 5.52 -9.79 20.97
C GLU Q 58 5.09 -8.76 19.94
N SER Q 59 5.34 -7.49 20.22
CA SER Q 59 5.00 -6.44 19.26
C SER Q 59 5.82 -6.58 17.98
N GLN Q 60 7.11 -6.91 18.10
CA GLN Q 60 7.94 -7.08 16.92
C GLN Q 60 7.47 -8.26 16.07
N ILE Q 61 7.07 -9.34 16.72
CA ILE Q 61 6.51 -10.48 15.98
C ILE Q 61 5.21 -10.08 15.30
N ASP Q 62 4.40 -9.26 15.98
CA ASP Q 62 3.18 -8.77 15.35
C ASP Q 62 3.48 -7.92 14.13
N GLU Q 63 4.50 -7.07 14.22
CA GLU Q 63 4.88 -6.24 13.06
C GLU Q 63 5.37 -7.09 11.90
N ILE Q 64 6.18 -8.12 12.18
CA ILE Q 64 6.64 -8.98 11.10
C ILE Q 64 5.47 -9.74 10.48
N ASP Q 65 4.54 -10.21 11.32
CA ASP Q 65 3.39 -10.96 10.83
C ASP Q 65 2.46 -10.07 10.01
N HIS Q 66 2.36 -8.79 10.37
CA HIS Q 66 1.41 -7.89 9.72
C HIS Q 66 1.98 -7.29 8.45
N ASP Q 67 3.22 -6.80 8.51
CA ASP Q 67 3.79 -6.08 7.37
C ASP Q 67 3.96 -7.00 6.16
N TYR Q 68 4.44 -8.22 6.38
CA TYR Q 68 4.78 -9.13 5.29
C TYR Q 68 3.76 -10.24 5.11
N GLU Q 69 2.50 -9.97 5.47
CA GLU Q 69 1.43 -10.90 5.18
C GLU Q 69 1.19 -11.03 3.68
N ARG Q 70 1.41 -9.95 2.94
CA ARG Q 70 1.18 -9.93 1.50
C ARG Q 70 2.25 -10.68 0.73
N ASP Q 71 3.40 -10.98 1.34
CA ASP Q 71 4.48 -11.65 0.64
C ASP Q 71 4.62 -13.12 1.01
N GLY Q 72 4.16 -13.53 2.18
CA GLY Q 72 4.08 -14.93 2.52
C GLY Q 72 4.93 -15.28 3.72
N LEU Q 73 5.06 -16.58 3.95
CA LEU Q 73 5.81 -17.08 5.10
C LEU Q 73 7.31 -16.96 4.88
N LYS Q 74 7.76 -17.16 3.64
CA LYS Q 74 9.18 -17.06 3.35
C LYS Q 74 9.69 -15.65 3.65
N GLU Q 75 8.91 -14.64 3.29
CA GLU Q 75 9.30 -13.26 3.59
C GLU Q 75 9.30 -13.01 5.10
N LYS Q 76 8.34 -13.57 5.83
CA LYS Q 76 8.31 -13.38 7.27
C LYS Q 76 9.56 -13.98 7.92
N VAL Q 77 9.94 -15.19 7.50
CA VAL Q 77 11.14 -15.81 8.05
C VAL Q 77 12.39 -15.02 7.69
N TYR Q 78 12.48 -14.59 6.43
CA TYR Q 78 13.65 -13.81 6.01
C TYR Q 78 13.75 -12.52 6.80
N GLN Q 79 12.63 -11.83 7.00
CA GLN Q 79 12.67 -10.57 7.72
C GLN Q 79 12.92 -10.77 9.20
N MET Q 80 12.46 -11.88 9.77
CA MET Q 80 12.79 -12.16 11.16
C MET Q 80 14.30 -12.33 11.33
N LEU Q 81 14.93 -13.14 10.48
CA LEU Q 81 16.38 -13.29 10.56
C LEU Q 81 17.10 -11.96 10.30
N GLN Q 82 16.63 -11.21 9.30
CA GLN Q 82 17.28 -9.95 8.96
C GLN Q 82 17.18 -8.95 10.10
N LYS Q 83 16.02 -8.85 10.74
CA LYS Q 83 15.86 -7.91 11.84
C LYS Q 83 16.66 -8.36 13.06
N TRP Q 84 16.82 -9.67 13.26
CA TRP Q 84 17.74 -10.12 14.30
C TRP Q 84 19.16 -9.65 14.00
N LEU Q 85 19.58 -9.76 12.74
CA LEU Q 85 20.92 -9.31 12.38
C LEU Q 85 21.09 -7.82 12.60
N MET Q 86 20.11 -7.02 12.18
CA MET Q 86 20.19 -5.58 12.40
C MET Q 86 20.23 -5.24 13.89
N ARG Q 87 19.40 -5.91 14.70
CA ARG Q 87 19.37 -5.63 16.12
C ARG Q 87 20.70 -5.98 16.78
N GLU Q 88 21.30 -7.11 16.40
CA GLU Q 88 22.50 -7.57 17.08
C GLU Q 88 23.79 -7.01 16.48
N GLY Q 89 23.74 -6.38 15.30
CA GLY Q 89 24.98 -5.89 14.75
C GLY Q 89 25.90 -7.05 14.37
N THR Q 90 27.20 -6.75 14.36
CA THR Q 90 28.19 -7.80 14.15
C THR Q 90 28.71 -8.36 15.46
N LYS Q 91 28.54 -7.64 16.56
CA LYS Q 91 28.99 -8.13 17.86
C LYS Q 91 28.05 -9.18 18.43
N GLY Q 92 26.75 -9.09 18.12
CA GLY Q 92 25.79 -10.01 18.67
C GLY Q 92 25.39 -11.12 17.72
N ALA Q 93 25.45 -10.86 16.42
CA ALA Q 93 25.11 -11.88 15.42
C ALA Q 93 26.24 -12.90 15.35
N THR Q 94 26.38 -13.65 16.44
CA THR Q 94 27.40 -14.68 16.55
C THR Q 94 26.77 -16.05 16.35
N VAL Q 95 27.62 -17.02 15.99
CA VAL Q 95 27.14 -18.39 15.83
C VAL Q 95 26.68 -18.97 17.15
N GLY Q 96 27.33 -18.59 18.26
CA GLY Q 96 26.97 -19.16 19.55
C GLY Q 96 25.56 -18.82 19.97
N LYS Q 97 25.18 -17.54 19.83
CA LYS Q 97 23.84 -17.13 20.25
C LYS Q 97 22.77 -17.70 19.33
N LEU Q 98 23.04 -17.75 18.03
CA LEU Q 98 22.09 -18.39 17.11
C LEU Q 98 21.94 -19.87 17.42
N ALA Q 99 23.04 -20.55 17.74
CA ALA Q 99 22.97 -21.96 18.09
C ALA Q 99 22.16 -22.17 19.36
N GLN Q 100 22.37 -21.32 20.37
CA GLN Q 100 21.60 -21.42 21.60
C GLN Q 100 20.12 -21.19 21.33
N ALA Q 101 19.80 -20.17 20.54
CA ALA Q 101 18.40 -19.86 20.24
C ALA Q 101 17.74 -21.00 19.47
N LEU Q 102 18.45 -21.59 18.53
CA LEU Q 102 17.89 -22.73 17.80
C LEU Q 102 17.75 -23.96 18.70
N HIS Q 103 18.68 -24.15 19.63
CA HIS Q 103 18.55 -25.27 20.54
C HIS Q 103 17.33 -25.14 21.44
N GLN Q 104 17.09 -23.94 21.98
CA GLN Q 104 15.88 -23.75 22.77
C GLN Q 104 14.62 -23.86 21.90
N CYS Q 105 14.68 -23.37 20.67
CA CYS Q 105 13.57 -23.49 19.73
C CYS Q 105 13.34 -24.93 19.27
N CYS Q 106 14.28 -25.84 19.55
CA CYS Q 106 14.29 -27.23 19.12
C CYS Q 106 14.55 -27.39 17.63
N ARG Q 107 14.87 -26.31 16.93
CA ARG Q 107 15.25 -26.39 15.51
C ARG Q 107 16.77 -26.45 15.36
N ILE Q 108 17.42 -27.36 16.07
CA ILE Q 108 18.88 -27.46 15.98
C ILE Q 108 19.32 -28.13 14.69
N ASP Q 109 18.40 -28.74 13.94
CA ASP Q 109 18.78 -29.38 12.69
C ASP Q 109 19.37 -28.37 11.72
N LEU Q 110 18.82 -27.17 11.66
CA LEU Q 110 19.25 -26.14 10.73
C LEU Q 110 20.75 -25.89 10.84
N LEU Q 111 21.15 -25.36 11.99
CA LEU Q 111 22.55 -24.97 12.15
C LEU Q 111 23.44 -26.20 12.30
N ASN Q 112 22.95 -27.24 12.95
CA ASN Q 112 23.74 -28.46 13.12
C ASN Q 112 24.13 -29.05 11.77
N HIS Q 113 23.17 -29.14 10.84
CA HIS Q 113 23.50 -29.63 9.51
C HIS Q 113 24.38 -28.64 8.77
N LEU Q 114 24.00 -27.36 8.75
CA LEU Q 114 24.71 -26.39 7.92
C LEU Q 114 26.18 -26.30 8.30
N ILE Q 115 26.48 -26.12 9.59
CA ILE Q 115 27.85 -25.81 9.98
C ILE Q 115 28.68 -27.08 10.08
N ARG Q 116 28.17 -28.09 10.79
CA ARG Q 116 28.98 -29.29 11.01
C ARG Q 116 29.02 -30.20 9.79
N ALA Q 117 27.93 -30.33 9.03
CA ALA Q 117 27.94 -31.22 7.88
C ALA Q 117 28.78 -30.65 6.74
N SER Q 118 28.72 -29.33 6.53
CA SER Q 118 29.47 -28.69 5.47
C SER Q 118 30.83 -28.19 5.97
N THR R 32 7.59 -13.18 35.37
CA THR R 32 8.88 -13.23 34.70
C THR R 32 8.91 -14.33 33.64
N ASP R 33 9.94 -14.30 32.80
CA ASP R 33 10.06 -15.30 31.74
C ASP R 33 10.29 -16.69 32.31
N GLU R 34 11.11 -16.79 33.36
CA GLU R 34 11.38 -18.09 33.97
C GLU R 34 10.18 -18.62 34.74
N HIS R 35 9.33 -17.72 35.26
CA HIS R 35 8.16 -18.13 35.99
C HIS R 35 7.00 -18.54 35.09
N LEU R 36 7.13 -18.34 33.77
CA LEU R 36 6.05 -18.61 32.84
C LEU R 36 6.44 -19.52 31.70
N ASN R 37 7.72 -19.73 31.45
CA ASN R 37 8.12 -20.62 30.37
C ASN R 37 7.63 -22.06 30.57
N PRO R 38 7.77 -22.69 31.73
CA PRO R 38 7.23 -24.05 31.88
C PRO R 38 5.73 -24.13 31.68
N ILE R 39 4.98 -23.11 32.09
CA ILE R 39 3.54 -23.11 31.87
C ILE R 39 3.21 -23.02 30.38
N ARG R 40 3.94 -22.16 29.66
CA ARG R 40 3.72 -22.05 28.22
C ARG R 40 4.09 -23.34 27.50
N GLU R 41 5.18 -23.99 27.93
CA GLU R 41 5.69 -25.15 27.21
C GLU R 41 4.92 -26.42 27.53
N ASN R 42 4.38 -26.55 28.75
CA ASN R 42 3.84 -27.82 29.20
C ASN R 42 2.36 -27.76 29.56
N LEU R 43 1.62 -26.78 29.04
CA LEU R 43 0.21 -26.74 29.41
C LEU R 43 -0.63 -27.62 28.49
N GLY R 44 -0.57 -27.38 27.19
CA GLY R 44 -1.11 -28.33 26.23
C GLY R 44 -2.59 -28.25 25.95
N ARG R 45 -3.22 -29.43 25.85
CA ARG R 45 -4.57 -29.55 25.33
C ARG R 45 -5.63 -28.93 26.25
N GLN R 46 -5.30 -28.68 27.52
CA GLN R 46 -6.24 -28.15 28.49
C GLN R 46 -6.25 -26.62 28.53
N TRP R 47 -5.86 -25.97 27.44
CA TRP R 47 -5.74 -24.52 27.47
C TRP R 47 -7.10 -23.84 27.57
N LYS R 48 -8.15 -24.43 26.98
CA LYS R 48 -9.47 -23.84 27.12
C LYS R 48 -9.95 -23.87 28.56
N ASN R 49 -9.76 -24.99 29.25
CA ASN R 49 -10.13 -25.07 30.65
C ASN R 49 -9.33 -24.11 31.50
N CYS R 50 -8.01 -24.02 31.25
CA CYS R 50 -7.20 -23.09 32.00
C CYS R 50 -7.63 -21.64 31.75
N ALA R 51 -7.97 -21.32 30.50
CA ALA R 51 -8.43 -19.97 30.18
C ALA R 51 -9.74 -19.67 30.87
N ARG R 52 -10.64 -20.63 30.93
CA ARG R 52 -11.91 -20.42 31.64
C ARG R 52 -11.67 -20.19 33.12
N LYS R 53 -10.73 -20.94 33.72
CA LYS R 53 -10.42 -20.70 35.11
C LYS R 53 -9.65 -19.41 35.34
N LEU R 54 -9.07 -18.85 34.29
CA LEU R 54 -8.32 -17.59 34.39
C LEU R 54 -9.18 -16.36 34.13
N GLY R 55 -10.46 -16.53 33.89
CA GLY R 55 -11.36 -15.41 33.69
C GLY R 55 -11.64 -15.04 32.26
N PHE R 56 -11.25 -15.85 31.28
CA PHE R 56 -11.52 -15.56 29.89
C PHE R 56 -12.98 -15.85 29.59
N THR R 57 -13.64 -14.92 28.90
CA THR R 57 -14.98 -15.18 28.41
C THR R 57 -14.92 -16.14 27.23
N GLU R 58 -16.08 -16.68 26.87
CA GLU R 58 -16.12 -17.64 25.76
C GLU R 58 -15.73 -16.99 24.45
N SER R 59 -16.09 -15.72 24.27
CA SER R 59 -15.70 -15.02 23.05
C SER R 59 -14.19 -14.87 22.95
N GLN R 60 -13.52 -14.58 24.07
CA GLN R 60 -12.06 -14.45 24.03
C GLN R 60 -11.39 -15.77 23.68
N ILE R 61 -11.90 -16.87 24.22
CA ILE R 61 -11.39 -18.18 23.86
C ILE R 61 -11.64 -18.47 22.39
N ASP R 62 -12.79 -18.05 21.87
CA ASP R 62 -13.05 -18.21 20.44
C ASP R 62 -12.07 -17.41 19.60
N GLU R 63 -11.75 -16.19 20.03
CA GLU R 63 -10.79 -15.38 19.29
C GLU R 63 -9.40 -16.01 19.31
N ILE R 64 -8.98 -16.53 20.47
CA ILE R 64 -7.66 -17.19 20.52
C ILE R 64 -7.66 -18.44 19.64
N ASP R 65 -8.75 -19.20 19.66
CA ASP R 65 -8.83 -20.42 18.87
C ASP R 65 -8.85 -20.11 17.37
N HIS R 66 -9.45 -18.98 16.99
CA HIS R 66 -9.64 -18.66 15.58
C HIS R 66 -8.41 -17.97 15.00
N ASP R 67 -7.88 -16.97 15.71
CA ASP R 67 -6.78 -16.17 15.16
C ASP R 67 -5.53 -16.99 14.96
N TYR R 68 -5.19 -17.86 15.92
CA TYR R 68 -3.94 -18.60 15.89
C TYR R 68 -4.13 -20.07 15.52
N GLU R 69 -5.16 -20.35 14.72
CA GLU R 69 -5.32 -21.70 14.18
C GLU R 69 -4.22 -22.03 13.20
N ARG R 70 -3.72 -21.02 12.48
CA ARG R 70 -2.68 -21.22 11.48
C ARG R 70 -1.31 -21.47 12.10
N ASP R 71 -1.11 -21.17 13.37
CA ASP R 71 0.18 -21.35 14.01
C ASP R 71 0.26 -22.56 14.92
N GLY R 72 -0.86 -23.04 15.44
CA GLY R 72 -0.90 -24.29 16.15
C GLY R 72 -1.33 -24.14 17.59
N LEU R 73 -1.18 -25.22 18.34
CA LEU R 73 -1.61 -25.24 19.75
C LEU R 73 -0.63 -24.48 20.63
N LYS R 74 0.67 -24.56 20.31
CA LYS R 74 1.66 -23.83 21.10
C LYS R 74 1.41 -22.34 21.07
N GLU R 75 1.07 -21.81 19.90
CA GLU R 75 0.75 -20.39 19.77
C GLU R 75 -0.51 -20.04 20.55
N LYS R 76 -1.52 -20.93 20.52
CA LYS R 76 -2.75 -20.65 21.27
C LYS R 76 -2.47 -20.58 22.77
N VAL R 77 -1.67 -21.51 23.28
CA VAL R 77 -1.33 -21.49 24.70
C VAL R 77 -0.53 -20.25 25.05
N TYR R 78 0.47 -19.93 24.21
CA TYR R 78 1.29 -18.76 24.47
C TYR R 78 0.44 -17.49 24.49
N GLN R 79 -0.48 -17.36 23.53
CA GLN R 79 -1.29 -16.16 23.46
C GLN R 79 -2.32 -16.11 24.57
N MET R 80 -2.81 -17.27 25.04
CA MET R 80 -3.70 -17.26 26.20
C MET R 80 -2.98 -16.72 27.42
N LEU R 81 -1.77 -17.22 27.71
CA LEU R 81 -1.01 -16.70 28.84
C LEU R 81 -0.68 -15.22 28.65
N GLN R 82 -0.28 -14.84 27.44
CA GLN R 82 0.09 -13.45 27.18
C GLN R 82 -1.09 -12.52 27.37
N LYS R 83 -2.26 -12.90 26.88
CA LYS R 83 -3.44 -12.05 27.03
C LYS R 83 -3.89 -11.99 28.48
N TRP R 84 -3.70 -13.07 29.23
CA TRP R 84 -3.95 -12.98 30.67
C TRP R 84 -3.02 -11.95 31.31
N LEU R 85 -1.75 -11.96 30.93
CA LEU R 85 -0.81 -10.98 31.49
C LEU R 85 -1.21 -9.56 31.12
N MET R 86 -1.57 -9.32 29.86
CA MET R 86 -2.00 -7.98 29.46
C MET R 86 -3.24 -7.55 30.22
N ARG R 87 -4.22 -8.46 30.37
CA ARG R 87 -5.45 -8.10 31.06
C ARG R 87 -5.19 -7.76 32.52
N GLU R 88 -4.33 -8.53 33.18
CA GLU R 88 -4.11 -8.35 34.61
C GLU R 88 -3.04 -7.32 34.95
N GLY R 89 -2.24 -6.88 33.98
CA GLY R 89 -1.20 -5.94 34.34
C GLY R 89 -0.16 -6.58 35.23
N THR R 90 0.50 -5.73 36.03
CA THR R 90 1.42 -6.24 37.03
C THR R 90 0.76 -6.42 38.38
N LYS R 91 -0.37 -5.75 38.61
CA LYS R 91 -1.08 -5.89 39.88
C LYS R 91 -1.84 -7.20 39.97
N GLY R 92 -2.32 -7.72 38.84
CA GLY R 92 -3.11 -8.94 38.85
C GLY R 92 -2.32 -10.18 38.47
N ALA R 93 -1.29 -10.02 37.65
CA ALA R 93 -0.46 -11.16 37.25
C ALA R 93 0.43 -11.58 38.42
N THR R 94 -0.23 -12.08 39.46
CA THR R 94 0.44 -12.53 40.65
C THR R 94 0.55 -14.05 40.65
N VAL R 95 1.50 -14.57 41.43
CA VAL R 95 1.65 -16.01 41.56
C VAL R 95 0.44 -16.63 42.23
N GLY R 96 -0.17 -15.92 43.18
CA GLY R 96 -1.30 -16.49 43.91
C GLY R 96 -2.48 -16.78 43.01
N LYS R 97 -2.85 -15.83 42.16
CA LYS R 97 -3.99 -16.03 41.28
C LYS R 97 -3.73 -17.08 40.23
N LEU R 98 -2.50 -17.12 39.68
CA LEU R 98 -2.15 -18.17 38.74
C LEU R 98 -2.19 -19.54 39.41
N ALA R 99 -1.70 -19.63 40.65
CA ALA R 99 -1.74 -20.90 41.37
C ALA R 99 -3.18 -21.34 41.62
N GLN R 100 -4.05 -20.40 42.01
CA GLN R 100 -5.45 -20.75 42.22
C GLN R 100 -6.10 -21.22 40.92
N ALA R 101 -5.84 -20.51 39.82
CA ALA R 101 -6.42 -20.89 38.54
C ALA R 101 -5.93 -22.26 38.09
N LEU R 102 -4.65 -22.55 38.28
CA LEU R 102 -4.14 -23.87 37.93
C LEU R 102 -4.68 -24.95 38.85
N HIS R 103 -4.90 -24.63 40.12
CA HIS R 103 -5.47 -25.62 41.02
C HIS R 103 -6.90 -25.98 40.62
N GLN R 104 -7.71 -24.98 40.27
CA GLN R 104 -9.06 -25.28 39.80
C GLN R 104 -9.02 -26.01 38.46
N CYS R 105 -8.09 -25.65 37.58
CA CYS R 105 -7.91 -26.33 36.30
C CYS R 105 -7.36 -27.74 36.46
N CYS R 106 -6.91 -28.12 37.65
CA CYS R 106 -6.26 -29.38 37.97
C CYS R 106 -4.87 -29.52 37.36
N ARG R 107 -4.35 -28.47 36.74
CA ARG R 107 -2.98 -28.49 36.23
C ARG R 107 -2.01 -27.87 37.23
N ILE R 108 -2.04 -28.34 38.48
CA ILE R 108 -1.14 -27.78 39.48
C ILE R 108 0.28 -28.27 39.34
N ASP R 109 0.51 -29.29 38.50
CA ASP R 109 1.86 -29.79 38.30
C ASP R 109 2.77 -28.71 37.75
N LEU R 110 2.26 -27.89 36.83
CA LEU R 110 3.05 -26.85 36.18
C LEU R 110 3.72 -25.95 37.20
N LEU R 111 2.91 -25.20 37.94
CA LEU R 111 3.45 -24.22 38.86
C LEU R 111 4.08 -24.89 40.07
N ASN R 112 3.50 -26.01 40.53
CA ASN R 112 4.04 -26.71 41.67
C ASN R 112 5.47 -27.18 41.41
N HIS R 113 5.72 -27.75 40.24
CA HIS R 113 7.07 -28.16 39.88
C HIS R 113 7.96 -26.94 39.69
N LEU R 114 7.51 -25.97 38.88
CA LEU R 114 8.37 -24.85 38.50
C LEU R 114 8.84 -24.08 39.73
N ILE R 115 7.93 -23.68 40.61
CA ILE R 115 8.30 -22.76 41.68
C ILE R 115 8.93 -23.51 42.84
N ARG R 116 8.28 -24.58 43.31
CA ARG R 116 8.79 -25.28 44.49
C ARG R 116 9.99 -26.17 44.18
N ALA R 117 10.03 -26.83 43.02
CA ALA R 117 11.16 -27.71 42.73
C ALA R 117 12.42 -26.91 42.43
N SER R 118 12.29 -25.78 41.74
CA SER R 118 13.44 -24.96 41.39
C SER R 118 13.67 -23.86 42.43
N THR S 32 -26.09 -18.59 36.91
CA THR S 32 -24.83 -18.10 37.46
C THR S 32 -23.74 -19.14 37.32
N ASP S 33 -22.49 -18.72 37.56
CA ASP S 33 -21.36 -19.65 37.44
C ASP S 33 -21.41 -20.73 38.49
N GLU S 34 -21.80 -20.38 39.72
CA GLU S 34 -21.88 -21.38 40.78
C GLU S 34 -23.06 -22.31 40.59
N HIS S 35 -24.12 -21.85 39.93
CA HIS S 35 -25.28 -22.70 39.68
C HIS S 35 -25.08 -23.65 38.51
N LEU S 36 -23.98 -23.51 37.76
CA LEU S 36 -23.76 -24.30 36.57
C LEU S 36 -22.43 -25.03 36.56
N ASN S 37 -21.49 -24.66 37.41
CA ASN S 37 -20.20 -25.36 37.44
C ASN S 37 -20.34 -26.84 37.78
N PRO S 38 -21.08 -27.25 38.81
CA PRO S 38 -21.21 -28.68 39.06
C PRO S 38 -21.85 -29.45 37.91
N ILE S 39 -22.80 -28.85 37.20
CA ILE S 39 -23.41 -29.52 36.06
C ILE S 39 -22.39 -29.68 34.93
N ARG S 40 -21.57 -28.65 34.68
CA ARG S 40 -20.54 -28.76 33.66
C ARG S 40 -19.50 -29.80 34.03
N GLU S 41 -19.12 -29.85 35.30
CA GLU S 41 -18.03 -30.71 35.72
C GLU S 41 -18.44 -32.17 35.88
N ASN S 42 -19.69 -32.43 36.26
CA ASN S 42 -20.09 -33.78 36.65
C ASN S 42 -21.21 -34.35 35.78
N LEU S 43 -21.39 -33.86 34.56
CA LEU S 43 -22.46 -34.43 33.76
C LEU S 43 -21.99 -35.66 33.00
N GLY S 44 -20.94 -35.51 32.19
CA GLY S 44 -20.26 -36.67 31.64
C GLY S 44 -20.85 -37.29 30.40
N ARG S 45 -20.88 -38.63 30.37
CA ARG S 45 -21.16 -39.38 29.16
C ARG S 45 -22.60 -39.23 28.69
N GLN S 46 -23.50 -38.77 29.55
CA GLN S 46 -24.92 -38.65 29.22
C GLN S 46 -25.27 -37.29 28.62
N TRP S 47 -24.31 -36.62 28.00
CA TRP S 47 -24.56 -35.27 27.51
C TRP S 47 -25.51 -35.27 26.32
N LYS S 48 -25.50 -36.31 25.49
CA LYS S 48 -26.44 -36.36 24.39
C LYS S 48 -27.87 -36.50 24.89
N ASN S 49 -28.09 -37.37 25.88
CA ASN S 49 -29.43 -37.50 26.46
C ASN S 49 -29.88 -36.20 27.12
N CYS S 50 -28.98 -35.56 27.87
CA CYS S 50 -29.34 -34.30 28.51
C CYS S 50 -29.67 -33.23 27.47
N ALA S 51 -28.90 -33.19 26.39
CA ALA S 51 -29.16 -32.22 25.32
C ALA S 51 -30.51 -32.48 24.66
N ARG S 52 -30.85 -33.76 24.45
CA ARG S 52 -32.14 -34.08 23.87
C ARG S 52 -33.27 -33.65 24.80
N LYS S 53 -33.10 -33.85 26.10
CA LYS S 53 -34.11 -33.40 27.05
C LYS S 53 -34.15 -31.89 27.19
N LEU S 54 -33.09 -31.19 26.77
CA LEU S 54 -33.02 -29.74 26.85
C LEU S 54 -33.53 -29.05 25.59
N GLY S 55 -34.00 -29.80 24.60
CA GLY S 55 -34.56 -29.22 23.41
C GLY S 55 -33.61 -29.12 22.22
N PHE S 56 -32.45 -29.74 22.28
CA PHE S 56 -31.51 -29.71 21.16
C PHE S 56 -31.99 -30.65 20.06
N THR S 57 -31.99 -30.16 18.83
CA THR S 57 -32.27 -31.04 17.71
C THR S 57 -31.07 -31.96 17.46
N GLU S 58 -31.30 -32.99 16.65
CA GLU S 58 -30.23 -33.94 16.37
C GLU S 58 -29.07 -33.28 15.63
N SER S 59 -29.38 -32.32 14.75
CA SER S 59 -28.33 -31.61 14.04
C SER S 59 -27.45 -30.81 14.98
N GLN S 60 -28.04 -30.17 16.00
CA GLN S 60 -27.27 -29.40 16.95
C GLN S 60 -26.35 -30.30 17.77
N ILE S 61 -26.84 -31.48 18.16
CA ILE S 61 -26.00 -32.44 18.85
C ILE S 61 -24.87 -32.91 17.94
N ASP S 62 -25.16 -33.11 16.66
CA ASP S 62 -24.11 -33.47 15.71
C ASP S 62 -23.05 -32.38 15.61
N GLU S 63 -23.48 -31.11 15.58
CA GLU S 63 -22.52 -30.01 15.51
C GLU S 63 -21.66 -29.94 16.76
N ILE S 64 -22.25 -30.14 17.94
CA ILE S 64 -21.45 -30.13 19.17
C ILE S 64 -20.48 -31.30 19.17
N ASP S 65 -20.93 -32.47 18.72
CA ASP S 65 -20.07 -33.65 18.70
C ASP S 65 -18.93 -33.50 17.70
N HIS S 66 -19.18 -32.79 16.60
CA HIS S 66 -18.20 -32.70 15.53
C HIS S 66 -17.20 -31.58 15.78
N ASP S 67 -17.69 -30.39 16.15
CA ASP S 67 -16.83 -29.23 16.29
C ASP S 67 -15.81 -29.42 17.40
N TYR S 68 -16.23 -29.96 18.55
CA TYR S 68 -15.37 -30.06 19.73
C TYR S 68 -14.87 -31.48 19.97
N GLU S 69 -14.73 -32.25 18.89
CA GLU S 69 -14.10 -33.57 19.01
C GLU S 69 -12.63 -33.43 19.37
N ARG S 70 -11.98 -32.37 18.90
CA ARG S 70 -10.56 -32.16 19.14
C ARG S 70 -10.26 -31.72 20.57
N ASP S 71 -11.26 -31.27 21.32
CA ASP S 71 -11.04 -30.79 22.68
C ASP S 71 -11.49 -31.77 23.76
N GLY S 72 -12.42 -32.66 23.45
CA GLY S 72 -12.76 -33.74 24.35
C GLY S 72 -14.20 -33.69 24.80
N LEU S 73 -14.52 -34.53 25.78
CA LEU S 73 -15.88 -34.63 26.30
C LEU S 73 -16.23 -33.44 27.19
N LYS S 74 -15.24 -32.96 27.96
CA LYS S 74 -15.50 -31.81 28.83
C LYS S 74 -15.92 -30.60 28.02
N GLU S 75 -15.25 -30.36 26.89
CA GLU S 75 -15.63 -29.26 26.03
C GLU S 75 -17.01 -29.46 25.43
N LYS S 76 -17.36 -30.69 25.04
CA LYS S 76 -18.68 -30.94 24.50
C LYS S 76 -19.77 -30.65 25.53
N VAL S 77 -19.56 -31.07 26.77
CA VAL S 77 -20.54 -30.81 27.82
C VAL S 77 -20.64 -29.31 28.09
N TYR S 78 -19.49 -28.63 28.18
CA TYR S 78 -19.50 -27.20 28.43
C TYR S 78 -20.22 -26.46 27.33
N GLN S 79 -19.97 -26.82 26.08
CA GLN S 79 -20.60 -26.13 24.97
C GLN S 79 -22.07 -26.47 24.86
N MET S 80 -22.48 -27.68 25.24
CA MET S 80 -23.90 -27.98 25.29
C MET S 80 -24.63 -27.09 26.28
N LEU S 81 -24.10 -26.97 27.50
CA LEU S 81 -24.72 -26.08 28.47
C LEU S 81 -24.69 -24.63 28.00
N GLN S 82 -23.56 -24.20 27.43
CA GLN S 82 -23.44 -22.82 26.99
C GLN S 82 -24.42 -22.50 25.88
N LYS S 83 -24.58 -23.41 24.91
CA LYS S 83 -25.51 -23.16 23.83
C LYS S 83 -26.95 -23.21 24.31
N TRP S 84 -27.25 -24.03 25.32
CA TRP S 84 -28.57 -23.95 25.93
C TRP S 84 -28.80 -22.58 26.55
N LEU S 85 -27.79 -22.03 27.22
CA LEU S 85 -27.94 -20.70 27.81
C LEU S 85 -28.15 -19.64 26.75
N MET S 86 -27.37 -19.68 25.67
CA MET S 86 -27.55 -18.71 24.59
C MET S 86 -28.93 -18.84 23.96
N ARG S 87 -29.39 -20.06 23.73
CA ARG S 87 -30.70 -20.25 23.11
C ARG S 87 -31.82 -19.73 24.00
N GLU S 88 -31.73 -19.97 25.31
CA GLU S 88 -32.82 -19.61 26.20
C GLU S 88 -32.72 -18.18 26.75
N GLY S 89 -31.59 -17.51 26.58
CA GLY S 89 -31.51 -16.17 27.13
C GLY S 89 -31.55 -16.21 28.65
N THR S 90 -32.01 -15.10 29.22
CA THR S 90 -32.21 -15.06 30.66
C THR S 90 -33.65 -15.41 31.05
N LYS S 91 -34.58 -15.31 30.10
CA LYS S 91 -35.97 -15.65 30.39
C LYS S 91 -36.18 -17.16 30.43
N GLY S 92 -35.42 -17.92 29.65
CA GLY S 92 -35.61 -19.36 29.60
C GLY S 92 -34.61 -20.14 30.43
N ALA S 93 -33.42 -19.59 30.64
CA ALA S 93 -32.41 -20.27 31.46
C ALA S 93 -32.80 -20.15 32.93
N THR S 94 -33.89 -20.81 33.27
CA THR S 94 -34.41 -20.83 34.62
C THR S 94 -34.03 -22.14 35.31
N VAL S 95 -34.06 -22.11 36.64
CA VAL S 95 -33.77 -23.31 37.41
C VAL S 95 -34.86 -24.36 37.19
N GLY S 96 -36.11 -23.93 37.01
CA GLY S 96 -37.19 -24.89 36.86
C GLY S 96 -37.04 -25.75 35.62
N LYS S 97 -36.74 -25.13 34.48
CA LYS S 97 -36.62 -25.89 33.25
C LYS S 97 -35.39 -26.79 33.26
N LEU S 98 -34.28 -26.31 33.83
CA LEU S 98 -33.10 -27.16 33.97
C LEU S 98 -33.39 -28.34 34.88
N ALA S 99 -34.11 -28.11 35.97
CA ALA S 99 -34.47 -29.19 36.88
C ALA S 99 -35.35 -30.21 36.18
N GLN S 100 -36.34 -29.75 35.41
CA GLN S 100 -37.19 -30.68 34.68
C GLN S 100 -36.39 -31.49 33.67
N ALA S 101 -35.49 -30.82 32.93
CA ALA S 101 -34.69 -31.51 31.93
C ALA S 101 -33.78 -32.55 32.57
N LEU S 102 -33.18 -32.22 33.72
CA LEU S 102 -32.35 -33.18 34.41
C LEU S 102 -33.17 -34.32 34.98
N HIS S 103 -34.39 -34.04 35.44
CA HIS S 103 -35.24 -35.11 35.95
C HIS S 103 -35.61 -36.10 34.86
N GLN S 104 -35.96 -35.60 33.67
CA GLN S 104 -36.24 -36.51 32.57
C GLN S 104 -34.99 -37.25 32.12
N CYS S 105 -33.84 -36.58 32.13
CA CYS S 105 -32.57 -37.19 31.80
C CYS S 105 -32.11 -38.19 32.85
N CYS S 106 -32.76 -38.23 34.01
CA CYS S 106 -32.41 -39.05 35.18
C CYS S 106 -31.12 -38.59 35.86
N ARG S 107 -30.54 -37.47 35.44
CA ARG S 107 -29.39 -36.90 36.12
C ARG S 107 -29.79 -35.85 37.14
N ILE S 108 -30.74 -36.18 38.03
CA ILE S 108 -31.19 -35.20 39.02
C ILE S 108 -30.19 -35.02 40.15
N ASP S 109 -29.17 -35.88 40.23
CA ASP S 109 -28.17 -35.73 41.29
C ASP S 109 -27.46 -34.40 41.18
N LEU S 110 -27.15 -33.97 39.94
CA LEU S 110 -26.41 -32.74 39.71
C LEU S 110 -27.07 -31.56 40.41
N LEU S 111 -28.26 -31.20 39.95
CA LEU S 111 -28.91 -30.01 40.47
C LEU S 111 -29.42 -30.25 41.88
N ASN S 112 -29.88 -31.47 42.19
CA ASN S 112 -30.37 -31.76 43.53
C ASN S 112 -29.29 -31.55 44.58
N HIS S 113 -28.08 -32.05 44.31
CA HIS S 113 -26.97 -31.81 45.23
C HIS S 113 -26.59 -30.34 45.25
N LEU S 114 -26.37 -29.76 44.07
CA LEU S 114 -25.84 -28.40 44.02
C LEU S 114 -26.73 -27.40 44.74
N ILE S 115 -28.03 -27.40 44.44
CA ILE S 115 -28.88 -26.33 44.94
C ILE S 115 -29.32 -26.63 46.37
N ARG S 116 -29.84 -27.84 46.60
CA ARG S 116 -30.39 -28.14 47.93
C ARG S 116 -29.30 -28.41 48.97
N ALA S 117 -28.20 -29.07 48.60
CA ALA S 117 -27.16 -29.37 49.58
C ALA S 117 -26.40 -28.11 49.98
N SER S 118 -26.14 -27.22 49.03
CA SER S 118 -25.40 -25.99 49.31
C SER S 118 -26.35 -24.84 49.63
N THR T 32 18.79 -40.46 6.51
CA THR T 32 18.54 -40.34 5.08
C THR T 32 17.08 -40.65 4.75
N ASP T 33 16.68 -40.35 3.52
CA ASP T 33 15.30 -40.58 3.11
C ASP T 33 14.99 -42.07 3.05
N GLU T 34 15.93 -42.88 2.57
CA GLU T 34 15.70 -44.32 2.48
C GLU T 34 15.73 -44.96 3.86
N HIS T 35 16.45 -44.38 4.81
CA HIS T 35 16.51 -44.92 6.16
C HIS T 35 15.30 -44.56 7.00
N LEU T 36 14.42 -43.69 6.49
CA LEU T 36 13.30 -43.20 7.27
C LEU T 36 11.96 -43.38 6.57
N ASN T 37 11.94 -43.62 5.26
CA ASN T 37 10.67 -43.82 4.57
C ASN T 37 9.88 -45.00 5.10
N PRO T 38 10.45 -46.19 5.30
CA PRO T 38 9.64 -47.28 5.87
C PRO T 38 9.09 -46.98 7.24
N ILE T 39 9.83 -46.25 8.08
CA ILE T 39 9.32 -45.90 9.40
C ILE T 39 8.15 -44.93 9.27
N ARG T 40 8.25 -43.96 8.37
CA ARG T 40 7.14 -43.03 8.17
C ARG T 40 5.92 -43.75 7.61
N GLU T 41 6.12 -44.68 6.69
CA GLU T 41 5.01 -45.31 6.00
C GLU T 41 4.34 -46.40 6.83
N ASN T 42 5.08 -47.09 7.70
CA ASN T 42 4.56 -48.29 8.34
C ASN T 42 4.54 -48.18 9.87
N LEU T 43 4.53 -46.97 10.43
CA LEU T 43 4.52 -46.91 11.88
C LEU T 43 3.09 -46.97 12.42
N GLY T 44 2.23 -46.07 11.98
CA GLY T 44 0.80 -46.20 12.23
C GLY T 44 0.29 -45.74 13.57
N ARG T 45 -0.61 -46.53 14.15
CA ARG T 45 -1.41 -46.10 15.30
C ARG T 45 -0.58 -45.94 16.56
N GLN T 46 0.63 -46.50 16.61
CA GLN T 46 1.47 -46.45 17.80
C GLN T 46 2.40 -45.23 17.81
N TRP T 47 2.01 -44.15 17.12
CA TRP T 47 2.91 -43.01 17.01
C TRP T 47 3.06 -42.28 18.34
N LYS T 48 2.02 -42.26 19.18
CA LYS T 48 2.16 -41.63 20.48
C LYS T 48 3.16 -42.38 21.36
N ASN T 49 3.09 -43.71 21.37
CA ASN T 49 4.04 -44.49 22.14
C ASN T 49 5.46 -44.32 21.61
N CYS T 50 5.62 -44.33 20.28
CA CYS T 50 6.94 -44.13 19.71
C CYS T 50 7.49 -42.74 20.04
N ALA T 51 6.62 -41.72 20.01
CA ALA T 51 7.05 -40.37 20.36
C ALA T 51 7.47 -40.30 21.81
N ARG T 52 6.73 -40.96 22.71
CA ARG T 52 7.11 -40.96 24.11
C ARG T 52 8.45 -41.64 24.31
N LYS T 53 8.70 -42.74 23.59
CA LYS T 53 10.00 -43.39 23.69
C LYS T 53 11.11 -42.59 23.02
N LEU T 54 10.76 -41.64 22.15
CA LEU T 54 11.74 -40.81 21.47
C LEU T 54 12.05 -39.52 22.20
N GLY T 55 11.46 -39.31 23.38
CA GLY T 55 11.76 -38.13 24.18
C GLY T 55 10.79 -36.98 24.04
N PHE T 56 9.66 -37.17 23.37
CA PHE T 56 8.67 -36.10 23.23
C PHE T 56 7.92 -35.92 24.54
N THR T 57 7.78 -34.67 24.97
CA THR T 57 6.94 -34.39 26.12
C THR T 57 5.47 -34.52 25.73
N GLU T 58 4.60 -34.56 26.73
CA GLU T 58 3.18 -34.73 26.45
C GLU T 58 2.63 -33.52 25.70
N SER T 59 3.14 -32.33 25.99
CA SER T 59 2.69 -31.15 25.26
C SER T 59 3.05 -31.22 23.79
N GLN T 60 4.24 -31.73 23.46
CA GLN T 60 4.63 -31.83 22.06
C GLN T 60 3.76 -32.84 21.32
N ILE T 61 3.41 -33.94 21.97
CA ILE T 61 2.48 -34.90 21.37
C ILE T 61 1.11 -34.27 21.18
N ASP T 62 0.68 -33.44 22.14
CA ASP T 62 -0.59 -32.73 21.98
C ASP T 62 -0.54 -31.78 20.79
N GLU T 63 0.58 -31.08 20.61
CA GLU T 63 0.70 -30.18 19.47
C GLU T 63 0.67 -30.93 18.16
N ILE T 64 1.36 -32.07 18.08
CA ILE T 64 1.32 -32.85 16.84
C ILE T 64 -0.08 -33.38 16.59
N ASP T 65 -0.77 -33.83 17.64
CA ASP T 65 -2.11 -34.36 17.49
C ASP T 65 -3.10 -33.28 17.08
N HIS T 66 -2.89 -32.04 17.54
CA HIS T 66 -3.84 -30.96 17.31
C HIS T 66 -3.60 -30.28 15.97
N ASP T 67 -2.35 -29.95 15.66
CA ASP T 67 -2.04 -29.19 14.46
C ASP T 67 -2.39 -29.96 13.19
N TYR T 68 -2.07 -31.26 13.15
CA TYR T 68 -2.22 -32.06 11.95
C TYR T 68 -3.42 -33.00 12.03
N GLU T 69 -4.44 -32.62 12.79
CA GLU T 69 -5.69 -33.39 12.78
C GLU T 69 -6.38 -33.30 11.44
N ARG T 70 -6.24 -32.16 10.75
CA ARG T 70 -6.90 -31.94 9.47
C ARG T 70 -6.25 -32.71 8.33
N ASP T 71 -5.04 -33.22 8.52
CA ASP T 71 -4.33 -33.93 7.46
C ASP T 71 -4.32 -35.44 7.65
N GLY T 72 -4.45 -35.93 8.87
CA GLY T 72 -4.64 -37.34 9.11
C GLY T 72 -3.52 -37.94 9.94
N LEU T 73 -3.54 -39.27 10.02
CA LEU T 73 -2.56 -39.98 10.83
C LEU T 73 -1.20 -40.03 10.14
N LYS T 74 -1.18 -40.13 8.82
CA LYS T 74 0.08 -40.17 8.09
C LYS T 74 0.87 -38.88 8.32
N GLU T 75 0.18 -37.74 8.30
CA GLU T 75 0.85 -36.48 8.58
C GLU T 75 1.35 -36.40 10.01
N LYS T 76 0.58 -36.93 10.96
CA LYS T 76 1.04 -36.93 12.35
C LYS T 76 2.31 -37.75 12.52
N VAL T 77 2.36 -38.93 11.91
CA VAL T 77 3.55 -39.76 12.00
C VAL T 77 4.74 -39.08 11.31
N TYR T 78 4.51 -38.53 10.12
CA TYR T 78 5.58 -37.85 9.41
C TYR T 78 6.13 -36.69 10.23
N GLN T 79 5.24 -35.89 10.83
CA GLN T 79 5.70 -34.74 11.59
C GLN T 79 6.35 -35.15 12.89
N MET T 80 5.93 -36.26 13.49
CA MET T 80 6.63 -36.76 14.68
C MET T 80 8.07 -37.12 14.34
N LEU T 81 8.27 -37.89 13.27
CA LEU T 81 9.64 -38.22 12.87
C LEU T 81 10.43 -36.97 12.50
N GLN T 82 9.81 -36.05 11.76
CA GLN T 82 10.50 -34.85 11.32
C GLN T 82 10.92 -34.00 12.51
N LYS T 83 10.04 -33.83 13.50
CA LYS T 83 10.37 -33.02 14.66
C LYS T 83 11.43 -33.71 15.51
N TRP T 84 11.44 -35.04 15.55
CA TRP T 84 12.55 -35.72 16.20
C TRP T 84 13.86 -35.40 15.50
N LEU T 85 13.86 -35.41 14.17
CA LEU T 85 15.08 -35.09 13.42
C LEU T 85 15.53 -33.67 13.70
N MET T 86 14.60 -32.70 13.68
CA MET T 86 14.98 -31.32 13.97
C MET T 86 15.52 -31.18 15.39
N ARG T 87 14.89 -31.83 16.36
CA ARG T 87 15.34 -31.72 17.74
C ARG T 87 16.74 -32.32 17.91
N GLU T 88 17.01 -33.45 17.28
CA GLU T 88 18.28 -34.13 17.49
C GLU T 88 19.39 -33.66 16.55
N GLY T 89 19.08 -32.91 15.51
CA GLY T 89 20.15 -32.51 14.61
C GLY T 89 20.72 -33.70 13.88
N THR T 90 21.98 -33.58 13.47
CA THR T 90 22.68 -34.70 12.87
C THR T 90 23.48 -35.49 13.90
N LYS T 91 23.77 -34.88 15.05
CA LYS T 91 24.52 -35.58 16.09
C LYS T 91 23.64 -36.56 16.86
N GLY T 92 22.35 -36.28 16.98
CA GLY T 92 21.47 -37.15 17.74
C GLY T 92 20.63 -38.07 16.89
N ALA T 93 20.33 -37.66 15.66
CA ALA T 93 19.55 -38.50 14.76
C ALA T 93 20.42 -39.64 14.24
N THR T 94 20.78 -40.52 15.17
CA THR T 94 21.60 -41.67 14.87
C THR T 94 20.74 -42.92 14.77
N VAL T 95 21.27 -43.94 14.09
CA VAL T 95 20.57 -45.21 13.98
C VAL T 95 20.45 -45.89 15.34
N GLY T 96 21.46 -45.73 16.20
CA GLY T 96 21.42 -46.41 17.48
C GLY T 96 20.28 -45.95 18.36
N LYS T 97 20.09 -44.62 18.46
CA LYS T 97 19.03 -44.11 19.31
C LYS T 97 17.65 -44.43 18.74
N LEU T 98 17.49 -44.35 17.42
CA LEU T 98 16.23 -44.75 16.81
C LEU T 98 15.94 -46.23 17.04
N ALA T 99 16.97 -47.08 16.94
CA ALA T 99 16.79 -48.50 17.18
C ALA T 99 16.39 -48.75 18.63
N GLN T 100 17.03 -48.07 19.58
CA GLN T 100 16.67 -48.22 20.98
C GLN T 100 15.22 -47.77 21.22
N ALA T 101 14.84 -46.64 20.65
CA ALA T 101 13.49 -46.12 20.85
C ALA T 101 12.46 -47.07 20.26
N LEU T 102 12.73 -47.63 19.08
CA LEU T 102 11.81 -48.59 18.48
C LEU T 102 11.76 -49.89 19.28
N HIS T 103 12.89 -50.31 19.85
CA HIS T 103 12.89 -51.51 20.67
C HIS T 103 12.04 -51.34 21.91
N GLN T 104 12.16 -50.19 22.59
CA GLN T 104 11.29 -49.95 23.74
C GLN T 104 9.84 -49.79 23.33
N CYS T 105 9.57 -49.18 22.18
CA CYS T 105 8.23 -49.05 21.64
C CYS T 105 7.65 -50.37 21.16
N CYS T 106 8.48 -51.42 21.07
CA CYS T 106 8.13 -52.75 20.55
C CYS T 106 7.91 -52.74 19.05
N ARG T 107 8.15 -51.63 18.36
CA ARG T 107 8.06 -51.59 16.90
C ARG T 107 9.43 -51.81 16.26
N ILE T 108 10.13 -52.88 16.66
CA ILE T 108 11.44 -53.14 16.08
C ILE T 108 11.37 -53.70 14.68
N ASP T 109 10.17 -54.09 14.22
CA ASP T 109 10.05 -54.63 12.87
C ASP T 109 10.46 -53.59 11.84
N LEU T 110 10.10 -52.33 12.06
CA LEU T 110 10.38 -51.26 11.11
C LEU T 110 11.86 -51.20 10.76
N LEU T 111 12.68 -50.87 11.76
CA LEU T 111 14.10 -50.67 11.50
C LEU T 111 14.79 -52.01 11.24
N ASN T 112 14.36 -53.07 11.94
CA ASN T 112 14.97 -54.38 11.75
C ASN T 112 14.83 -54.85 10.31
N HIS T 113 13.64 -54.71 9.73
CA HIS T 113 13.45 -55.06 8.33
C HIS T 113 14.22 -54.11 7.42
N LEU T 114 14.04 -52.80 7.62
CA LEU T 114 14.60 -51.83 6.69
C LEU T 114 16.12 -51.97 6.58
N ILE T 115 16.82 -51.98 7.71
CA ILE T 115 18.27 -51.89 7.66
C ILE T 115 18.89 -53.26 7.39
N ARG T 116 18.48 -54.27 8.15
CA ARG T 116 19.10 -55.59 8.01
C ARG T 116 18.63 -56.34 6.77
N ALA T 117 17.35 -56.23 6.40
CA ALA T 117 16.87 -56.97 5.24
C ALA T 117 17.40 -56.37 3.94
N SER T 118 17.49 -55.05 3.86
CA SER T 118 17.97 -54.37 2.66
C SER T 118 19.47 -54.11 2.74
N THR U 32 8.98 -40.13 39.17
CA THR U 32 9.97 -40.25 38.12
C THR U 32 9.50 -41.21 37.02
N ASP U 33 10.22 -41.20 35.90
CA ASP U 33 9.85 -42.07 34.78
C ASP U 33 10.04 -43.55 35.13
N GLU U 34 11.11 -43.87 35.85
CA GLU U 34 11.35 -45.25 36.24
C GLU U 34 10.39 -45.72 37.32
N HIS U 35 9.89 -44.79 38.13
CA HIS U 35 8.94 -45.16 39.18
C HIS U 35 7.53 -45.32 38.67
N LEU U 36 7.27 -44.97 37.40
CA LEU U 36 5.93 -44.99 36.86
C LEU U 36 5.79 -45.81 35.58
N ASN U 37 6.90 -46.14 34.92
CA ASN U 37 6.81 -46.93 33.70
C ASN U 37 6.19 -48.30 33.92
N PRO U 38 6.60 -49.09 34.94
CA PRO U 38 5.92 -50.38 35.15
C PRO U 38 4.44 -50.25 35.43
N ILE U 39 4.02 -49.21 36.14
CA ILE U 39 2.59 -49.03 36.40
C ILE U 39 1.85 -48.71 35.11
N ARG U 40 2.43 -47.87 34.26
CA ARG U 40 1.80 -47.56 32.97
C ARG U 40 1.73 -48.78 32.09
N GLU U 41 2.78 -49.60 32.07
CA GLU U 41 2.87 -50.71 31.15
C GLU U 41 2.06 -51.92 31.60
N ASN U 42 1.91 -52.14 32.91
CA ASN U 42 1.35 -53.39 33.42
C ASN U 42 0.07 -53.19 34.23
N LEU U 43 -0.64 -52.07 34.05
CA LEU U 43 -1.84 -51.91 34.86
C LEU U 43 -3.04 -52.57 34.20
N GLY U 44 -3.35 -52.19 32.97
CA GLY U 44 -4.29 -52.94 32.16
C GLY U 44 -5.76 -52.66 32.39
N ARG U 45 -6.55 -53.72 32.40
CA ARG U 45 -8.01 -53.62 32.35
C ARG U 45 -8.62 -53.01 33.59
N GLN U 46 -7.88 -52.95 34.71
CA GLN U 46 -8.40 -52.43 35.97
C GLN U 46 -8.15 -50.94 36.12
N TRP U 47 -8.04 -50.20 35.02
CA TRP U 47 -7.70 -48.79 35.12
C TRP U 47 -8.83 -47.98 35.70
N LYS U 48 -10.09 -48.37 35.45
CA LYS U 48 -11.20 -47.63 36.04
C LYS U 48 -11.21 -47.79 37.55
N ASN U 49 -10.99 -49.00 38.06
CA ASN U 49 -10.92 -49.21 39.50
C ASN U 49 -9.75 -48.45 40.11
N CYS U 50 -8.59 -48.49 39.46
CA CYS U 50 -7.44 -47.75 39.99
C CYS U 50 -7.70 -46.26 39.99
N ALA U 51 -8.36 -45.74 38.95
CA ALA U 51 -8.70 -44.32 38.90
C ALA U 51 -9.66 -43.95 40.00
N ARG U 52 -10.65 -44.80 40.27
CA ARG U 52 -11.58 -44.54 41.36
C ARG U 52 -10.87 -44.51 42.70
N LYS U 53 -9.92 -45.43 42.90
CA LYS U 53 -9.15 -45.41 44.14
C LYS U 53 -8.17 -44.24 44.21
N LEU U 54 -7.85 -43.63 43.08
CA LEU U 54 -6.94 -42.50 43.02
C LEU U 54 -7.64 -41.16 43.15
N GLY U 55 -8.95 -41.14 43.32
CA GLY U 55 -9.69 -39.91 43.51
C GLY U 55 -10.34 -39.33 42.28
N PHE U 56 -10.39 -40.07 41.18
CA PHE U 56 -11.04 -39.57 39.97
C PHE U 56 -12.55 -39.65 40.12
N THR U 57 -13.23 -38.58 39.76
CA THR U 57 -14.68 -38.62 39.72
C THR U 57 -15.14 -39.43 38.51
N GLU U 58 -16.41 -39.78 38.50
CA GLU U 58 -16.93 -40.59 37.39
C GLU U 58 -16.87 -39.83 36.08
N SER U 59 -17.07 -38.51 36.12
CA SER U 59 -16.99 -37.72 34.90
C SER U 59 -15.58 -37.74 34.33
N GLN U 60 -14.56 -37.67 35.19
CA GLN U 60 -13.18 -37.70 34.70
C GLN U 60 -12.86 -39.04 34.05
N ILE U 61 -13.34 -40.13 34.64
CA ILE U 61 -13.16 -41.44 34.03
C ILE U 61 -13.89 -41.52 32.70
N ASP U 62 -15.07 -40.92 32.61
CA ASP U 62 -15.79 -40.86 31.34
C ASP U 62 -15.00 -40.09 30.29
N GLU U 63 -14.38 -38.98 30.69
CA GLU U 63 -13.58 -38.20 29.74
C GLU U 63 -12.36 -38.98 29.27
N ILE U 64 -11.70 -39.69 30.18
CA ILE U 64 -10.54 -40.50 29.76
C ILE U 64 -11.00 -41.62 28.82
N ASP U 65 -12.13 -42.25 29.14
CA ASP U 65 -12.64 -43.34 28.32
C ASP U 65 -13.07 -42.85 26.95
N HIS U 66 -13.58 -41.63 26.86
CA HIS U 66 -14.15 -41.12 25.61
C HIS U 66 -13.07 -40.50 24.73
N ASP U 67 -12.20 -39.67 25.30
CA ASP U 67 -11.22 -38.94 24.51
C ASP U 67 -10.23 -39.89 23.84
N TYR U 68 -9.74 -40.89 24.56
CA TYR U 68 -8.69 -41.77 24.09
C TYR U 68 -9.20 -43.14 23.67
N GLU U 69 -10.45 -43.21 23.23
CA GLU U 69 -10.98 -44.44 22.68
C GLU U 69 -10.29 -44.78 21.36
N ARG U 70 -9.89 -43.76 20.60
CA ARG U 70 -9.25 -43.96 19.31
C ARG U 70 -7.81 -44.45 19.43
N ASP U 71 -7.20 -44.33 20.60
CA ASP U 71 -5.80 -44.72 20.76
C ASP U 71 -5.63 -46.04 21.50
N GLY U 72 -6.59 -46.44 22.32
CA GLY U 72 -6.60 -47.77 22.90
C GLY U 72 -6.54 -47.73 24.41
N LEU U 73 -6.33 -48.91 24.99
CA LEU U 73 -6.29 -49.05 26.44
C LEU U 73 -4.99 -48.52 27.03
N LYS U 74 -3.88 -48.71 26.30
CA LYS U 74 -2.60 -48.21 26.78
C LYS U 74 -2.63 -46.71 26.95
N GLU U 75 -3.22 -46.01 25.99
CA GLU U 75 -3.34 -44.55 26.10
C GLU U 75 -4.24 -44.15 27.26
N LYS U 76 -5.33 -44.89 27.48
CA LYS U 76 -6.21 -44.57 28.61
C LYS U 76 -5.48 -44.72 29.93
N VAL U 77 -4.71 -45.79 30.10
CA VAL U 77 -3.95 -45.99 31.34
C VAL U 77 -2.89 -44.90 31.49
N TYR U 78 -2.17 -44.60 30.41
CA TYR U 78 -1.15 -43.56 30.49
C TYR U 78 -1.75 -42.22 30.87
N GLN U 79 -2.89 -41.87 30.27
CA GLN U 79 -3.51 -40.59 30.55
C GLN U 79 -4.12 -40.55 31.95
N MET U 80 -4.60 -41.68 32.45
CA MET U 80 -5.07 -41.72 33.83
C MET U 80 -3.93 -41.42 34.80
N LEU U 81 -2.79 -42.09 34.63
CA LEU U 81 -1.66 -41.80 35.50
C LEU U 81 -1.18 -40.36 35.33
N GLN U 82 -1.12 -39.88 34.09
CA GLN U 82 -0.64 -38.53 33.84
C GLN U 82 -1.55 -37.49 34.47
N LYS U 83 -2.87 -37.67 34.35
CA LYS U 83 -3.79 -36.72 34.94
C LYS U 83 -3.77 -36.78 36.45
N TRP U 84 -3.52 -37.96 37.02
CA TRP U 84 -3.29 -38.01 38.47
C TRP U 84 -2.08 -37.19 38.85
N LEU U 85 -0.99 -37.29 38.07
CA LEU U 85 0.21 -36.52 38.37
C LEU U 85 -0.06 -35.01 38.27
N MET U 86 -0.76 -34.59 37.21
CA MET U 86 -1.09 -33.17 37.08
C MET U 86 -1.96 -32.70 38.23
N ARG U 87 -2.95 -33.48 38.61
CA ARG U 87 -3.85 -33.08 39.70
C ARG U 87 -3.11 -32.96 41.02
N GLU U 88 -2.20 -33.90 41.30
CA GLU U 88 -1.54 -33.91 42.59
C GLU U 88 -0.27 -33.07 42.65
N GLY U 89 0.25 -32.61 41.51
CA GLY U 89 1.47 -31.84 41.59
C GLY U 89 2.63 -32.71 42.05
N THR U 90 3.62 -32.04 42.65
CA THR U 90 4.73 -32.77 43.26
C THR U 90 4.50 -33.03 44.74
N LYS U 91 3.60 -32.27 45.37
CA LYS U 91 3.31 -32.47 46.78
C LYS U 91 2.42 -33.69 47.01
N GLY U 92 1.55 -34.01 46.05
CA GLY U 92 0.63 -35.12 46.22
C GLY U 92 1.05 -36.39 45.52
N ALA U 93 1.80 -36.25 44.42
CA ALA U 93 2.29 -37.42 43.69
C ALA U 93 3.42 -38.08 44.47
N THR U 94 3.04 -38.63 45.62
CA THR U 94 3.98 -39.30 46.50
C THR U 94 3.85 -40.81 46.34
N VAL U 95 4.90 -41.52 46.74
CA VAL U 95 4.88 -42.97 46.70
C VAL U 95 3.85 -43.53 47.68
N GLY U 96 3.68 -42.87 48.83
CA GLY U 96 2.76 -43.39 49.83
C GLY U 96 1.32 -43.43 49.35
N LYS U 97 0.86 -42.34 48.72
CA LYS U 97 -0.52 -42.30 48.26
C LYS U 97 -0.75 -43.24 47.09
N LEU U 98 0.23 -43.35 46.18
CA LEU U 98 0.11 -44.32 45.09
C LEU U 98 0.07 -45.74 45.63
N ALA U 99 0.91 -46.04 46.64
CA ALA U 99 0.90 -47.37 47.23
C ALA U 99 -0.44 -47.66 47.90
N GLN U 100 -1.00 -46.69 48.62
CA GLN U 100 -2.30 -46.90 49.24
C GLN U 100 -3.38 -47.13 48.19
N ALA U 101 -3.37 -46.33 47.12
CA ALA U 101 -4.37 -46.48 46.07
C ALA U 101 -4.26 -47.83 45.38
N LEU U 102 -3.03 -48.29 45.13
CA LEU U 102 -2.85 -49.61 44.53
C LEU U 102 -3.25 -50.72 45.48
N HIS U 103 -3.01 -50.54 46.78
CA HIS U 103 -3.42 -51.55 47.74
C HIS U 103 -4.93 -51.69 47.80
N GLN U 104 -5.66 -50.56 47.80
CA GLN U 104 -7.11 -50.64 47.77
C GLN U 104 -7.62 -51.21 46.43
N CYS U 105 -6.95 -50.86 45.33
CA CYS U 105 -7.27 -51.40 44.02
C CYS U 105 -6.92 -52.87 43.88
N CYS U 106 -6.18 -53.44 44.83
CA CYS U 106 -5.66 -54.80 44.83
C CYS U 106 -4.57 -55.03 43.79
N ARG U 107 -4.12 -53.97 43.11
CA ARG U 107 -2.98 -54.08 42.19
C ARG U 107 -1.67 -53.71 42.87
N ILE U 108 -1.40 -54.32 44.02
CA ILE U 108 -0.15 -54.00 44.72
C ILE U 108 1.06 -54.64 44.09
N ASP U 109 0.86 -55.56 43.14
CA ASP U 109 2.00 -56.19 42.48
C ASP U 109 2.85 -55.16 41.76
N LEU U 110 2.21 -54.18 41.12
CA LEU U 110 2.91 -53.18 40.33
C LEU U 110 3.99 -52.49 41.15
N LEU U 111 3.56 -51.74 42.16
CA LEU U 111 4.50 -50.96 42.93
C LEU U 111 5.36 -51.84 43.82
N ASN U 112 4.79 -52.92 44.35
CA ASN U 112 5.55 -53.82 45.20
C ASN U 112 6.74 -54.42 44.46
N HIS U 113 6.53 -54.88 43.22
CA HIS U 113 7.63 -55.38 42.43
C HIS U 113 8.59 -54.26 42.04
N LEU U 114 8.05 -53.16 41.51
CA LEU U 114 8.92 -52.11 40.97
C LEU U 114 9.86 -51.55 42.03
N ILE U 115 9.33 -51.16 43.18
CA ILE U 115 10.14 -50.43 44.15
C ILE U 115 10.99 -51.39 44.98
N ARG U 116 10.36 -52.43 45.54
CA ARG U 116 11.09 -53.31 46.44
C ARG U 116 12.00 -54.29 45.70
N ALA U 117 11.59 -54.80 44.54
CA ALA U 117 12.42 -55.76 43.82
C ALA U 117 13.63 -55.09 43.20
N SER U 118 13.45 -53.88 42.68
CA SER U 118 14.55 -53.16 42.04
C SER U 118 15.26 -52.23 43.04
N THR V 32 -25.19 21.83 0.73
CA THR V 32 -24.64 22.73 1.74
C THR V 32 -23.53 22.07 2.54
N ASP V 33 -22.81 22.87 3.31
CA ASP V 33 -21.70 22.33 4.11
C ASP V 33 -22.20 21.39 5.20
N GLU V 34 -23.32 21.74 5.83
CA GLU V 34 -23.86 20.88 6.89
C GLU V 34 -24.48 19.61 6.31
N HIS V 35 -24.95 19.65 5.07
CA HIS V 35 -25.53 18.47 4.45
C HIS V 35 -24.48 17.52 3.91
N LEU V 36 -23.21 17.91 3.92
CA LEU V 36 -22.16 17.10 3.32
C LEU V 36 -21.00 16.82 4.26
N ASN V 37 -20.88 17.54 5.37
CA ASN V 37 -19.78 17.28 6.29
C ASN V 37 -19.83 15.88 6.88
N PRO V 38 -20.97 15.37 7.38
CA PRO V 38 -20.96 13.99 7.89
C PRO V 38 -20.60 12.96 6.83
N ILE V 39 -20.99 13.16 5.58
CA ILE V 39 -20.63 12.22 4.52
C ILE V 39 -19.13 12.26 4.27
N ARG V 40 -18.54 13.45 4.26
CA ARG V 40 -17.10 13.57 4.07
C ARG V 40 -16.34 12.94 5.24
N GLU V 41 -16.82 13.14 6.46
CA GLU V 41 -16.09 12.71 7.63
C GLU V 41 -16.25 11.22 7.92
N ASN V 42 -17.39 10.62 7.57
CA ASN V 42 -17.69 9.27 8.00
C ASN V 42 -17.90 8.29 6.86
N LEU V 43 -17.37 8.57 5.67
CA LEU V 43 -17.60 7.63 4.58
C LEU V 43 -16.54 6.53 4.59
N GLY V 44 -15.27 6.90 4.52
CA GLY V 44 -14.20 5.96 4.79
C GLY V 44 -13.77 5.07 3.65
N ARG V 45 -13.54 3.80 3.98
CA ARG V 45 -12.86 2.86 3.07
C ARG V 45 -13.71 2.50 1.85
N GLN V 46 -15.02 2.75 1.89
CA GLN V 46 -15.91 2.40 0.79
C GLN V 46 -16.06 3.52 -0.23
N TRP V 47 -15.06 4.40 -0.35
CA TRP V 47 -15.19 5.54 -1.24
C TRP V 47 -15.19 5.13 -2.70
N LYS V 48 -14.47 4.07 -3.06
CA LYS V 48 -14.50 3.61 -4.45
C LYS V 48 -15.87 3.10 -4.83
N ASN V 49 -16.51 2.31 -3.95
CA ASN V 49 -17.86 1.83 -4.22
C ASN V 49 -18.84 2.98 -4.30
N CYS V 50 -18.74 3.95 -3.39
CA CYS V 50 -19.64 5.09 -3.43
C CYS V 50 -19.44 5.90 -4.71
N ALA V 51 -18.19 6.07 -5.14
CA ALA V 51 -17.90 6.78 -6.38
C ALA V 51 -18.49 6.06 -7.57
N ARG V 52 -18.38 4.73 -7.60
CA ARG V 52 -18.95 3.96 -8.70
C ARG V 52 -20.46 4.11 -8.72
N LYS V 53 -21.10 4.12 -7.55
CA LYS V 53 -22.55 4.33 -7.51
C LYS V 53 -22.94 5.76 -7.84
N LEU V 54 -21.99 6.70 -7.75
CA LEU V 54 -22.25 8.11 -8.03
C LEU V 54 -21.98 8.47 -9.49
N GLY V 55 -21.60 7.52 -10.32
CA GLY V 55 -21.38 7.77 -11.73
C GLY V 55 -19.96 8.03 -12.14
N PHE V 56 -18.99 7.81 -11.27
CA PHE V 56 -17.59 8.01 -11.62
C PHE V 56 -17.11 6.86 -12.49
N THR V 57 -16.42 7.20 -13.58
CA THR V 57 -15.79 6.17 -14.38
C THR V 57 -14.55 5.64 -13.66
N GLU V 58 -14.04 4.51 -14.13
CA GLU V 58 -12.87 3.92 -13.48
C GLU V 58 -11.65 4.82 -13.59
N SER V 59 -11.52 5.54 -14.70
CA SER V 59 -10.40 6.45 -14.85
C SER V 59 -10.46 7.58 -13.83
N GLN V 60 -11.66 8.10 -13.56
CA GLN V 60 -11.79 9.18 -12.57
C GLN V 60 -11.44 8.68 -11.18
N ILE V 61 -11.83 7.46 -10.83
CA ILE V 61 -11.44 6.88 -9.56
C ILE V 61 -9.94 6.69 -9.50
N ASP V 62 -9.33 6.29 -10.61
CA ASP V 62 -7.88 6.17 -10.67
C ASP V 62 -7.20 7.51 -10.44
N GLU V 63 -7.73 8.58 -11.04
CA GLU V 63 -7.16 9.91 -10.84
C GLU V 63 -7.29 10.36 -9.40
N ILE V 64 -8.44 10.12 -8.77
CA ILE V 64 -8.58 10.49 -7.37
C ILE V 64 -7.63 9.69 -6.49
N ASP V 65 -7.48 8.40 -6.78
CA ASP V 65 -6.61 7.54 -6.00
C ASP V 65 -5.14 7.93 -6.17
N HIS V 66 -4.77 8.40 -7.36
CA HIS V 66 -3.38 8.68 -7.67
C HIS V 66 -2.97 10.09 -7.21
N ASP V 67 -3.79 11.09 -7.51
CA ASP V 67 -3.43 12.47 -7.23
C ASP V 67 -3.30 12.72 -5.72
N TYR V 68 -4.23 12.19 -4.93
CA TYR V 68 -4.29 12.48 -3.50
C TYR V 68 -3.80 11.32 -2.66
N GLU V 69 -2.88 10.52 -3.19
CA GLU V 69 -2.25 9.48 -2.39
C GLU V 69 -1.36 10.10 -1.31
N ARG V 70 -0.77 11.26 -1.61
CA ARG V 70 0.13 11.91 -0.67
C ARG V 70 -0.60 12.58 0.50
N ASP V 71 -1.92 12.76 0.40
CA ASP V 71 -2.67 13.43 1.45
C ASP V 71 -3.50 12.47 2.29
N GLY V 72 -3.87 11.32 1.77
CA GLY V 72 -4.49 10.28 2.57
C GLY V 72 -5.87 9.94 2.08
N LEU V 73 -6.58 9.14 2.91
CA LEU V 73 -7.91 8.69 2.56
C LEU V 73 -8.94 9.79 2.74
N LYS V 74 -8.76 10.64 3.75
CA LYS V 74 -9.69 11.72 3.98
C LYS V 74 -9.74 12.67 2.79
N GLU V 75 -8.57 12.97 2.22
CA GLU V 75 -8.52 13.81 1.04
C GLU V 75 -9.17 13.14 -0.15
N LYS V 76 -8.98 11.83 -0.31
CA LYS V 76 -9.61 11.12 -1.41
C LYS V 76 -11.12 11.18 -1.31
N VAL V 77 -11.67 10.97 -0.11
CA VAL V 77 -13.12 11.03 0.08
C VAL V 77 -13.63 12.45 -0.17
N TYR V 78 -12.92 13.45 0.37
CA TYR V 78 -13.35 14.83 0.18
C TYR V 78 -13.36 15.19 -1.30
N GLN V 79 -12.31 14.79 -2.03
CA GLN V 79 -12.23 15.14 -3.44
C GLN V 79 -13.24 14.36 -4.27
N MET V 80 -13.57 13.13 -3.87
CA MET V 80 -14.63 12.40 -4.56
C MET V 80 -15.96 13.14 -4.44
N LEU V 81 -16.32 13.54 -3.22
CA LEU V 81 -17.57 14.29 -3.05
C LEU V 81 -17.51 15.62 -3.79
N GLN V 82 -16.38 16.31 -3.71
CA GLN V 82 -16.25 17.62 -4.36
C GLN V 82 -16.38 17.50 -5.87
N LYS V 83 -15.75 16.49 -6.46
CA LYS V 83 -15.82 16.32 -7.91
C LYS V 83 -17.22 15.88 -8.33
N TRP V 84 -17.92 15.13 -7.50
CA TRP V 84 -19.33 14.86 -7.79
C TRP V 84 -20.13 16.15 -7.81
N LEU V 85 -19.88 17.04 -6.85
CA LEU V 85 -20.59 18.32 -6.83
C LEU V 85 -20.29 19.15 -8.07
N MET V 86 -19.01 19.23 -8.46
CA MET V 86 -18.66 19.99 -9.66
C MET V 86 -19.31 19.38 -10.89
N ARG V 87 -19.29 18.06 -11.01
CA ARG V 87 -19.88 17.41 -12.18
C ARG V 87 -21.38 17.66 -12.26
N GLU V 88 -22.07 17.59 -11.13
CA GLU V 88 -23.53 17.69 -11.14
C GLU V 88 -24.04 19.13 -11.05
N GLY V 89 -23.20 20.09 -10.72
CA GLY V 89 -23.72 21.44 -10.61
C GLY V 89 -24.68 21.55 -9.43
N THR V 90 -25.59 22.52 -9.54
CA THR V 90 -26.64 22.64 -8.55
C THR V 90 -27.91 21.91 -8.96
N LYS V 91 -28.06 21.62 -10.26
CA LYS V 91 -29.23 20.90 -10.73
C LYS V 91 -29.15 19.41 -10.42
N GLY V 92 -27.95 18.84 -10.38
CA GLY V 92 -27.80 17.42 -10.15
C GLY V 92 -27.41 17.07 -8.73
N ALA V 93 -26.73 17.98 -8.03
CA ALA V 93 -26.33 17.74 -6.65
C ALA V 93 -27.56 17.88 -5.75
N THR V 94 -28.49 16.94 -5.93
CA THR V 94 -29.73 16.92 -5.16
C THR V 94 -29.63 15.86 -4.07
N VAL V 95 -30.47 16.03 -3.04
CA VAL V 95 -30.51 15.05 -1.96
C VAL V 95 -31.02 13.71 -2.46
N GLY V 96 -31.94 13.70 -3.43
CA GLY V 96 -32.51 12.45 -3.90
C GLY V 96 -31.47 11.56 -4.56
N LYS V 97 -30.65 12.12 -5.43
CA LYS V 97 -29.65 11.32 -6.12
C LYS V 97 -28.56 10.84 -5.17
N LEU V 98 -28.14 11.69 -4.23
CA LEU V 98 -27.18 11.26 -3.23
C LEU V 98 -27.74 10.15 -2.36
N ALA V 99 -29.02 10.26 -1.98
CA ALA V 99 -29.66 9.22 -1.18
C ALA V 99 -29.72 7.91 -1.95
N GLN V 100 -30.08 7.97 -3.24
CA GLN V 100 -30.11 6.75 -4.05
C GLN V 100 -28.73 6.13 -4.17
N ALA V 101 -27.71 6.95 -4.41
CA ALA V 101 -26.35 6.45 -4.55
C ALA V 101 -25.86 5.81 -3.26
N LEU V 102 -26.17 6.43 -2.11
CA LEU V 102 -25.79 5.84 -0.83
C LEU V 102 -26.57 4.56 -0.55
N HIS V 103 -27.83 4.51 -0.96
CA HIS V 103 -28.61 3.29 -0.75
C HIS V 103 -28.03 2.12 -1.55
N GLN V 104 -27.67 2.37 -2.81
CA GLN V 104 -27.03 1.30 -3.59
C GLN V 104 -25.66 0.94 -3.04
N CYS V 105 -24.91 1.94 -2.55
CA CYS V 105 -23.62 1.70 -1.92
C CYS V 105 -23.73 1.01 -0.57
N CYS V 106 -24.94 0.91 -0.02
CA CYS V 106 -25.24 0.35 1.30
C CYS V 106 -24.78 1.25 2.44
N ARG V 107 -24.28 2.44 2.14
CA ARG V 107 -23.91 3.41 3.18
C ARG V 107 -25.05 4.39 3.45
N ILE V 108 -26.26 3.88 3.69
CA ILE V 108 -27.39 4.76 3.95
C ILE V 108 -27.35 5.36 5.34
N ASP V 109 -26.47 4.86 6.22
CA ASP V 109 -26.39 5.41 7.57
C ASP V 109 -26.01 6.88 7.53
N LEU V 110 -25.10 7.26 6.63
CA LEU V 110 -24.61 8.63 6.54
C LEU V 110 -25.75 9.61 6.40
N LEU V 111 -26.44 9.54 5.26
CA LEU V 111 -27.49 10.51 4.98
C LEU V 111 -28.71 10.29 5.85
N ASN V 112 -29.03 9.02 6.15
CA ASN V 112 -30.17 8.73 7.00
C ASN V 112 -30.03 9.37 8.37
N HIS V 113 -28.85 9.25 8.98
CA HIS V 113 -28.62 9.90 10.26
C HIS V 113 -28.59 11.41 10.11
N LEU V 114 -27.81 11.92 9.15
CA LEU V 114 -27.61 13.36 9.04
C LEU V 114 -28.93 14.10 8.84
N ILE V 115 -29.73 13.68 7.87
CA ILE V 115 -30.89 14.47 7.49
C ILE V 115 -32.06 14.20 8.43
N ARG V 116 -32.38 12.92 8.65
CA ARG V 116 -33.56 12.61 9.45
C ARG V 116 -33.32 12.78 10.94
N ALA V 117 -32.13 12.47 11.47
CA ALA V 117 -31.89 12.60 12.89
C ALA V 117 -31.79 14.07 13.30
N SER V 118 -31.16 14.89 12.46
CA SER V 118 -31.00 16.31 12.77
C SER V 118 -32.13 17.14 12.17
N THR W 32 -2.62 60.01 2.34
CA THR W 32 -1.40 60.53 2.95
C THR W 32 -0.28 59.51 2.88
N ASP W 33 0.95 59.96 3.18
CA ASP W 33 2.10 59.06 3.13
C ASP W 33 2.01 57.99 4.21
N GLU W 34 1.55 58.35 5.40
CA GLU W 34 1.43 57.37 6.48
C GLU W 34 0.29 56.40 6.24
N HIS W 35 -0.74 56.83 5.50
CA HIS W 35 -1.87 55.96 5.21
C HIS W 35 -1.58 55.00 4.07
N LEU W 36 -0.45 55.15 3.38
CA LEU W 36 -0.15 54.35 2.21
C LEU W 36 1.20 53.64 2.27
N ASN W 37 2.08 54.05 3.17
CA ASN W 37 3.38 53.39 3.28
C ASN W 37 3.26 51.91 3.64
N PRO W 38 2.47 51.49 4.64
CA PRO W 38 2.35 50.05 4.89
C PRO W 38 1.81 49.26 3.72
N ILE W 39 0.88 49.83 2.95
CA ILE W 39 0.35 49.13 1.79
C ILE W 39 1.43 48.97 0.73
N ARG W 40 2.23 50.02 0.51
CA ARG W 40 3.32 49.92 -0.46
C ARG W 40 4.36 48.90 -0.02
N GLU W 41 4.67 48.88 1.28
CA GLU W 41 5.77 48.06 1.76
C GLU W 41 5.37 46.59 1.93
N ASN W 42 4.11 46.31 2.24
CA ASN W 42 3.71 44.96 2.62
C ASN W 42 2.67 44.35 1.70
N LEU W 43 2.54 44.81 0.47
CA LEU W 43 1.52 44.22 -0.38
C LEU W 43 2.07 42.98 -1.10
N GLY W 44 3.15 43.13 -1.85
CA GLY W 44 3.89 41.99 -2.35
C GLY W 44 3.37 41.34 -3.61
N ARG W 45 3.38 40.01 -3.62
CA ARG W 45 3.18 39.23 -4.83
C ARG W 45 1.76 39.33 -5.38
N GLN W 46 0.80 39.79 -4.58
CA GLN W 46 -0.60 39.88 -4.98
C GLN W 46 -0.94 41.22 -5.62
N TRP W 47 0.04 41.90 -6.20
CA TRP W 47 -0.21 43.24 -6.71
C TRP W 47 -1.11 43.20 -7.95
N LYS W 48 -1.02 42.16 -8.76
CA LYS W 48 -1.91 42.06 -9.92
C LYS W 48 -3.36 41.90 -9.49
N ASN W 49 -3.61 41.04 -8.50
CA ASN W 49 -4.97 40.88 -8.00
C ASN W 49 -5.48 42.17 -7.38
N CYS W 50 -4.64 42.85 -6.59
CA CYS W 50 -5.07 44.12 -5.99
C CYS W 50 -5.36 45.16 -7.05
N ALA W 51 -4.54 45.21 -8.10
CA ALA W 51 -4.75 46.15 -9.20
C ALA W 51 -6.06 45.85 -9.92
N ARG W 52 -6.36 44.57 -10.14
CA ARG W 52 -7.62 44.21 -10.78
C ARG W 52 -8.81 44.62 -9.92
N LYS W 53 -8.70 44.45 -8.60
CA LYS W 53 -9.77 44.88 -7.72
C LYS W 53 -9.85 46.40 -7.60
N LEU W 54 -8.79 47.11 -7.97
CA LEU W 54 -8.75 48.56 -7.91
C LEU W 54 -9.20 49.23 -9.20
N GLY W 55 -9.61 48.46 -10.21
CA GLY W 55 -10.10 49.01 -11.45
C GLY W 55 -9.11 49.11 -12.58
N PHE W 56 -7.93 48.52 -12.44
CA PHE W 56 -6.95 48.56 -13.51
C PHE W 56 -7.34 47.59 -14.62
N THR W 57 -7.27 48.06 -15.86
CA THR W 57 -7.48 47.16 -16.99
C THR W 57 -6.25 46.28 -17.15
N GLU W 58 -6.41 45.22 -17.96
CA GLU W 58 -5.30 44.29 -18.16
C GLU W 58 -4.13 44.97 -18.85
N SER W 59 -4.41 45.91 -19.75
CA SER W 59 -3.33 46.63 -20.43
C SER W 59 -2.53 47.46 -19.44
N GLN W 60 -3.19 48.10 -18.48
CA GLN W 60 -2.48 48.91 -17.49
C GLN W 60 -1.59 48.04 -16.61
N ILE W 61 -2.07 46.86 -16.23
CA ILE W 61 -1.24 45.92 -15.49
C ILE W 61 -0.06 45.46 -16.31
N ASP W 62 -0.28 45.25 -17.62
CA ASP W 62 0.83 44.90 -18.51
C ASP W 62 1.86 46.01 -18.57
N GLU W 63 1.41 47.26 -18.63
CA GLU W 63 2.36 48.39 -18.66
C GLU W 63 3.14 48.49 -17.37
N ILE W 64 2.48 48.29 -16.22
CA ILE W 64 3.22 48.34 -14.96
C ILE W 64 4.22 47.19 -14.88
N ASP W 65 3.82 46.00 -15.34
CA ASP W 65 4.70 44.84 -15.30
C ASP W 65 5.88 45.01 -16.24
N HIS W 66 5.69 45.69 -17.36
CA HIS W 66 6.72 45.79 -18.38
C HIS W 66 7.68 46.94 -18.09
N ASP W 67 7.14 48.12 -17.76
CA ASP W 67 7.97 49.31 -17.59
C ASP W 67 8.94 49.15 -16.43
N TYR W 68 8.47 48.62 -15.30
CA TYR W 68 9.26 48.56 -14.08
C TYR W 68 9.78 47.15 -13.79
N GLU W 69 10.00 46.37 -14.83
CA GLU W 69 10.64 45.06 -14.67
C GLU W 69 12.10 45.24 -14.23
N ARG W 70 12.74 46.31 -14.68
CA ARG W 70 14.14 46.56 -14.37
C ARG W 70 14.36 47.02 -12.93
N ASP W 71 13.31 47.46 -12.24
CA ASP W 71 13.44 47.96 -10.88
C ASP W 71 12.96 46.99 -9.82
N GLY W 72 12.05 46.07 -10.16
CA GLY W 72 11.70 44.99 -9.27
C GLY W 72 10.23 45.02 -8.90
N LEU W 73 9.88 44.18 -7.92
CA LEU W 73 8.50 44.06 -7.48
C LEU W 73 8.08 45.24 -6.61
N LYS W 74 9.00 45.78 -5.81
CA LYS W 74 8.68 46.92 -4.97
C LYS W 74 8.28 48.11 -5.82
N GLU W 75 9.00 48.35 -6.91
CA GLU W 75 8.65 49.43 -7.81
C GLU W 75 7.30 49.19 -8.48
N LYS W 76 7.01 47.95 -8.86
CA LYS W 76 5.72 47.66 -9.47
C LYS W 76 4.58 47.94 -8.51
N VAL W 77 4.72 47.54 -7.25
CA VAL W 77 3.67 47.81 -6.26
C VAL W 77 3.53 49.30 -6.01
N TYR W 78 4.66 50.00 -5.87
CA TYR W 78 4.61 51.44 -5.65
C TYR W 78 3.93 52.14 -6.79
N GLN W 79 4.25 51.77 -8.04
CA GLN W 79 3.67 52.43 -9.18
C GLN W 79 2.22 52.06 -9.36
N MET W 80 1.82 50.85 -8.98
CA MET W 80 0.40 50.51 -9.01
C MET W 80 -0.40 51.40 -8.07
N LEU W 81 0.06 51.55 -6.83
CA LEU W 81 -0.63 52.43 -5.90
C LEU W 81 -0.61 53.88 -6.39
N GLN W 82 0.54 54.33 -6.90
CA GLN W 82 0.65 55.71 -7.36
C GLN W 82 -0.28 55.98 -8.53
N LYS W 83 -0.36 55.07 -9.49
CA LYS W 83 -1.24 55.27 -10.63
C LYS W 83 -2.70 55.20 -10.22
N TRP W 84 -3.03 54.38 -9.22
CA TRP W 84 -4.38 54.44 -8.68
C TRP W 84 -4.67 55.82 -8.10
N LEU W 85 -3.72 56.40 -7.37
CA LEU W 85 -3.93 57.73 -6.81
C LEU W 85 -4.11 58.77 -7.90
N MET W 86 -3.27 58.73 -8.94
CA MET W 86 -3.41 59.68 -10.03
C MET W 86 -4.75 59.52 -10.73
N ARG W 87 -5.17 58.28 -10.98
CA ARG W 87 -6.44 58.05 -11.66
C ARG W 87 -7.62 58.56 -10.84
N GLU W 88 -7.60 58.34 -9.53
CA GLU W 88 -8.73 58.70 -8.69
C GLU W 88 -8.70 60.12 -8.17
N GLY W 89 -7.58 60.82 -8.29
CA GLY W 89 -7.56 62.17 -7.75
C GLY W 89 -7.67 62.15 -6.24
N THR W 90 -8.19 63.25 -5.70
CA THR W 90 -8.47 63.31 -4.27
C THR W 90 -9.91 62.93 -3.97
N LYS W 91 -10.80 63.00 -4.97
CA LYS W 91 -12.19 62.62 -4.75
C LYS W 91 -12.38 61.12 -4.70
N GLY W 92 -11.55 60.36 -5.41
CA GLY W 92 -11.71 58.92 -5.46
C GLY W 92 -10.75 58.18 -4.56
N ALA W 93 -9.57 58.75 -4.31
CA ALA W 93 -8.59 58.11 -3.42
C ALA W 93 -9.07 58.24 -1.97
N THR W 94 -10.16 57.55 -1.68
CA THR W 94 -10.75 57.54 -0.36
C THR W 94 -10.39 56.26 0.36
N VAL W 95 -10.48 56.30 1.69
CA VAL W 95 -10.21 55.12 2.50
C VAL W 95 -11.26 54.04 2.24
N GLY W 96 -12.51 54.45 1.99
CA GLY W 96 -13.56 53.45 1.79
C GLY W 96 -13.33 52.58 0.58
N LYS W 97 -12.98 53.20 -0.55
CA LYS W 97 -12.76 52.43 -1.78
C LYS W 97 -11.52 51.55 -1.68
N LEU W 98 -10.46 52.06 -1.06
CA LEU W 98 -9.27 51.24 -0.85
C LEU W 98 -9.57 50.07 0.07
N ALA W 99 -10.36 50.30 1.12
CA ALA W 99 -10.74 49.21 2.01
C ALA W 99 -11.57 48.16 1.29
N GLN W 100 -12.51 48.60 0.46
CA GLN W 100 -13.32 47.65 -0.31
C GLN W 100 -12.44 46.84 -1.26
N ALA W 101 -11.52 47.51 -1.96
CA ALA W 101 -10.65 46.83 -2.90
C ALA W 101 -9.76 45.82 -2.20
N LEU W 102 -9.23 46.18 -1.03
CA LEU W 102 -8.41 45.24 -0.28
C LEU W 102 -9.24 44.09 0.27
N HIS W 103 -10.48 44.34 0.65
CA HIS W 103 -11.33 43.27 1.13
C HIS W 103 -11.62 42.26 0.03
N GLN W 104 -11.93 42.73 -1.18
CA GLN W 104 -12.13 41.81 -2.28
C GLN W 104 -10.83 41.09 -2.65
N CYS W 105 -9.71 41.79 -2.58
CA CYS W 105 -8.40 41.19 -2.84
C CYS W 105 -7.97 40.22 -1.75
N CYS W 106 -8.68 40.19 -0.62
CA CYS W 106 -8.38 39.39 0.57
C CYS W 106 -7.15 39.88 1.32
N ARG W 107 -6.58 41.01 0.92
CA ARG W 107 -5.46 41.62 1.65
C ARG W 107 -5.95 42.68 2.63
N ILE W 108 -6.94 42.33 3.46
CA ILE W 108 -7.46 43.32 4.42
C ILE W 108 -6.52 43.54 5.59
N ASP W 109 -5.49 42.70 5.74
CA ASP W 109 -4.56 42.88 6.85
C ASP W 109 -3.86 44.23 6.76
N LEU W 110 -3.50 44.65 5.54
CA LEU W 110 -2.77 45.89 5.33
C LEU W 110 -3.49 47.06 5.98
N LEU W 111 -4.67 47.39 5.44
CA LEU W 111 -5.38 48.57 5.91
C LEU W 111 -5.95 48.34 7.30
N ASN W 112 -6.41 47.13 7.60
CA ASN W 112 -6.96 46.83 8.91
C ASN W 112 -5.94 47.08 10.01
N HIS W 113 -4.70 46.61 9.82
CA HIS W 113 -3.67 46.88 10.79
C HIS W 113 -3.30 48.36 10.81
N LEU W 114 -3.04 48.94 9.64
CA LEU W 114 -2.53 50.31 9.59
C LEU W 114 -3.48 51.29 10.26
N ILE W 115 -4.76 51.26 9.88
CA ILE W 115 -5.67 52.31 10.32
C ILE W 115 -6.19 52.02 11.73
N ARG W 116 -6.69 50.81 11.96
CA ARG W 116 -7.28 50.51 13.25
C ARG W 116 -6.26 50.27 14.35
N ALA W 117 -5.13 49.64 14.05
CA ALA W 117 -4.13 49.38 15.09
C ALA W 117 -3.42 50.65 15.51
N SER W 118 -3.13 51.54 14.56
CA SER W 118 -2.44 52.79 14.87
C SER W 118 -3.42 53.92 15.12
#